data_9EZ8
# 
_entry.id   9EZ8 
# 
_audit_conform.dict_name       mmcif_pdbx.dic 
_audit_conform.dict_version    5.392 
_audit_conform.dict_location   http://mmcif.pdb.org/dictionaries/ascii/mmcif_pdbx.dic 
# 
loop_
_database_2.database_id 
_database_2.database_code 
_database_2.pdbx_database_accession 
_database_2.pdbx_DOI 
PDB   9EZ8         pdb_00009ez8 10.2210/pdb9ez8/pdb 
WWPDB D_1292137284 ?            ?                   
EMDB  EMD-50071    ?            ?                   
# 
_pdbx_audit_revision_history.ordinal             1 
_pdbx_audit_revision_history.data_content_type   'Structure model' 
_pdbx_audit_revision_history.major_revision      1 
_pdbx_audit_revision_history.minor_revision      0 
_pdbx_audit_revision_history.revision_date       2024-05-22 
# 
_pdbx_audit_revision_details.ordinal             1 
_pdbx_audit_revision_details.revision_ordinal    1 
_pdbx_audit_revision_details.data_content_type   'Structure model' 
_pdbx_audit_revision_details.provider            repository 
_pdbx_audit_revision_details.type                'Initial release' 
_pdbx_audit_revision_details.description         ? 
_pdbx_audit_revision_details.details             ? 
# 
_pdbx_database_status.status_code                     REL 
_pdbx_database_status.status_code_sf                  ? 
_pdbx_database_status.status_code_mr                  ? 
_pdbx_database_status.entry_id                        9EZ8 
_pdbx_database_status.recvd_initial_deposition_date   2024-04-11 
_pdbx_database_status.SG_entry                        N 
_pdbx_database_status.deposit_site                    PDBE 
_pdbx_database_status.process_site                    PDBE 
_pdbx_database_status.status_code_cs                  ? 
_pdbx_database_status.status_code_nmr_data            ? 
_pdbx_database_status.methods_development_category    ? 
_pdbx_database_status.pdb_format_compatible           Y 
# 
_pdbx_database_related.db_name        EMDB 
_pdbx_database_related.details        'Cryo-EM structure of the icosahedral lumazine synthase from Vicia faba.' 
_pdbx_database_related.db_id          EMD-50071 
_pdbx_database_related.content_type   'associated EM volume' 
# 
loop_
_pdbx_contact_author.id 
_pdbx_contact_author.email 
_pdbx_contact_author.name_first 
_pdbx_contact_author.name_last 
_pdbx_contact_author.name_mi 
_pdbx_contact_author.role 
_pdbx_contact_author.identifier_ORCID 
2 stephane.blanc@inrae.fr Stephane Blanc ? 'principal investigator/group leader' 0000-0002-3412-0989 
3 bron@cbs.cnrs.fr        Patrick  Bron  ? 'principal investigator/group leader' 0000-0002-3354-9513 
# 
loop_
_audit_author.name 
_audit_author.pdbx_ordinal 
_audit_author.identifier_ORCID 
'Chee, M.'        1 0009-0002-8527-7721 
'Trapani, S.'     2 0000-0002-2929-6306 
'Hoh, F.'         3 0000-0002-2905-7081 
'Lai Kee Him, J.' 4 0000-0001-6303-1224 
'Yvon, M.'        5 0009-0002-5129-9359 
'Blanc, S.'       6 0000-0002-3412-0989 
'Bron, P.'        7 0000-0002-3354-9513 
# 
_citation.abstract                  ? 
_citation.abstract_id_CAS           ? 
_citation.book_id_ISBN              ? 
_citation.book_publisher            ? 
_citation.book_publisher_city       ? 
_citation.book_title                ? 
_citation.coordinate_linkage        ? 
_citation.country                   ? 
_citation.database_id_Medline       ? 
_citation.details                   ? 
_citation.id                        primary 
_citation.journal_abbrev            'To Be Published' 
_citation.journal_id_ASTM           ? 
_citation.journal_id_CSD            0353 
_citation.journal_id_ISSN           ? 
_citation.journal_full              ? 
_citation.journal_issue             ? 
_citation.journal_volume            ? 
_citation.language                  ? 
_citation.page_first                ? 
_citation.page_last                 ? 
_citation.title                     'Cryo-EM structure of the icosahedral lumazine synthase from Vicia faba.' 
_citation.year                      ? 
_citation.database_id_CSD           ? 
_citation.pdbx_database_id_DOI      ? 
_citation.pdbx_database_id_PubMed   ? 
_citation.pdbx_database_id_patent   ? 
_citation.unpublished_flag          ? 
# 
loop_
_citation_author.citation_id 
_citation_author.name 
_citation_author.ordinal 
_citation_author.identifier_ORCID 
primary 'Chee, M.'        1 ?                   
primary 'Trapani, S.'     2 0000-0002-2929-6306 
primary 'Hoh, F.'         3 0000-0002-2905-7081 
primary 'Lai Kee Him, J.' 4 0000-0001-6303-1224 
primary 'Yvon, M.'        5 0009-0002-5129-9359 
primary 'Blanc, S.'       6 0000-0002-3412-0989 
primary 'Bron, P.'        7 0000-0002-3354-9513 
# 
_entity.id                         1 
_entity.type                       polymer 
_entity.src_method                 nat 
_entity.pdbx_description           '6,7-dimethyl-8-ribityllumazine synthase' 
_entity.formula_weight             16505.764 
_entity.pdbx_number_of_molecules   1 
_entity.pdbx_ec                    2.5.1.78 
_entity.pdbx_mutation              ? 
_entity.pdbx_fragment              ? 
_entity.details                    ? 
# 
_entity_name_com.entity_id   1 
_entity_name_com.name        'DMRL synthase' 
# 
_entity_poly.entity_id                      1 
_entity_poly.type                           'polypeptide(L)' 
_entity_poly.nstd_linkage                   no 
_entity_poly.nstd_monomer                   no 
_entity_poly.pdbx_seq_one_letter_code       
;AVRHLTGSVTRTQGLRFAVVVARFNEIITRPLLEGALGTFKNYSVQDEDIDVVWVPGCFEIGAVATRLGKSGKYHAIICI
GAVIRGDTTHYDAVANSAASGVLSAGLNSGVPCIFGVLTCEDMDQAINRAGGKSGNKGAEAALTAIEMASLFEHHLQ
;
_entity_poly.pdbx_seq_one_letter_code_can   
;AVRHLTGSVTRTQGLRFAVVVARFNEIITRPLLEGALGTFKNYSVQDEDIDVVWVPGCFEIGAVATRLGKSGKYHAIICI
GAVIRGDTTHYDAVANSAASGVLSAGLNSGVPCIFGVLTCEDMDQAINRAGGKSGNKGAEAALTAIEMASLFEHHLQ
;
_entity_poly.pdbx_strand_id                 A 
_entity_poly.pdbx_target_identifier         ? 
# 
loop_
_entity_poly_seq.entity_id 
_entity_poly_seq.num 
_entity_poly_seq.mon_id 
_entity_poly_seq.hetero 
1 1   ALA n 
1 2   VAL n 
1 3   ARG n 
1 4   HIS n 
1 5   LEU n 
1 6   THR n 
1 7   GLY n 
1 8   SER n 
1 9   VAL n 
1 10  THR n 
1 11  ARG n 
1 12  THR n 
1 13  GLN n 
1 14  GLY n 
1 15  LEU n 
1 16  ARG n 
1 17  PHE n 
1 18  ALA n 
1 19  VAL n 
1 20  VAL n 
1 21  VAL n 
1 22  ALA n 
1 23  ARG n 
1 24  PHE n 
1 25  ASN n 
1 26  GLU n 
1 27  ILE n 
1 28  ILE n 
1 29  THR n 
1 30  ARG n 
1 31  PRO n 
1 32  LEU n 
1 33  LEU n 
1 34  GLU n 
1 35  GLY n 
1 36  ALA n 
1 37  LEU n 
1 38  GLY n 
1 39  THR n 
1 40  PHE n 
1 41  LYS n 
1 42  ASN n 
1 43  TYR n 
1 44  SER n 
1 45  VAL n 
1 46  GLN n 
1 47  ASP n 
1 48  GLU n 
1 49  ASP n 
1 50  ILE n 
1 51  ASP n 
1 52  VAL n 
1 53  VAL n 
1 54  TRP n 
1 55  VAL n 
1 56  PRO n 
1 57  GLY n 
1 58  CYS n 
1 59  PHE n 
1 60  GLU n 
1 61  ILE n 
1 62  GLY n 
1 63  ALA n 
1 64  VAL n 
1 65  ALA n 
1 66  THR n 
1 67  ARG n 
1 68  LEU n 
1 69  GLY n 
1 70  LYS n 
1 71  SER n 
1 72  GLY n 
1 73  LYS n 
1 74  TYR n 
1 75  HIS n 
1 76  ALA n 
1 77  ILE n 
1 78  ILE n 
1 79  CYS n 
1 80  ILE n 
1 81  GLY n 
1 82  ALA n 
1 83  VAL n 
1 84  ILE n 
1 85  ARG n 
1 86  GLY n 
1 87  ASP n 
1 88  THR n 
1 89  THR n 
1 90  HIS n 
1 91  TYR n 
1 92  ASP n 
1 93  ALA n 
1 94  VAL n 
1 95  ALA n 
1 96  ASN n 
1 97  SER n 
1 98  ALA n 
1 99  ALA n 
1 100 SER n 
1 101 GLY n 
1 102 VAL n 
1 103 LEU n 
1 104 SER n 
1 105 ALA n 
1 106 GLY n 
1 107 LEU n 
1 108 ASN n 
1 109 SER n 
1 110 GLY n 
1 111 VAL n 
1 112 PRO n 
1 113 CYS n 
1 114 ILE n 
1 115 PHE n 
1 116 GLY n 
1 117 VAL n 
1 118 LEU n 
1 119 THR n 
1 120 CYS n 
1 121 GLU n 
1 122 ASP n 
1 123 MET n 
1 124 ASP n 
1 125 GLN n 
1 126 ALA n 
1 127 ILE n 
1 128 ASN n 
1 129 ARG n 
1 130 ALA n 
1 131 GLY n 
1 132 GLY n 
1 133 LYS n 
1 134 SER n 
1 135 GLY n 
1 136 ASN n 
1 137 LYS n 
1 138 GLY n 
1 139 ALA n 
1 140 GLU n 
1 141 ALA n 
1 142 ALA n 
1 143 LEU n 
1 144 THR n 
1 145 ALA n 
1 146 ILE n 
1 147 GLU n 
1 148 MET n 
1 149 ALA n 
1 150 SER n 
1 151 LEU n 
1 152 PHE n 
1 153 GLU n 
1 154 HIS n 
1 155 HIS n 
1 156 LEU n 
1 157 GLN n 
# 
_entity_src_nat.entity_id                  1 
_entity_src_nat.pdbx_src_id                1 
_entity_src_nat.pdbx_alt_source_flag       sample 
_entity_src_nat.pdbx_beg_seq_num           1 
_entity_src_nat.pdbx_end_seq_num           157 
_entity_src_nat.common_name                'fava bean' 
_entity_src_nat.pdbx_organism_scientific   'Vicia faba' 
_entity_src_nat.pdbx_ncbi_taxonomy_id      3906 
_entity_src_nat.genus                      ? 
_entity_src_nat.species                    ? 
_entity_src_nat.strain                     ? 
_entity_src_nat.tissue                     ? 
_entity_src_nat.tissue_fraction            ? 
_entity_src_nat.pdbx_secretion             ? 
_entity_src_nat.pdbx_fragment              ? 
_entity_src_nat.pdbx_variant               ? 
_entity_src_nat.pdbx_cell_line             ? 
_entity_src_nat.pdbx_atcc                  ? 
_entity_src_nat.pdbx_cellular_location     ? 
_entity_src_nat.pdbx_organ                 ? 
_entity_src_nat.pdbx_organelle             ? 
_entity_src_nat.pdbx_cell                  ? 
_entity_src_nat.pdbx_plasmid_name          ? 
_entity_src_nat.pdbx_plasmid_details       ? 
_entity_src_nat.details                    ? 
# 
loop_
_chem_comp.id 
_chem_comp.type 
_chem_comp.mon_nstd_flag 
_chem_comp.name 
_chem_comp.pdbx_synonyms 
_chem_comp.formula 
_chem_comp.formula_weight 
ALA 'L-peptide linking' y ALANINE         ? 'C3 H7 N O2'     89.093  
ARG 'L-peptide linking' y ARGININE        ? 'C6 H15 N4 O2 1' 175.209 
ASN 'L-peptide linking' y ASPARAGINE      ? 'C4 H8 N2 O3'    132.118 
ASP 'L-peptide linking' y 'ASPARTIC ACID' ? 'C4 H7 N O4'     133.103 
CYS 'L-peptide linking' y CYSTEINE        ? 'C3 H7 N O2 S'   121.158 
GLN 'L-peptide linking' y GLUTAMINE       ? 'C5 H10 N2 O3'   146.144 
GLU 'L-peptide linking' y 'GLUTAMIC ACID' ? 'C5 H9 N O4'     147.129 
GLY 'peptide linking'   y GLYCINE         ? 'C2 H5 N O2'     75.067  
HIS 'L-peptide linking' y HISTIDINE       ? 'C6 H10 N3 O2 1' 156.162 
ILE 'L-peptide linking' y ISOLEUCINE      ? 'C6 H13 N O2'    131.173 
LEU 'L-peptide linking' y LEUCINE         ? 'C6 H13 N O2'    131.173 
LYS 'L-peptide linking' y LYSINE          ? 'C6 H15 N2 O2 1' 147.195 
MET 'L-peptide linking' y METHIONINE      ? 'C5 H11 N O2 S'  149.211 
PHE 'L-peptide linking' y PHENYLALANINE   ? 'C9 H11 N O2'    165.189 
PRO 'L-peptide linking' y PROLINE         ? 'C5 H9 N O2'     115.130 
SER 'L-peptide linking' y SERINE          ? 'C3 H7 N O3'     105.093 
THR 'L-peptide linking' y THREONINE       ? 'C4 H9 N O3'     119.119 
TRP 'L-peptide linking' y TRYPTOPHAN      ? 'C11 H12 N2 O2'  204.225 
TYR 'L-peptide linking' y TYROSINE        ? 'C9 H11 N O3'    181.189 
VAL 'L-peptide linking' y VALINE          ? 'C5 H11 N O2'    117.146 
# 
loop_
_pdbx_poly_seq_scheme.asym_id 
_pdbx_poly_seq_scheme.entity_id 
_pdbx_poly_seq_scheme.seq_id 
_pdbx_poly_seq_scheme.mon_id 
_pdbx_poly_seq_scheme.ndb_seq_num 
_pdbx_poly_seq_scheme.pdb_seq_num 
_pdbx_poly_seq_scheme.auth_seq_num 
_pdbx_poly_seq_scheme.pdb_mon_id 
_pdbx_poly_seq_scheme.auth_mon_id 
_pdbx_poly_seq_scheme.pdb_strand_id 
_pdbx_poly_seq_scheme.pdb_ins_code 
_pdbx_poly_seq_scheme.hetero 
A 1 1   ALA 1   72  72  ALA ALA A . n 
A 1 2   VAL 2   73  73  VAL VAL A . n 
A 1 3   ARG 3   74  74  ARG ARG A . n 
A 1 4   HIS 4   75  75  HIS HIS A . n 
A 1 5   LEU 5   76  76  LEU LEU A . n 
A 1 6   THR 6   77  77  THR THR A . n 
A 1 7   GLY 7   78  78  GLY GLY A . n 
A 1 8   SER 8   79  79  SER SER A . n 
A 1 9   VAL 9   80  80  VAL VAL A . n 
A 1 10  THR 10  81  81  THR THR A . n 
A 1 11  ARG 11  82  82  ARG ARG A . n 
A 1 12  THR 12  83  83  THR THR A . n 
A 1 13  GLN 13  84  84  GLN GLN A . n 
A 1 14  GLY 14  85  85  GLY GLY A . n 
A 1 15  LEU 15  86  86  LEU LEU A . n 
A 1 16  ARG 16  87  87  ARG ARG A . n 
A 1 17  PHE 17  88  88  PHE PHE A . n 
A 1 18  ALA 18  89  89  ALA ALA A . n 
A 1 19  VAL 19  90  90  VAL VAL A . n 
A 1 20  VAL 20  91  91  VAL VAL A . n 
A 1 21  VAL 21  92  92  VAL VAL A . n 
A 1 22  ALA 22  93  93  ALA ALA A . n 
A 1 23  ARG 23  94  94  ARG ARG A . n 
A 1 24  PHE 24  95  95  PHE PHE A . n 
A 1 25  ASN 25  96  96  ASN ASN A . n 
A 1 26  GLU 26  97  97  GLU GLU A . n 
A 1 27  ILE 27  98  98  ILE ILE A . n 
A 1 28  ILE 28  99  99  ILE ILE A . n 
A 1 29  THR 29  100 100 THR THR A . n 
A 1 30  ARG 30  101 101 ARG ARG A . n 
A 1 31  PRO 31  102 102 PRO PRO A . n 
A 1 32  LEU 32  103 103 LEU LEU A . n 
A 1 33  LEU 33  104 104 LEU LEU A . n 
A 1 34  GLU 34  105 105 GLU GLU A . n 
A 1 35  GLY 35  106 106 GLY GLY A . n 
A 1 36  ALA 36  107 107 ALA ALA A . n 
A 1 37  LEU 37  108 108 LEU LEU A . n 
A 1 38  GLY 38  109 109 GLY GLY A . n 
A 1 39  THR 39  110 110 THR THR A . n 
A 1 40  PHE 40  111 111 PHE PHE A . n 
A 1 41  LYS 41  112 112 LYS LYS A . n 
A 1 42  ASN 42  113 113 ASN ASN A . n 
A 1 43  TYR 43  114 114 TYR TYR A . n 
A 1 44  SER 44  115 115 SER SER A . n 
A 1 45  VAL 45  116 116 VAL VAL A . n 
A 1 46  GLN 46  117 117 GLN GLN A . n 
A 1 47  ASP 47  118 118 ASP ASP A . n 
A 1 48  GLU 48  119 119 GLU GLU A . n 
A 1 49  ASP 49  120 120 ASP ASP A . n 
A 1 50  ILE 50  121 121 ILE ILE A . n 
A 1 51  ASP 51  122 122 ASP ASP A . n 
A 1 52  VAL 52  123 123 VAL VAL A . n 
A 1 53  VAL 53  124 124 VAL VAL A . n 
A 1 54  TRP 54  125 125 TRP TRP A . n 
A 1 55  VAL 55  126 126 VAL VAL A . n 
A 1 56  PRO 56  127 127 PRO PRO A . n 
A 1 57  GLY 57  128 128 GLY GLY A . n 
A 1 58  CYS 58  129 129 CYS CYS A . n 
A 1 59  PHE 59  130 130 PHE PHE A . n 
A 1 60  GLU 60  131 131 GLU GLU A . n 
A 1 61  ILE 61  132 132 ILE ILE A . n 
A 1 62  GLY 62  133 133 GLY GLY A . n 
A 1 63  ALA 63  134 134 ALA ALA A . n 
A 1 64  VAL 64  135 135 VAL VAL A . n 
A 1 65  ALA 65  136 136 ALA ALA A . n 
A 1 66  THR 66  137 137 THR THR A . n 
A 1 67  ARG 67  138 138 ARG ARG A . n 
A 1 68  LEU 68  139 139 LEU LEU A . n 
A 1 69  GLY 69  140 140 GLY GLY A . n 
A 1 70  LYS 70  141 141 LYS LYS A . n 
A 1 71  SER 71  142 142 SER SER A . n 
A 1 72  GLY 72  143 143 GLY GLY A . n 
A 1 73  LYS 73  144 144 LYS LYS A . n 
A 1 74  TYR 74  145 145 TYR TYR A . n 
A 1 75  HIS 75  146 146 HIS HIS A . n 
A 1 76  ALA 76  147 147 ALA ALA A . n 
A 1 77  ILE 77  148 148 ILE ILE A . n 
A 1 78  ILE 78  149 149 ILE ILE A . n 
A 1 79  CYS 79  150 150 CYS CYS A . n 
A 1 80  ILE 80  151 151 ILE ILE A . n 
A 1 81  GLY 81  152 152 GLY GLY A . n 
A 1 82  ALA 82  153 153 ALA ALA A . n 
A 1 83  VAL 83  154 154 VAL VAL A . n 
A 1 84  ILE 84  155 155 ILE ILE A . n 
A 1 85  ARG 85  156 156 ARG ARG A . n 
A 1 86  GLY 86  157 157 GLY GLY A . n 
A 1 87  ASP 87  158 158 ASP ASP A . n 
A 1 88  THR 88  159 159 THR THR A . n 
A 1 89  THR 89  160 160 THR THR A . n 
A 1 90  HIS 90  161 161 HIS HIS A . n 
A 1 91  TYR 91  162 162 TYR TYR A . n 
A 1 92  ASP 92  163 163 ASP ASP A . n 
A 1 93  ALA 93  164 164 ALA ALA A . n 
A 1 94  VAL 94  165 165 VAL VAL A . n 
A 1 95  ALA 95  166 166 ALA ALA A . n 
A 1 96  ASN 96  167 167 ASN ASN A . n 
A 1 97  SER 97  168 168 SER SER A . n 
A 1 98  ALA 98  169 169 ALA ALA A . n 
A 1 99  ALA 99  170 170 ALA ALA A . n 
A 1 100 SER 100 171 171 SER SER A . n 
A 1 101 GLY 101 172 172 GLY GLY A . n 
A 1 102 VAL 102 173 173 VAL VAL A . n 
A 1 103 LEU 103 174 174 LEU LEU A . n 
A 1 104 SER 104 175 175 SER SER A . n 
A 1 105 ALA 105 176 176 ALA ALA A . n 
A 1 106 GLY 106 177 177 GLY GLY A . n 
A 1 107 LEU 107 178 178 LEU LEU A . n 
A 1 108 ASN 108 179 179 ASN ASN A . n 
A 1 109 SER 109 180 180 SER SER A . n 
A 1 110 GLY 110 181 181 GLY GLY A . n 
A 1 111 VAL 111 182 182 VAL VAL A . n 
A 1 112 PRO 112 183 183 PRO PRO A . n 
A 1 113 CYS 113 184 184 CYS CYS A . n 
A 1 114 ILE 114 185 185 ILE ILE A . n 
A 1 115 PHE 115 186 186 PHE PHE A . n 
A 1 116 GLY 116 187 187 GLY GLY A . n 
A 1 117 VAL 117 188 188 VAL VAL A . n 
A 1 118 LEU 118 189 189 LEU LEU A . n 
A 1 119 THR 119 190 190 THR THR A . n 
A 1 120 CYS 120 191 191 CYS CYS A . n 
A 1 121 GLU 121 192 192 GLU GLU A . n 
A 1 122 ASP 122 193 193 ASP ASP A . n 
A 1 123 MET 123 194 194 MET MET A . n 
A 1 124 ASP 124 195 195 ASP ASP A . n 
A 1 125 GLN 125 196 196 GLN GLN A . n 
A 1 126 ALA 126 197 197 ALA ALA A . n 
A 1 127 ILE 127 198 198 ILE ILE A . n 
A 1 128 ASN 128 199 199 ASN ASN A . n 
A 1 129 ARG 129 200 200 ARG ARG A . n 
A 1 130 ALA 130 201 201 ALA ALA A . n 
A 1 131 GLY 131 202 202 GLY GLY A . n 
A 1 132 GLY 132 203 203 GLY GLY A . n 
A 1 133 LYS 133 204 204 LYS LYS A . n 
A 1 134 SER 134 205 205 SER SER A . n 
A 1 135 GLY 135 206 206 GLY GLY A . n 
A 1 136 ASN 136 207 207 ASN ASN A . n 
A 1 137 LYS 137 208 208 LYS LYS A . n 
A 1 138 GLY 138 209 209 GLY GLY A . n 
A 1 139 ALA 139 210 210 ALA ALA A . n 
A 1 140 GLU 140 211 211 GLU GLU A . n 
A 1 141 ALA 141 212 212 ALA ALA A . n 
A 1 142 ALA 142 213 213 ALA ALA A . n 
A 1 143 LEU 143 214 214 LEU LEU A . n 
A 1 144 THR 144 215 215 THR THR A . n 
A 1 145 ALA 145 216 216 ALA ALA A . n 
A 1 146 ILE 146 217 217 ILE ILE A . n 
A 1 147 GLU 147 218 218 GLU GLU A . n 
A 1 148 MET 148 219 219 MET MET A . n 
A 1 149 ALA 149 220 220 ALA ALA A . n 
A 1 150 SER 150 221 221 SER SER A . n 
A 1 151 LEU 151 222 222 LEU LEU A . n 
A 1 152 PHE 152 223 223 PHE PHE A . n 
A 1 153 GLU 153 224 224 GLU GLU A . n 
A 1 154 HIS 154 225 225 HIS HIS A . n 
A 1 155 HIS 155 226 226 HIS HIS A . n 
A 1 156 LEU 156 227 227 LEU LEU A . n 
A 1 157 GLN 157 228 228 GLN GLN A . n 
# 
_cell.angle_alpha                  90.00 
_cell.angle_alpha_esd              ? 
_cell.angle_beta                   90.00 
_cell.angle_beta_esd               ? 
_cell.angle_gamma                  90.00 
_cell.angle_gamma_esd              ? 
_cell.entry_id                     9EZ8 
_cell.details                      ? 
_cell.formula_units_Z              ? 
_cell.length_a                     1.00 
_cell.length_a_esd                 ? 
_cell.length_b                     1.00 
_cell.length_b_esd                 ? 
_cell.length_c                     1.00 
_cell.length_c_esd                 ? 
_cell.volume                       ? 
_cell.volume_esd                   ? 
_cell.Z_PDB                        ? 
_cell.reciprocal_angle_alpha       ? 
_cell.reciprocal_angle_beta        ? 
_cell.reciprocal_angle_gamma       ? 
_cell.reciprocal_angle_alpha_esd   ? 
_cell.reciprocal_angle_beta_esd    ? 
_cell.reciprocal_angle_gamma_esd   ? 
_cell.reciprocal_length_a          ? 
_cell.reciprocal_length_b          ? 
_cell.reciprocal_length_c          ? 
_cell.reciprocal_length_a_esd      ? 
_cell.reciprocal_length_b_esd      ? 
_cell.reciprocal_length_c_esd      ? 
_cell.pdbx_unique_axis             ? 
_cell.pdbx_esd_method              ? 
# 
_symmetry.entry_id                         9EZ8 
_symmetry.cell_setting                     ? 
_symmetry.Int_Tables_number                1 
_symmetry.space_group_name_Hall            ? 
_symmetry.space_group_name_H-M             'P 1' 
_symmetry.pdbx_full_space_group_name_H-M   ? 
# 
_exptl.absorpt_coefficient_mu     ? 
_exptl.absorpt_correction_T_max   ? 
_exptl.absorpt_correction_T_min   ? 
_exptl.absorpt_correction_type    ? 
_exptl.absorpt_process_details    ? 
_exptl.entry_id                   9EZ8 
_exptl.crystals_number            ? 
_exptl.details                    ? 
_exptl.method                     'ELECTRON MICROSCOPY' 
_exptl.method_details             ? 
# 
_refine.aniso_B[1][1]                            ? 
_refine.aniso_B[1][2]                            ? 
_refine.aniso_B[1][3]                            ? 
_refine.aniso_B[2][2]                            ? 
_refine.aniso_B[2][3]                            ? 
_refine.aniso_B[3][3]                            ? 
_refine.B_iso_max                                ? 
_refine.B_iso_mean                               ? 
_refine.B_iso_min                                ? 
_refine.correlation_coeff_Fo_to_Fc               ? 
_refine.correlation_coeff_Fo_to_Fc_free          ? 
_refine.details                                  ? 
_refine.diff_density_max                         ? 
_refine.diff_density_max_esd                     ? 
_refine.diff_density_min                         ? 
_refine.diff_density_min_esd                     ? 
_refine.diff_density_rms                         ? 
_refine.diff_density_rms_esd                     ? 
_refine.entry_id                                 9EZ8 
_refine.pdbx_refine_id                           'ELECTRON MICROSCOPY' 
_refine.ls_abs_structure_details                 ? 
_refine.ls_abs_structure_Flack                   ? 
_refine.ls_abs_structure_Flack_esd               ? 
_refine.ls_abs_structure_Rogers                  ? 
_refine.ls_abs_structure_Rogers_esd              ? 
_refine.ls_d_res_high                            . 
_refine.ls_d_res_low                             ? 
_refine.ls_extinction_coef                       ? 
_refine.ls_extinction_coef_esd                   ? 
_refine.ls_extinction_expression                 ? 
_refine.ls_extinction_method                     ? 
_refine.ls_goodness_of_fit_all                   ? 
_refine.ls_goodness_of_fit_all_esd               ? 
_refine.ls_goodness_of_fit_obs                   ? 
_refine.ls_goodness_of_fit_obs_esd               ? 
_refine.ls_hydrogen_treatment                    ? 
_refine.ls_matrix_type                           ? 
_refine.ls_number_constraints                    ? 
_refine.ls_number_parameters                     ? 
_refine.ls_number_reflns_all                     ? 
_refine.ls_number_reflns_obs                     ? 
_refine.ls_number_reflns_R_free                  ? 
_refine.ls_number_reflns_R_work                  ? 
_refine.ls_number_restraints                     ? 
_refine.ls_percent_reflns_obs                    ? 
_refine.ls_percent_reflns_R_free                 ? 
_refine.ls_R_factor_all                          ? 
_refine.ls_R_factor_obs                          ? 
_refine.ls_R_factor_R_free                       ? 
_refine.ls_R_factor_R_free_error                 ? 
_refine.ls_R_factor_R_free_error_details         ? 
_refine.ls_R_factor_R_work                       ? 
_refine.ls_R_Fsqd_factor_obs                     ? 
_refine.ls_R_I_factor_obs                        ? 
_refine.ls_redundancy_reflns_all                 ? 
_refine.ls_redundancy_reflns_obs                 ? 
_refine.ls_restrained_S_all                      ? 
_refine.ls_restrained_S_obs                      ? 
_refine.ls_shift_over_esd_max                    ? 
_refine.ls_shift_over_esd_mean                   ? 
_refine.ls_structure_factor_coef                 ? 
_refine.ls_weighting_details                     ? 
_refine.ls_weighting_scheme                      ? 
_refine.ls_wR_factor_all                         ? 
_refine.ls_wR_factor_obs                         ? 
_refine.ls_wR_factor_R_free                      ? 
_refine.ls_wR_factor_R_work                      ? 
_refine.occupancy_max                            ? 
_refine.occupancy_min                            ? 
_refine.solvent_model_details                    ? 
_refine.solvent_model_param_bsol                 ? 
_refine.solvent_model_param_ksol                 ? 
_refine.pdbx_R_complete                          ? 
_refine.ls_R_factor_gt                           ? 
_refine.ls_goodness_of_fit_gt                    ? 
_refine.ls_goodness_of_fit_ref                   ? 
_refine.ls_shift_over_su_max                     ? 
_refine.ls_shift_over_su_max_lt                  ? 
_refine.ls_shift_over_su_mean                    ? 
_refine.ls_shift_over_su_mean_lt                 ? 
_refine.pdbx_ls_sigma_I                          ? 
_refine.pdbx_ls_sigma_F                          ? 
_refine.pdbx_ls_sigma_Fsqd                       ? 
_refine.pdbx_data_cutoff_high_absF               ? 
_refine.pdbx_data_cutoff_high_rms_absF           ? 
_refine.pdbx_data_cutoff_low_absF                ? 
_refine.pdbx_isotropic_thermal_model             ? 
_refine.pdbx_ls_cross_valid_method               NONE 
_refine.pdbx_method_to_determine_struct          ? 
_refine.pdbx_starting_model                      ? 
_refine.pdbx_stereochemistry_target_values       ? 
_refine.pdbx_R_Free_selection_details            ? 
_refine.pdbx_stereochem_target_val_spec_case     ? 
_refine.pdbx_overall_ESU_R                       ? 
_refine.pdbx_overall_ESU_R_Free                  ? 
_refine.pdbx_solvent_vdw_probe_radii             ? 
_refine.pdbx_solvent_ion_probe_radii             ? 
_refine.pdbx_solvent_shrinkage_radii             ? 
_refine.pdbx_real_space_R                        ? 
_refine.pdbx_density_correlation                 ? 
_refine.pdbx_pd_number_of_powder_patterns        ? 
_refine.pdbx_pd_number_of_points                 ? 
_refine.pdbx_pd_meas_number_of_points            ? 
_refine.pdbx_pd_proc_ls_prof_R_factor            ? 
_refine.pdbx_pd_proc_ls_prof_wR_factor           ? 
_refine.pdbx_pd_Marquardt_correlation_coeff      ? 
_refine.pdbx_pd_Fsqrd_R_factor                   ? 
_refine.pdbx_pd_ls_matrix_band_width             ? 
_refine.pdbx_overall_phase_error                 ? 
_refine.pdbx_overall_SU_R_free_Cruickshank_DPI   ? 
_refine.pdbx_overall_SU_R_free_Blow_DPI          ? 
_refine.pdbx_overall_SU_R_Blow_DPI               ? 
_refine.pdbx_TLS_residual_ADP_flag               ? 
_refine.pdbx_diffrn_id                           ? 
_refine.overall_SU_B                             ? 
_refine.overall_SU_ML                            ? 
_refine.overall_SU_R_Cruickshank_DPI             ? 
_refine.overall_SU_R_free                        ? 
_refine.overall_FOM_free_R_set                   ? 
_refine.overall_FOM_work_R_set                   ? 
_refine.pdbx_average_fsc_overall                 ? 
_refine.pdbx_average_fsc_work                    ? 
_refine.pdbx_average_fsc_free                    ? 
# 
_struct.entry_id                     9EZ8 
_struct.title                        'Cryo-EM structure of the icosahedral lumazine synthase from Vicia faba.' 
_struct.pdbx_model_details           ? 
_struct.pdbx_formula_weight          ? 
_struct.pdbx_formula_weight_method   ? 
_struct.pdbx_model_type_details      ? 
_struct.pdbx_CASP_flag               N 
# 
_struct_keywords.entry_id        9EZ8 
_struct_keywords.text            'icosahedral enzyme, TRANSFERASE' 
_struct_keywords.pdbx_keywords   TRANSFERASE 
# 
_struct_asym.id                            A 
_struct_asym.pdbx_blank_PDB_chainid_flag   N 
_struct_asym.pdbx_modified                 N 
_struct_asym.entity_id                     1 
_struct_asym.details                       ? 
# 
_struct_ref.id                         1 
_struct_ref.db_name                    UNP 
_struct_ref.db_code                    A0A9D4WQC0_PEA 
_struct_ref.pdbx_db_accession          A0A9D4WQC0 
_struct_ref.pdbx_db_isoform            ? 
_struct_ref.entity_id                  1 
_struct_ref.pdbx_seq_one_letter_code   
;AVKHLTGSVTRTQGLRFAVVVARFNEIITRPLLEGALGTFKNYSVQDEDIDVVWVPGCFEIGAVATRLGKSGKYHAIICI
GAVIRGDTTHYDAVANSAASGVLSAGLNSGVPCIFGVLTCENMDQAINRAGGKSGNKGAEAALTAIEMASLFEHHLQ
;
_struct_ref.pdbx_align_begin           72 
# 
_struct_ref_seq.align_id                      1 
_struct_ref_seq.ref_id                        1 
_struct_ref_seq.pdbx_PDB_id_code              9EZ8 
_struct_ref_seq.pdbx_strand_id                A 
_struct_ref_seq.seq_align_beg                 1 
_struct_ref_seq.pdbx_seq_align_beg_ins_code   ? 
_struct_ref_seq.seq_align_end                 157 
_struct_ref_seq.pdbx_seq_align_end_ins_code   ? 
_struct_ref_seq.pdbx_db_accession             A0A9D4WQC0 
_struct_ref_seq.db_align_beg                  72 
_struct_ref_seq.pdbx_db_align_beg_ins_code    ? 
_struct_ref_seq.db_align_end                  228 
_struct_ref_seq.pdbx_db_align_end_ins_code    ? 
_struct_ref_seq.pdbx_auth_seq_align_beg       72 
_struct_ref_seq.pdbx_auth_seq_align_end       228 
# 
loop_
_struct_ref_seq_dif.align_id 
_struct_ref_seq_dif.pdbx_pdb_id_code 
_struct_ref_seq_dif.mon_id 
_struct_ref_seq_dif.pdbx_pdb_strand_id 
_struct_ref_seq_dif.seq_num 
_struct_ref_seq_dif.pdbx_pdb_ins_code 
_struct_ref_seq_dif.pdbx_seq_db_name 
_struct_ref_seq_dif.pdbx_seq_db_accession_code 
_struct_ref_seq_dif.db_mon_id 
_struct_ref_seq_dif.pdbx_seq_db_seq_num 
_struct_ref_seq_dif.details 
_struct_ref_seq_dif.pdbx_auth_seq_num 
_struct_ref_seq_dif.pdbx_ordinal 
1 9EZ8 ARG A 3   ? UNP A0A9D4WQC0 LYS 74  conflict 74  1 
1 9EZ8 ASP A 122 ? UNP A0A9D4WQC0 ASN 193 conflict 193 2 
# 
_pdbx_struct_assembly.id                   1 
_pdbx_struct_assembly.details              author_and_software_defined_assembly 
_pdbx_struct_assembly.method_details       ? 
_pdbx_struct_assembly.oligomeric_details   60-meric 
_pdbx_struct_assembly.oligomeric_count     60 
# 
_pdbx_struct_assembly_gen.assembly_id       1 
_pdbx_struct_assembly_gen.oper_expression   
;1,2,3,4,5,6,7,8,9,10,11,12,13,14,15,16,17,18,19,20,21,22,23,24,25,26,27,28,29,30,31,32,33,34,35,36,37,38,39,40,41,42,43,44,45,46,47,48,49,50,51,52,53,54,55,56,57,58,59,60
;
_pdbx_struct_assembly_gen.asym_id_list      A 
# 
_pdbx_struct_assembly_auth_evidence.id                     1 
_pdbx_struct_assembly_auth_evidence.assembly_id            1 
_pdbx_struct_assembly_auth_evidence.experimental_support   'electron microscopy' 
_pdbx_struct_assembly_auth_evidence.details                'not applicable' 
# 
loop_
_pdbx_struct_oper_list.id 
_pdbx_struct_oper_list.type 
_pdbx_struct_oper_list.name 
_pdbx_struct_oper_list.symmetry_operation 
_pdbx_struct_oper_list.matrix[1][1] 
_pdbx_struct_oper_list.matrix[1][2] 
_pdbx_struct_oper_list.matrix[1][3] 
_pdbx_struct_oper_list.vector[1] 
_pdbx_struct_oper_list.matrix[2][1] 
_pdbx_struct_oper_list.matrix[2][2] 
_pdbx_struct_oper_list.matrix[2][3] 
_pdbx_struct_oper_list.vector[2] 
_pdbx_struct_oper_list.matrix[3][1] 
_pdbx_struct_oper_list.matrix[3][2] 
_pdbx_struct_oper_list.matrix[3][3] 
_pdbx_struct_oper_list.vector[3] 
1  'identity operation'       1_555 x,y,z 1.0         0.0         0.0         0.0       0.0         1.0         0.0         0.0       0.0         0.0         1.0         0.0       
2  'point symmetry operation' ?     ?     0.32511265  -0.94269470 0.07502312  53.03486  0.90335747  0.33305172  0.27022554  -41.66491 -0.27972676 -0.02008103 0.95986963  16.34684  
3  'point symmetry operation' ?     ?     0.32511265  0.90335747  -0.27972676 24.96880  -0.94269470 0.33305172  -0.02008103 64.20048  0.07502312  0.27022554  0.95986963  -8.41065  
4  'point symmetry operation' ?     ?     0.75681901  -0.15971131 -0.63381173 29.00131  0.63072461  0.43287393  0.64405484  -36.33690 0.17149772  -0.88719359 0.42834106  19.16128  
5  'point symmetry operation' ?     ?     0.75681901  0.63072461  0.17149772  -2.31624  -0.15971131 0.43287393  -0.88719359 37.36082  -0.63381173 0.64405484  0.42834106  33.57659  
6  'point symmetry operation' ?     ?     0.76784871  -0.50682920 0.39183229  14.34586  0.58728751  0.31254419  -0.74659863 -3.64792  0.25593308  0.80339300  0.53764110  -19.86992 
7  'point symmetry operation' ?     ?     0.76784871  0.58728751  0.25593308  -3.78751  -0.50682920 0.31254419  0.80339300  24.37425  0.39183229  -0.74659863 0.53764110  2.33842   
8  'point symmetry operation' ?     ?     0.70857655  -0.53338919 0.46196889  16.64953  -0.10716799 0.56574561  0.81758604  -2.39467  -0.69744843 -0.62883057 0.34371183  63.01478  
9  'point symmetry operation' ?     ?     0.70857655  -0.10716799 -0.69744843 31.89565  -0.53338919 0.56574561  -0.62883057 49.86080  0.46196889  0.81758604  0.34371183  -27.39255 
10 'point symmetry operation' ?     ?     0.34905989  -0.15469240 0.92424427  19.58084  0.45921386  0.88797926  -0.02480891 -22.24109 -0.81687198 0.43308556  0.38099484  48.47378  
11 'point symmetry operation' ?     ?     0.34905989  0.45921386  -0.81687198 42.97528  -0.15469240 0.88797926  0.43308556  1.78525   0.92424427  -0.02480891 0.38099484  -37.11740 
12 'point symmetry operation' ?     ?     0.32865119  -0.68965836 -0.64525945 62.53905  0.51355970  0.70387329  -0.49073298 -12.27841 0.79261898  -0.17009928 0.58550952  -31.33827 
13 'point symmetry operation' ?     ?     0.32865119  0.51355970  0.79261898  10.59166  -0.68965836 0.70387329  -0.17009928 46.44213  -0.64525945 -0.49073298 0.58550952  52.67743  
14 'point symmetry operation' ?     ?     -0.76687805 -0.62195461 -0.15833679 110.78083 0.51896838  -0.74609326 0.41715307  -3.21484  -0.37758429 0.23773374  0.89493731  18.03892  
15 'point symmetry operation' ?     ?     -0.76687805 0.51896838  -0.37758429 93.43498  -0.62195461 -0.74609326 0.23773374  62.21358  -0.15833679 0.41715307  0.89493731  2.73809   
16 'point symmetry operation' ?     ?     0.36334388  0.37230628  -0.85403119 44.60878  0.86082255  -0.48475535 0.15490903  -21.43327 -0.35632258 -0.79145454 -0.49662253 64.58028  
17 'point symmetry operation' ?     ?     0.36334388  0.86082255  -0.35632258 25.25336  0.37230628  -0.48475535 -0.79145454 24.11431  -0.85403119 0.15490903  -0.49662253 73.48949  
18 'point symmetry operation' ?     ?     0.39222002  -0.23277935 0.88993103  19.42428  0.44342197  -0.79978270 -0.40462896 18.47209  0.80594071  0.55331855  -0.21047131 -29.81181 
19 'point symmetry operation' ?     ?     0.39222002  0.44342197  0.80594071  8.21718   -0.23277935 -0.79978270 0.55331855  35.79054  0.88993103  -0.40462896 -0.21047131 -16.08646 
20 'point symmetry operation' ?     ?     0.23704350  -0.97020982 0.05003293  58.83484  -0.70679063 -0.13689276 0.69405144  45.98642  -0.66652636 -0.19988320 -0.71818474 74.56747  
21 'point symmetry operation' ?     ?     0.23704350  -0.70679063 -0.66652636 68.25758  -0.97020982 -0.13689276 -0.19988320 78.28206  0.05003293  0.69405144  -0.71818474 18.69243  
22 'point symmetry operation' ?     ?     -0.70418333 0.20891629  0.67858665  74.65774  0.58833122  0.70672588  0.39294390  -34.20149 -0.39748237 0.67593825  -0.62057656 41.31458  
23 'point symmetry operation' ?     ?     -0.70418333 0.58833122  -0.39748237 89.11633  0.20891629  0.70672588  0.67593825  -19.35227 0.67858665  0.39294390  -0.62057656 -11.58359 
24 'point symmetry operation' ?     ?     -0.75761402 -0.60233096 -0.25143274 111.78160 0.14129868  0.22473018  -0.96412190 26.57534  0.63722500  -0.76595937 -0.08515017 1.97085   
25 'point symmetry operation' ?     ?     -0.75761402 0.14129868  0.63722500  79.67652  -0.60233096 0.22473018  -0.76595937 62.86681  -0.25143274 -0.96412190 -0.08515017 53.89534  
26 'point symmetry operation' ?     ?     0.27906912  -0.75391379 -0.59475576 65.43263  0.41593706  -0.46334463 0.78250119  -10.39405 -0.86551533 -0.46575288 0.18427551  72.22360  
27 'point symmetry operation' ?     ?     0.27906912  0.41593706  -0.86551533 48.57368  -0.75391379 -0.46334463 -0.46575288 78.15289  -0.59475576 0.78250119  0.18427551  33.74075  
28 'point symmetry operation' ?     ?     -0.28479461 -0.39913727 0.87153971  59.64684  0.95839863  -0.13665725 0.25059301  -35.29004 0.01908121  0.90665001  0.42145186  -6.66534  
29 'point symmetry operation' ?     ?     -0.28479461 0.95839863  0.01908121  50.93621  -0.39913727 -0.13665725 0.90665001  25.02777  0.87153971  0.25059301  0.42145186  -40.33204 
30 'point symmetry operation' ?     ?     -0.33566303 -0.52655217 -0.78107180 98.15557  0.94008508  -0.23984936 -0.24230628 -22.39064 -0.05975268 -0.81560721 0.57551239  27.35652  
31 'point symmetry operation' ?     ?     -0.33566303 0.94008508  -0.05975268 55.63091  -0.52655217 -0.23984936 -0.81560721 68.62554  -0.78107180 -0.24230628 0.57551239  55.49719  
32 'point symmetry operation' ?     ?     -0.31781659 -0.90051565 0.29675612  82.59065  0.68211734  -0.43454698 -0.58811978 2.27216   0.65856553  0.01550828  0.75236357  -30.98125 
33 'point symmetry operation' ?     ?     -0.31781659 0.68211734  0.65856553  45.10186  -0.90051565 -0.43454698 0.01550828  75.84192  0.29675612  -0.58811978 0.75236357  0.13630   
34 'point symmetry operation' ?     ?     -0.38069897 -0.85489437 0.35245415  84.00409  0.24752816  0.27303127  0.92961484  -18.28506 -0.89095349 0.44114574  0.10766770  57.84452  
35 'point symmetry operation' ?     ?     -0.38069897 0.24752816  -0.89095349 88.04311  -0.85489437 0.27303127  0.44114574  51.28886  0.35245415  0.92961484  0.10766770  -18.83746 
36 'point symmetry operation' ?     ?     0.99543112  -0.09547486 0.00120051  2.04487   -0.04866858 -0.49652654 0.86665609  13.71286  -0.08214779 -0.86275487 -0.49890459 51.13296  
37 'point symmetry operation' ?     ?     0.99543112  -0.04866858 -0.08214779 2.83239   -0.09547486 -0.49652654 -0.86275487 51.11911  0.00120051  0.86665609  -0.49890459 13.62379  
38 'point symmetry operation' ?     ?     0.41372096  0.51726941  0.74917778  6.78813   0.86775647  0.02485845  -0.49636758 -18.39951 -0.27537917 0.85546153  -0.43857941 27.60492  
39 'point symmetry operation' ?     ?     0.41372096  0.86775647  -0.27537917 20.75984  0.51726941  0.02485845  0.85546153  -26.66881 0.74917778  -0.49636758 -0.43857941 -2.11122  
40 'point symmetry operation' ?     ?     -0.29691556 0.22144561  -0.92887189 84.76629  0.74846234  0.65804224  -0.08236824 -32.36414 0.59299685  -0.71968205 -0.36112668 9.04857   
41 'point symmetry operation' ?     ?     -0.29691556 0.74846234  0.59299685  44.02600  0.22144561  0.65804224  -0.71968205 9.03795   -0.92887189 -0.08236824 -0.36112668 79.33893  
42 'point symmetry operation' ?     ?     0.30264104  -0.95294718 -0.01732230 56.30979  -0.23824541 -0.05804036 -0.96946916 52.64016  0.92284751  0.29752812  -0.24460068 -30.57731 
43 'point symmetry operation' ?     ?     0.30264104  -0.23824541 0.92284751  23.71781  -0.95294718 -0.05804036 0.29752812  65.81311  -0.01732230 -0.96946916 -0.24460068 44.52920  
44 'point symmetry operation' ?     ?     -0.37497348 -0.38317788 0.84413838  64.78046  -0.44547295 0.87303315  0.19841114  22.55558  -0.81298755 -0.30164189 -0.49805967 80.00490  
45 'point symmetry operation' ?     ?     -0.37497348 -0.44547295 -0.81298755 99.38200  -0.38317788 0.87303315  -0.30164189 29.26347  0.84413838  0.19841114  -0.49805967 -19.31163 
46 'point symmetry operation' ?     ?     -0.36630643 0.15674338  -0.91719743 89.52461  0.15674338  -0.96122971 -0.22686774 33.49890  -0.91719743 -0.22686774 0.32753613  67.57749  
47 'point symmetry operation' ?     ?     -0.69694695 0.11803960  0.70734124  75.41974  0.11803960  -0.95402342 0.27551040  25.32872  0.70734124  0.27551040  0.65097036  -36.53945 
48 'point symmetry operation' ?     ?     -0.42395565 -0.50222596 -0.75367812 101.92240 -0.50222596 -0.56213282 0.65709648  43.76175  -0.75367812 0.65709648  -0.01391153 48.73899  
49 'point symmetry operation' ?     ?     -0.99463611 0.06708121  0.07873452  105.19440 0.06708121  -0.16107758 0.98465940  -1.33719  0.07873452  0.98465940  0.15571369  -6.02723  
50 'point symmetry operation' ?     ?     -0.99982435 -0.00627344 0.01766127  108.10637 -0.00627344 -0.77594496 -0.63076942 46.93966  0.01766127  -0.63076942 0.77576931  15.59820  
51 'point symmetry operation' ?     ?     0.69334873  -0.20137527 -0.69189273 34.40598  -0.20137527 -0.97605219 0.08228080  46.94980  -0.69189273 0.08228080  -0.71729654 70.54059  
52 'point symmetry operation' ?     ?     -0.23003166 0.71978310  0.65497919  39.69982  0.71978310  -0.32713117 0.61228875  -26.02173 0.65497919  0.61228875  -0.44283717 -18.07320 
53 'point symmetry operation' ?     ?     -0.72009760 0.51864038  -0.46094643 92.58771  0.51864038  -0.03899418 -0.85410282 8.94555   -0.46094643 -0.85410282 -0.24090822 66.28767  
54 'point symmetry operation' ?     ?     -0.33170480 -0.46514204 0.82074041  64.47190  -0.46514204 -0.67625519 -0.57124586 68.69732  0.82074041  -0.57124586 0.00795998  -13.56342 
55 'point symmetry operation' ?     ?     -0.81337599 -0.54759442 -0.19636663 112.64812 -0.54759442 0.60675814  0.57618132  25.55110  -0.19636663 0.57618132  -0.79338215 35.80652  
56 'point symmetry operation' ?     ?     0.81320034  0.55386786  0.17870536  -4.04987  0.55386786  -0.83081318 0.05458810  3.82106   0.17870536  0.05458810  -0.98238716 29.24846  
57 'point symmetry operation' ?     ?     0.71473371  -0.58572159 0.38221192  18.92252  -0.58572159 -0.79992824 -0.13055659 68.70347  0.38221192  -0.13055659 -0.91480547 20.39274  
58 'point symmetry operation' ?     ?     -0.24433955 0.96736800  -0.06706229 50.31033  0.96736800  0.23838801  -0.08585062 -36.14725 -0.06706229 -0.08585062 -0.99404846 45.47762  
59 'point symmetry operation' ?     ?     -0.40366192 -0.87652648 0.26221824  87.48020  -0.87652648 0.28836088  -0.38542100 68.83465  0.26221824  -0.38542100 -0.88469896 31.14889  
60 'point symmetry operation' ?     ?     -0.99640179 0.08333567  -0.01544850 106.87891 0.08333567  0.93007561  -0.35779120 4.03330   -0.01544850 -0.35779120 -0.93367382 46.65205   
# 
loop_
_struct_conf.conf_type_id 
_struct_conf.id 
_struct_conf.pdbx_PDB_helix_id 
_struct_conf.beg_label_comp_id 
_struct_conf.beg_label_asym_id 
_struct_conf.beg_label_seq_id 
_struct_conf.pdbx_beg_PDB_ins_code 
_struct_conf.end_label_comp_id 
_struct_conf.end_label_asym_id 
_struct_conf.end_label_seq_id 
_struct_conf.pdbx_end_PDB_ins_code 
_struct_conf.beg_auth_comp_id 
_struct_conf.beg_auth_asym_id 
_struct_conf.beg_auth_seq_id 
_struct_conf.end_auth_comp_id 
_struct_conf.end_auth_asym_id 
_struct_conf.end_auth_seq_id 
_struct_conf.pdbx_PDB_helix_class 
_struct_conf.details 
_struct_conf.pdbx_PDB_helix_length 
HELX_P HELX_P1 AA1 ASN A 25  ? TYR A 43  ? ASN A 96  TYR A 114 1 ? 19 
HELX_P HELX_P2 AA2 GLN A 46  ? GLU A 48  ? GLN A 117 GLU A 119 5 ? 3  
HELX_P HELX_P3 AA3 GLY A 57  ? PHE A 59  ? GLY A 128 PHE A 130 5 ? 3  
HELX_P HELX_P4 AA4 GLU A 60  ? LYS A 70  ? GLU A 131 LYS A 141 1 ? 11 
HELX_P HELX_P5 AA5 TYR A 91  ? GLY A 110 ? TYR A 162 GLY A 181 1 ? 20 
HELX_P HELX_P6 AA6 ASP A 122 ? ARG A 129 ? ASP A 193 ARG A 200 1 ? 8  
HELX_P HELX_P7 AA7 LYS A 137 ? HIS A 155 ? LYS A 208 HIS A 226 1 ? 19 
# 
_struct_conf_type.id          HELX_P 
_struct_conf_type.criteria    ? 
_struct_conf_type.reference   ? 
# 
loop_
_struct_sheet.id 
_struct_sheet.type 
_struct_sheet.number_strands 
_struct_sheet.details 
AA1 ? 4 ? 
AA2 ? 2 ? 
# 
loop_
_struct_sheet_order.sheet_id 
_struct_sheet_order.range_id_1 
_struct_sheet_order.range_id_2 
_struct_sheet_order.offset 
_struct_sheet_order.sense 
AA1 1 2 ? parallel      
AA1 2 3 ? parallel      
AA1 3 4 ? parallel      
AA2 1 2 ? anti-parallel 
# 
loop_
_struct_sheet_range.sheet_id 
_struct_sheet_range.id 
_struct_sheet_range.beg_label_comp_id 
_struct_sheet_range.beg_label_asym_id 
_struct_sheet_range.beg_label_seq_id 
_struct_sheet_range.pdbx_beg_PDB_ins_code 
_struct_sheet_range.end_label_comp_id 
_struct_sheet_range.end_label_asym_id 
_struct_sheet_range.end_label_seq_id 
_struct_sheet_range.pdbx_end_PDB_ins_code 
_struct_sheet_range.beg_auth_comp_id 
_struct_sheet_range.beg_auth_asym_id 
_struct_sheet_range.beg_auth_seq_id 
_struct_sheet_range.end_auth_comp_id 
_struct_sheet_range.end_auth_asym_id 
_struct_sheet_range.end_auth_seq_id 
AA1 1 ILE A 50  ? VAL A 55  ? ILE A 121 VAL A 126 
AA1 2 PHE A 17  ? ALA A 22  ? PHE A 88  ALA A 93  
AA1 3 ALA A 76  ? ILE A 84  ? ALA A 147 ILE A 155 
AA1 4 CYS A 113 ? CYS A 120 ? CYS A 184 CYS A 191 
AA2 1 ALA A 130 ? GLY A 132 ? ALA A 201 GLY A 203 
AA2 2 GLY A 135 ? ASN A 136 ? GLY A 206 ASN A 207 
# 
loop_
_pdbx_struct_sheet_hbond.sheet_id 
_pdbx_struct_sheet_hbond.range_id_1 
_pdbx_struct_sheet_hbond.range_id_2 
_pdbx_struct_sheet_hbond.range_1_label_atom_id 
_pdbx_struct_sheet_hbond.range_1_label_comp_id 
_pdbx_struct_sheet_hbond.range_1_label_asym_id 
_pdbx_struct_sheet_hbond.range_1_label_seq_id 
_pdbx_struct_sheet_hbond.range_1_PDB_ins_code 
_pdbx_struct_sheet_hbond.range_1_auth_atom_id 
_pdbx_struct_sheet_hbond.range_1_auth_comp_id 
_pdbx_struct_sheet_hbond.range_1_auth_asym_id 
_pdbx_struct_sheet_hbond.range_1_auth_seq_id 
_pdbx_struct_sheet_hbond.range_2_label_atom_id 
_pdbx_struct_sheet_hbond.range_2_label_comp_id 
_pdbx_struct_sheet_hbond.range_2_label_asym_id 
_pdbx_struct_sheet_hbond.range_2_label_seq_id 
_pdbx_struct_sheet_hbond.range_2_PDB_ins_code 
_pdbx_struct_sheet_hbond.range_2_auth_atom_id 
_pdbx_struct_sheet_hbond.range_2_auth_comp_id 
_pdbx_struct_sheet_hbond.range_2_auth_asym_id 
_pdbx_struct_sheet_hbond.range_2_auth_seq_id 
AA1 1 2 O ASP A 51  ? O ASP A 122 N VAL A 19  ? N VAL A 90  
AA1 2 3 N VAL A 20  ? N VAL A 91  O ILE A 78  ? O ILE A 149 
AA1 3 4 N ILE A 77  ? N ILE A 148 O ILE A 114 ? O ILE A 185 
AA2 1 2 N GLY A 131 ? N GLY A 202 O GLY A 135 ? O GLY A 206 
# 
_pdbx_validate_planes.id              1 
_pdbx_validate_planes.PDB_model_num   1 
_pdbx_validate_planes.auth_comp_id    ARG 
_pdbx_validate_planes.auth_asym_id    A 
_pdbx_validate_planes.auth_seq_id     74 
_pdbx_validate_planes.PDB_ins_code    ? 
_pdbx_validate_planes.label_alt_id    ? 
_pdbx_validate_planes.rmsd            0.158 
_pdbx_validate_planes.type            'SIDE CHAIN' 
# 
_space_group_symop.id              1 
_space_group_symop.operation_xyz   x,y,z 
# 
_em_3d_fitting.id                1 
_em_3d_fitting.entry_id          9EZ8 
_em_3d_fitting.method            ? 
_em_3d_fitting.target_criteria   ? 
_em_3d_fitting.details           ? 
_em_3d_fitting.overall_b_value   ? 
_em_3d_fitting.ref_space         ? 
_em_3d_fitting.ref_protocol      ? 
# 
_em_3d_fitting_list.id                            1 
_em_3d_fitting_list.3d_fitting_id                 1 
_em_3d_fitting_list.pdb_entry_id                  . 
_em_3d_fitting_list.pdb_chain_id                  . 
_em_3d_fitting_list.pdb_chain_residue_range       . 
_em_3d_fitting_list.details                       'poly-Ala model manually built using Coot' 
_em_3d_fitting_list.chain_id                      ? 
_em_3d_fitting_list.chain_residue_range           ? 
_em_3d_fitting_list.source_name                   Other 
_em_3d_fitting_list.type                          other 
_em_3d_fitting_list.accession_code                ? 
_em_3d_fitting_list.initial_refinement_model_id   ? 
# 
_em_3d_reconstruction.entry_id                    9EZ8 
_em_3d_reconstruction.id                          1 
_em_3d_reconstruction.method                      ? 
_em_3d_reconstruction.algorithm                   'FOURIER SPACE' 
_em_3d_reconstruction.citation_id                 ? 
_em_3d_reconstruction.details                     ? 
_em_3d_reconstruction.resolution                  2.7 
_em_3d_reconstruction.resolution_method           'FSC 0.143 CUT-OFF' 
_em_3d_reconstruction.magnification_calibration   ? 
_em_3d_reconstruction.nominal_pixel_size          ? 
_em_3d_reconstruction.actual_pixel_size           ? 
_em_3d_reconstruction.num_particles               64092 
_em_3d_reconstruction.euler_angles_details        ? 
_em_3d_reconstruction.num_class_averages          ? 
_em_3d_reconstruction.refinement_type             ? 
_em_3d_reconstruction.image_processing_id         1 
_em_3d_reconstruction.symmetry_type               POINT 
# 
_em_buffer.id            1 
_em_buffer.specimen_id   1 
_em_buffer.name          ? 
_em_buffer.details       ? 
_em_buffer.pH            7.5 
# 
_em_entity_assembly.id                   1 
_em_entity_assembly.parent_id            0 
_em_entity_assembly.source               NATURAL 
_em_entity_assembly.type                 COMPLEX 
_em_entity_assembly.name                 'Icosahedral 60-mer' 
_em_entity_assembly.details              ? 
_em_entity_assembly.synonym              ? 
_em_entity_assembly.oligomeric_details   ? 
_em_entity_assembly.entity_id_list       1 
# 
_em_imaging.entry_id                        9EZ8 
_em_imaging.id                              1 
_em_imaging.astigmatism                     ? 
_em_imaging.electron_beam_tilt_params       ? 
_em_imaging.residual_tilt                   ? 
_em_imaging.microscope_model                'FEI TALOS ARCTICA' 
_em_imaging.specimen_holder_type            ? 
_em_imaging.specimen_holder_model           ? 
_em_imaging.details                         ? 
_em_imaging.date                            ? 
_em_imaging.accelerating_voltage            200 
_em_imaging.illumination_mode               'FLOOD BEAM' 
_em_imaging.mode                            'BRIGHT FIELD' 
_em_imaging.nominal_cs                      ? 
_em_imaging.nominal_defocus_min             600 
_em_imaging.nominal_defocus_max             2000 
_em_imaging.calibrated_defocus_min          ? 
_em_imaging.calibrated_defocus_max          ? 
_em_imaging.tilt_angle_min                  ? 
_em_imaging.tilt_angle_max                  ? 
_em_imaging.nominal_magnification           ? 
_em_imaging.calibrated_magnification        ? 
_em_imaging.electron_source                 'FIELD EMISSION GUN' 
_em_imaging.citation_id                     ? 
_em_imaging.temperature                     ? 
_em_imaging.detector_distance               ? 
_em_imaging.recording_temperature_minimum   ? 
_em_imaging.recording_temperature_maximum   ? 
_em_imaging.alignment_procedure             ? 
_em_imaging.c2_aperture_diameter            ? 
_em_imaging.specimen_id                     1 
_em_imaging.cryogen                         ? 
# 
_em_vitrification.entry_id              9EZ8 
_em_vitrification.id                    1 
_em_vitrification.specimen_id           1 
_em_vitrification.cryogen_name          ETHANE 
_em_vitrification.humidity              ? 
_em_vitrification.temp                  ? 
_em_vitrification.chamber_temperature   ? 
_em_vitrification.instrument            ? 
_em_vitrification.method                ? 
_em_vitrification.time_resolved_state   ? 
_em_vitrification.citation_id           ? 
_em_vitrification.details               ? 
# 
_em_experiment.entry_id                9EZ8 
_em_experiment.id                      1 
_em_experiment.reconstruction_method   'SINGLE PARTICLE' 
_em_experiment.aggregation_state       PARTICLE 
_em_experiment.entity_assembly_id      1 
# 
_em_single_particle_entity.entry_id              9EZ8 
_em_single_particle_entity.id                    1 
_em_single_particle_entity.image_processing_id   1 
_em_single_particle_entity.point_symmetry        I 
# 
loop_
_chem_comp_atom.comp_id 
_chem_comp_atom.atom_id 
_chem_comp_atom.type_symbol 
_chem_comp_atom.pdbx_aromatic_flag 
_chem_comp_atom.pdbx_stereo_config 
_chem_comp_atom.pdbx_ordinal 
ALA N    N N N 1   
ALA CA   C N S 2   
ALA C    C N N 3   
ALA O    O N N 4   
ALA CB   C N N 5   
ALA OXT  O N N 6   
ALA H    H N N 7   
ALA H2   H N N 8   
ALA HA   H N N 9   
ALA HB1  H N N 10  
ALA HB2  H N N 11  
ALA HB3  H N N 12  
ALA HXT  H N N 13  
ARG N    N N N 14  
ARG CA   C N S 15  
ARG C    C N N 16  
ARG O    O N N 17  
ARG CB   C N N 18  
ARG CG   C N N 19  
ARG CD   C N N 20  
ARG NE   N N N 21  
ARG CZ   C N N 22  
ARG NH1  N N N 23  
ARG NH2  N N N 24  
ARG OXT  O N N 25  
ARG H    H N N 26  
ARG H2   H N N 27  
ARG HA   H N N 28  
ARG HB2  H N N 29  
ARG HB3  H N N 30  
ARG HG2  H N N 31  
ARG HG3  H N N 32  
ARG HD2  H N N 33  
ARG HD3  H N N 34  
ARG HE   H N N 35  
ARG HH11 H N N 36  
ARG HH12 H N N 37  
ARG HH21 H N N 38  
ARG HH22 H N N 39  
ARG HXT  H N N 40  
ASN N    N N N 41  
ASN CA   C N S 42  
ASN C    C N N 43  
ASN O    O N N 44  
ASN CB   C N N 45  
ASN CG   C N N 46  
ASN OD1  O N N 47  
ASN ND2  N N N 48  
ASN OXT  O N N 49  
ASN H    H N N 50  
ASN H2   H N N 51  
ASN HA   H N N 52  
ASN HB2  H N N 53  
ASN HB3  H N N 54  
ASN HD21 H N N 55  
ASN HD22 H N N 56  
ASN HXT  H N N 57  
ASP N    N N N 58  
ASP CA   C N S 59  
ASP C    C N N 60  
ASP O    O N N 61  
ASP CB   C N N 62  
ASP CG   C N N 63  
ASP OD1  O N N 64  
ASP OD2  O N N 65  
ASP OXT  O N N 66  
ASP H    H N N 67  
ASP H2   H N N 68  
ASP HA   H N N 69  
ASP HB2  H N N 70  
ASP HB3  H N N 71  
ASP HD2  H N N 72  
ASP HXT  H N N 73  
CYS N    N N N 74  
CYS CA   C N R 75  
CYS C    C N N 76  
CYS O    O N N 77  
CYS CB   C N N 78  
CYS SG   S N N 79  
CYS OXT  O N N 80  
CYS H    H N N 81  
CYS H2   H N N 82  
CYS HA   H N N 83  
CYS HB2  H N N 84  
CYS HB3  H N N 85  
CYS HG   H N N 86  
CYS HXT  H N N 87  
GLN N    N N N 88  
GLN CA   C N S 89  
GLN C    C N N 90  
GLN O    O N N 91  
GLN CB   C N N 92  
GLN CG   C N N 93  
GLN CD   C N N 94  
GLN OE1  O N N 95  
GLN NE2  N N N 96  
GLN OXT  O N N 97  
GLN H    H N N 98  
GLN H2   H N N 99  
GLN HA   H N N 100 
GLN HB2  H N N 101 
GLN HB3  H N N 102 
GLN HG2  H N N 103 
GLN HG3  H N N 104 
GLN HE21 H N N 105 
GLN HE22 H N N 106 
GLN HXT  H N N 107 
GLU N    N N N 108 
GLU CA   C N S 109 
GLU C    C N N 110 
GLU O    O N N 111 
GLU CB   C N N 112 
GLU CG   C N N 113 
GLU CD   C N N 114 
GLU OE1  O N N 115 
GLU OE2  O N N 116 
GLU OXT  O N N 117 
GLU H    H N N 118 
GLU H2   H N N 119 
GLU HA   H N N 120 
GLU HB2  H N N 121 
GLU HB3  H N N 122 
GLU HG2  H N N 123 
GLU HG3  H N N 124 
GLU HE2  H N N 125 
GLU HXT  H N N 126 
GLY N    N N N 127 
GLY CA   C N N 128 
GLY C    C N N 129 
GLY O    O N N 130 
GLY OXT  O N N 131 
GLY H    H N N 132 
GLY H2   H N N 133 
GLY HA2  H N N 134 
GLY HA3  H N N 135 
GLY HXT  H N N 136 
HIS N    N N N 137 
HIS CA   C N S 138 
HIS C    C N N 139 
HIS O    O N N 140 
HIS CB   C N N 141 
HIS CG   C Y N 142 
HIS ND1  N Y N 143 
HIS CD2  C Y N 144 
HIS CE1  C Y N 145 
HIS NE2  N Y N 146 
HIS OXT  O N N 147 
HIS H    H N N 148 
HIS H2   H N N 149 
HIS HA   H N N 150 
HIS HB2  H N N 151 
HIS HB3  H N N 152 
HIS HD1  H N N 153 
HIS HD2  H N N 154 
HIS HE1  H N N 155 
HIS HE2  H N N 156 
HIS HXT  H N N 157 
ILE N    N N N 158 
ILE CA   C N S 159 
ILE C    C N N 160 
ILE O    O N N 161 
ILE CB   C N S 162 
ILE CG1  C N N 163 
ILE CG2  C N N 164 
ILE CD1  C N N 165 
ILE OXT  O N N 166 
ILE H    H N N 167 
ILE H2   H N N 168 
ILE HA   H N N 169 
ILE HB   H N N 170 
ILE HG12 H N N 171 
ILE HG13 H N N 172 
ILE HG21 H N N 173 
ILE HG22 H N N 174 
ILE HG23 H N N 175 
ILE HD11 H N N 176 
ILE HD12 H N N 177 
ILE HD13 H N N 178 
ILE HXT  H N N 179 
LEU N    N N N 180 
LEU CA   C N S 181 
LEU C    C N N 182 
LEU O    O N N 183 
LEU CB   C N N 184 
LEU CG   C N N 185 
LEU CD1  C N N 186 
LEU CD2  C N N 187 
LEU OXT  O N N 188 
LEU H    H N N 189 
LEU H2   H N N 190 
LEU HA   H N N 191 
LEU HB2  H N N 192 
LEU HB3  H N N 193 
LEU HG   H N N 194 
LEU HD11 H N N 195 
LEU HD12 H N N 196 
LEU HD13 H N N 197 
LEU HD21 H N N 198 
LEU HD22 H N N 199 
LEU HD23 H N N 200 
LEU HXT  H N N 201 
LYS N    N N N 202 
LYS CA   C N S 203 
LYS C    C N N 204 
LYS O    O N N 205 
LYS CB   C N N 206 
LYS CG   C N N 207 
LYS CD   C N N 208 
LYS CE   C N N 209 
LYS NZ   N N N 210 
LYS OXT  O N N 211 
LYS H    H N N 212 
LYS H2   H N N 213 
LYS HA   H N N 214 
LYS HB2  H N N 215 
LYS HB3  H N N 216 
LYS HG2  H N N 217 
LYS HG3  H N N 218 
LYS HD2  H N N 219 
LYS HD3  H N N 220 
LYS HE2  H N N 221 
LYS HE3  H N N 222 
LYS HZ1  H N N 223 
LYS HZ2  H N N 224 
LYS HZ3  H N N 225 
LYS HXT  H N N 226 
MET N    N N N 227 
MET CA   C N S 228 
MET C    C N N 229 
MET O    O N N 230 
MET CB   C N N 231 
MET CG   C N N 232 
MET SD   S N N 233 
MET CE   C N N 234 
MET OXT  O N N 235 
MET H    H N N 236 
MET H2   H N N 237 
MET HA   H N N 238 
MET HB2  H N N 239 
MET HB3  H N N 240 
MET HG2  H N N 241 
MET HG3  H N N 242 
MET HE1  H N N 243 
MET HE2  H N N 244 
MET HE3  H N N 245 
MET HXT  H N N 246 
PHE N    N N N 247 
PHE CA   C N S 248 
PHE C    C N N 249 
PHE O    O N N 250 
PHE CB   C N N 251 
PHE CG   C Y N 252 
PHE CD1  C Y N 253 
PHE CD2  C Y N 254 
PHE CE1  C Y N 255 
PHE CE2  C Y N 256 
PHE CZ   C Y N 257 
PHE OXT  O N N 258 
PHE H    H N N 259 
PHE H2   H N N 260 
PHE HA   H N N 261 
PHE HB2  H N N 262 
PHE HB3  H N N 263 
PHE HD1  H N N 264 
PHE HD2  H N N 265 
PHE HE1  H N N 266 
PHE HE2  H N N 267 
PHE HZ   H N N 268 
PHE HXT  H N N 269 
PRO N    N N N 270 
PRO CA   C N S 271 
PRO C    C N N 272 
PRO O    O N N 273 
PRO CB   C N N 274 
PRO CG   C N N 275 
PRO CD   C N N 276 
PRO OXT  O N N 277 
PRO H    H N N 278 
PRO HA   H N N 279 
PRO HB2  H N N 280 
PRO HB3  H N N 281 
PRO HG2  H N N 282 
PRO HG3  H N N 283 
PRO HD2  H N N 284 
PRO HD3  H N N 285 
PRO HXT  H N N 286 
SER N    N N N 287 
SER CA   C N S 288 
SER C    C N N 289 
SER O    O N N 290 
SER CB   C N N 291 
SER OG   O N N 292 
SER OXT  O N N 293 
SER H    H N N 294 
SER H2   H N N 295 
SER HA   H N N 296 
SER HB2  H N N 297 
SER HB3  H N N 298 
SER HG   H N N 299 
SER HXT  H N N 300 
THR N    N N N 301 
THR CA   C N S 302 
THR C    C N N 303 
THR O    O N N 304 
THR CB   C N R 305 
THR OG1  O N N 306 
THR CG2  C N N 307 
THR OXT  O N N 308 
THR H    H N N 309 
THR H2   H N N 310 
THR HA   H N N 311 
THR HB   H N N 312 
THR HG1  H N N 313 
THR HG21 H N N 314 
THR HG22 H N N 315 
THR HG23 H N N 316 
THR HXT  H N N 317 
TRP N    N N N 318 
TRP CA   C N S 319 
TRP C    C N N 320 
TRP O    O N N 321 
TRP CB   C N N 322 
TRP CG   C Y N 323 
TRP CD1  C Y N 324 
TRP CD2  C Y N 325 
TRP NE1  N Y N 326 
TRP CE2  C Y N 327 
TRP CE3  C Y N 328 
TRP CZ2  C Y N 329 
TRP CZ3  C Y N 330 
TRP CH2  C Y N 331 
TRP OXT  O N N 332 
TRP H    H N N 333 
TRP H2   H N N 334 
TRP HA   H N N 335 
TRP HB2  H N N 336 
TRP HB3  H N N 337 
TRP HD1  H N N 338 
TRP HE1  H N N 339 
TRP HE3  H N N 340 
TRP HZ2  H N N 341 
TRP HZ3  H N N 342 
TRP HH2  H N N 343 
TRP HXT  H N N 344 
TYR N    N N N 345 
TYR CA   C N S 346 
TYR C    C N N 347 
TYR O    O N N 348 
TYR CB   C N N 349 
TYR CG   C Y N 350 
TYR CD1  C Y N 351 
TYR CD2  C Y N 352 
TYR CE1  C Y N 353 
TYR CE2  C Y N 354 
TYR CZ   C Y N 355 
TYR OH   O N N 356 
TYR OXT  O N N 357 
TYR H    H N N 358 
TYR H2   H N N 359 
TYR HA   H N N 360 
TYR HB2  H N N 361 
TYR HB3  H N N 362 
TYR HD1  H N N 363 
TYR HD2  H N N 364 
TYR HE1  H N N 365 
TYR HE2  H N N 366 
TYR HH   H N N 367 
TYR HXT  H N N 368 
VAL N    N N N 369 
VAL CA   C N S 370 
VAL C    C N N 371 
VAL O    O N N 372 
VAL CB   C N N 373 
VAL CG1  C N N 374 
VAL CG2  C N N 375 
VAL OXT  O N N 376 
VAL H    H N N 377 
VAL H2   H N N 378 
VAL HA   H N N 379 
VAL HB   H N N 380 
VAL HG11 H N N 381 
VAL HG12 H N N 382 
VAL HG13 H N N 383 
VAL HG21 H N N 384 
VAL HG22 H N N 385 
VAL HG23 H N N 386 
VAL HXT  H N N 387 
# 
loop_
_chem_comp_bond.comp_id 
_chem_comp_bond.atom_id_1 
_chem_comp_bond.atom_id_2 
_chem_comp_bond.value_order 
_chem_comp_bond.pdbx_aromatic_flag 
_chem_comp_bond.pdbx_stereo_config 
_chem_comp_bond.pdbx_ordinal 
ALA N   CA   sing N N 1   
ALA N   H    sing N N 2   
ALA N   H2   sing N N 3   
ALA CA  C    sing N N 4   
ALA CA  CB   sing N N 5   
ALA CA  HA   sing N N 6   
ALA C   O    doub N N 7   
ALA C   OXT  sing N N 8   
ALA CB  HB1  sing N N 9   
ALA CB  HB2  sing N N 10  
ALA CB  HB3  sing N N 11  
ALA OXT HXT  sing N N 12  
ARG N   CA   sing N N 13  
ARG N   H    sing N N 14  
ARG N   H2   sing N N 15  
ARG CA  C    sing N N 16  
ARG CA  CB   sing N N 17  
ARG CA  HA   sing N N 18  
ARG C   O    doub N N 19  
ARG C   OXT  sing N N 20  
ARG CB  CG   sing N N 21  
ARG CB  HB2  sing N N 22  
ARG CB  HB3  sing N N 23  
ARG CG  CD   sing N N 24  
ARG CG  HG2  sing N N 25  
ARG CG  HG3  sing N N 26  
ARG CD  NE   sing N N 27  
ARG CD  HD2  sing N N 28  
ARG CD  HD3  sing N N 29  
ARG NE  CZ   sing N N 30  
ARG NE  HE   sing N N 31  
ARG CZ  NH1  sing N N 32  
ARG CZ  NH2  doub N N 33  
ARG NH1 HH11 sing N N 34  
ARG NH1 HH12 sing N N 35  
ARG NH2 HH21 sing N N 36  
ARG NH2 HH22 sing N N 37  
ARG OXT HXT  sing N N 38  
ASN N   CA   sing N N 39  
ASN N   H    sing N N 40  
ASN N   H2   sing N N 41  
ASN CA  C    sing N N 42  
ASN CA  CB   sing N N 43  
ASN CA  HA   sing N N 44  
ASN C   O    doub N N 45  
ASN C   OXT  sing N N 46  
ASN CB  CG   sing N N 47  
ASN CB  HB2  sing N N 48  
ASN CB  HB3  sing N N 49  
ASN CG  OD1  doub N N 50  
ASN CG  ND2  sing N N 51  
ASN ND2 HD21 sing N N 52  
ASN ND2 HD22 sing N N 53  
ASN OXT HXT  sing N N 54  
ASP N   CA   sing N N 55  
ASP N   H    sing N N 56  
ASP N   H2   sing N N 57  
ASP CA  C    sing N N 58  
ASP CA  CB   sing N N 59  
ASP CA  HA   sing N N 60  
ASP C   O    doub N N 61  
ASP C   OXT  sing N N 62  
ASP CB  CG   sing N N 63  
ASP CB  HB2  sing N N 64  
ASP CB  HB3  sing N N 65  
ASP CG  OD1  doub N N 66  
ASP CG  OD2  sing N N 67  
ASP OD2 HD2  sing N N 68  
ASP OXT HXT  sing N N 69  
CYS N   CA   sing N N 70  
CYS N   H    sing N N 71  
CYS N   H2   sing N N 72  
CYS CA  C    sing N N 73  
CYS CA  CB   sing N N 74  
CYS CA  HA   sing N N 75  
CYS C   O    doub N N 76  
CYS C   OXT  sing N N 77  
CYS CB  SG   sing N N 78  
CYS CB  HB2  sing N N 79  
CYS CB  HB3  sing N N 80  
CYS SG  HG   sing N N 81  
CYS OXT HXT  sing N N 82  
GLN N   CA   sing N N 83  
GLN N   H    sing N N 84  
GLN N   H2   sing N N 85  
GLN CA  C    sing N N 86  
GLN CA  CB   sing N N 87  
GLN CA  HA   sing N N 88  
GLN C   O    doub N N 89  
GLN C   OXT  sing N N 90  
GLN CB  CG   sing N N 91  
GLN CB  HB2  sing N N 92  
GLN CB  HB3  sing N N 93  
GLN CG  CD   sing N N 94  
GLN CG  HG2  sing N N 95  
GLN CG  HG3  sing N N 96  
GLN CD  OE1  doub N N 97  
GLN CD  NE2  sing N N 98  
GLN NE2 HE21 sing N N 99  
GLN NE2 HE22 sing N N 100 
GLN OXT HXT  sing N N 101 
GLU N   CA   sing N N 102 
GLU N   H    sing N N 103 
GLU N   H2   sing N N 104 
GLU CA  C    sing N N 105 
GLU CA  CB   sing N N 106 
GLU CA  HA   sing N N 107 
GLU C   O    doub N N 108 
GLU C   OXT  sing N N 109 
GLU CB  CG   sing N N 110 
GLU CB  HB2  sing N N 111 
GLU CB  HB3  sing N N 112 
GLU CG  CD   sing N N 113 
GLU CG  HG2  sing N N 114 
GLU CG  HG3  sing N N 115 
GLU CD  OE1  doub N N 116 
GLU CD  OE2  sing N N 117 
GLU OE2 HE2  sing N N 118 
GLU OXT HXT  sing N N 119 
GLY N   CA   sing N N 120 
GLY N   H    sing N N 121 
GLY N   H2   sing N N 122 
GLY CA  C    sing N N 123 
GLY CA  HA2  sing N N 124 
GLY CA  HA3  sing N N 125 
GLY C   O    doub N N 126 
GLY C   OXT  sing N N 127 
GLY OXT HXT  sing N N 128 
HIS N   CA   sing N N 129 
HIS N   H    sing N N 130 
HIS N   H2   sing N N 131 
HIS CA  C    sing N N 132 
HIS CA  CB   sing N N 133 
HIS CA  HA   sing N N 134 
HIS C   O    doub N N 135 
HIS C   OXT  sing N N 136 
HIS CB  CG   sing N N 137 
HIS CB  HB2  sing N N 138 
HIS CB  HB3  sing N N 139 
HIS CG  ND1  sing Y N 140 
HIS CG  CD2  doub Y N 141 
HIS ND1 CE1  doub Y N 142 
HIS ND1 HD1  sing N N 143 
HIS CD2 NE2  sing Y N 144 
HIS CD2 HD2  sing N N 145 
HIS CE1 NE2  sing Y N 146 
HIS CE1 HE1  sing N N 147 
HIS NE2 HE2  sing N N 148 
HIS OXT HXT  sing N N 149 
ILE N   CA   sing N N 150 
ILE N   H    sing N N 151 
ILE N   H2   sing N N 152 
ILE CA  C    sing N N 153 
ILE CA  CB   sing N N 154 
ILE CA  HA   sing N N 155 
ILE C   O    doub N N 156 
ILE C   OXT  sing N N 157 
ILE CB  CG1  sing N N 158 
ILE CB  CG2  sing N N 159 
ILE CB  HB   sing N N 160 
ILE CG1 CD1  sing N N 161 
ILE CG1 HG12 sing N N 162 
ILE CG1 HG13 sing N N 163 
ILE CG2 HG21 sing N N 164 
ILE CG2 HG22 sing N N 165 
ILE CG2 HG23 sing N N 166 
ILE CD1 HD11 sing N N 167 
ILE CD1 HD12 sing N N 168 
ILE CD1 HD13 sing N N 169 
ILE OXT HXT  sing N N 170 
LEU N   CA   sing N N 171 
LEU N   H    sing N N 172 
LEU N   H2   sing N N 173 
LEU CA  C    sing N N 174 
LEU CA  CB   sing N N 175 
LEU CA  HA   sing N N 176 
LEU C   O    doub N N 177 
LEU C   OXT  sing N N 178 
LEU CB  CG   sing N N 179 
LEU CB  HB2  sing N N 180 
LEU CB  HB3  sing N N 181 
LEU CG  CD1  sing N N 182 
LEU CG  CD2  sing N N 183 
LEU CG  HG   sing N N 184 
LEU CD1 HD11 sing N N 185 
LEU CD1 HD12 sing N N 186 
LEU CD1 HD13 sing N N 187 
LEU CD2 HD21 sing N N 188 
LEU CD2 HD22 sing N N 189 
LEU CD2 HD23 sing N N 190 
LEU OXT HXT  sing N N 191 
LYS N   CA   sing N N 192 
LYS N   H    sing N N 193 
LYS N   H2   sing N N 194 
LYS CA  C    sing N N 195 
LYS CA  CB   sing N N 196 
LYS CA  HA   sing N N 197 
LYS C   O    doub N N 198 
LYS C   OXT  sing N N 199 
LYS CB  CG   sing N N 200 
LYS CB  HB2  sing N N 201 
LYS CB  HB3  sing N N 202 
LYS CG  CD   sing N N 203 
LYS CG  HG2  sing N N 204 
LYS CG  HG3  sing N N 205 
LYS CD  CE   sing N N 206 
LYS CD  HD2  sing N N 207 
LYS CD  HD3  sing N N 208 
LYS CE  NZ   sing N N 209 
LYS CE  HE2  sing N N 210 
LYS CE  HE3  sing N N 211 
LYS NZ  HZ1  sing N N 212 
LYS NZ  HZ2  sing N N 213 
LYS NZ  HZ3  sing N N 214 
LYS OXT HXT  sing N N 215 
MET N   CA   sing N N 216 
MET N   H    sing N N 217 
MET N   H2   sing N N 218 
MET CA  C    sing N N 219 
MET CA  CB   sing N N 220 
MET CA  HA   sing N N 221 
MET C   O    doub N N 222 
MET C   OXT  sing N N 223 
MET CB  CG   sing N N 224 
MET CB  HB2  sing N N 225 
MET CB  HB3  sing N N 226 
MET CG  SD   sing N N 227 
MET CG  HG2  sing N N 228 
MET CG  HG3  sing N N 229 
MET SD  CE   sing N N 230 
MET CE  HE1  sing N N 231 
MET CE  HE2  sing N N 232 
MET CE  HE3  sing N N 233 
MET OXT HXT  sing N N 234 
PHE N   CA   sing N N 235 
PHE N   H    sing N N 236 
PHE N   H2   sing N N 237 
PHE CA  C    sing N N 238 
PHE CA  CB   sing N N 239 
PHE CA  HA   sing N N 240 
PHE C   O    doub N N 241 
PHE C   OXT  sing N N 242 
PHE CB  CG   sing N N 243 
PHE CB  HB2  sing N N 244 
PHE CB  HB3  sing N N 245 
PHE CG  CD1  doub Y N 246 
PHE CG  CD2  sing Y N 247 
PHE CD1 CE1  sing Y N 248 
PHE CD1 HD1  sing N N 249 
PHE CD2 CE2  doub Y N 250 
PHE CD2 HD2  sing N N 251 
PHE CE1 CZ   doub Y N 252 
PHE CE1 HE1  sing N N 253 
PHE CE2 CZ   sing Y N 254 
PHE CE2 HE2  sing N N 255 
PHE CZ  HZ   sing N N 256 
PHE OXT HXT  sing N N 257 
PRO N   CA   sing N N 258 
PRO N   CD   sing N N 259 
PRO N   H    sing N N 260 
PRO CA  C    sing N N 261 
PRO CA  CB   sing N N 262 
PRO CA  HA   sing N N 263 
PRO C   O    doub N N 264 
PRO C   OXT  sing N N 265 
PRO CB  CG   sing N N 266 
PRO CB  HB2  sing N N 267 
PRO CB  HB3  sing N N 268 
PRO CG  CD   sing N N 269 
PRO CG  HG2  sing N N 270 
PRO CG  HG3  sing N N 271 
PRO CD  HD2  sing N N 272 
PRO CD  HD3  sing N N 273 
PRO OXT HXT  sing N N 274 
SER N   CA   sing N N 275 
SER N   H    sing N N 276 
SER N   H2   sing N N 277 
SER CA  C    sing N N 278 
SER CA  CB   sing N N 279 
SER CA  HA   sing N N 280 
SER C   O    doub N N 281 
SER C   OXT  sing N N 282 
SER CB  OG   sing N N 283 
SER CB  HB2  sing N N 284 
SER CB  HB3  sing N N 285 
SER OG  HG   sing N N 286 
SER OXT HXT  sing N N 287 
THR N   CA   sing N N 288 
THR N   H    sing N N 289 
THR N   H2   sing N N 290 
THR CA  C    sing N N 291 
THR CA  CB   sing N N 292 
THR CA  HA   sing N N 293 
THR C   O    doub N N 294 
THR C   OXT  sing N N 295 
THR CB  OG1  sing N N 296 
THR CB  CG2  sing N N 297 
THR CB  HB   sing N N 298 
THR OG1 HG1  sing N N 299 
THR CG2 HG21 sing N N 300 
THR CG2 HG22 sing N N 301 
THR CG2 HG23 sing N N 302 
THR OXT HXT  sing N N 303 
TRP N   CA   sing N N 304 
TRP N   H    sing N N 305 
TRP N   H2   sing N N 306 
TRP CA  C    sing N N 307 
TRP CA  CB   sing N N 308 
TRP CA  HA   sing N N 309 
TRP C   O    doub N N 310 
TRP C   OXT  sing N N 311 
TRP CB  CG   sing N N 312 
TRP CB  HB2  sing N N 313 
TRP CB  HB3  sing N N 314 
TRP CG  CD1  doub Y N 315 
TRP CG  CD2  sing Y N 316 
TRP CD1 NE1  sing Y N 317 
TRP CD1 HD1  sing N N 318 
TRP CD2 CE2  doub Y N 319 
TRP CD2 CE3  sing Y N 320 
TRP NE1 CE2  sing Y N 321 
TRP NE1 HE1  sing N N 322 
TRP CE2 CZ2  sing Y N 323 
TRP CE3 CZ3  doub Y N 324 
TRP CE3 HE3  sing N N 325 
TRP CZ2 CH2  doub Y N 326 
TRP CZ2 HZ2  sing N N 327 
TRP CZ3 CH2  sing Y N 328 
TRP CZ3 HZ3  sing N N 329 
TRP CH2 HH2  sing N N 330 
TRP OXT HXT  sing N N 331 
TYR N   CA   sing N N 332 
TYR N   H    sing N N 333 
TYR N   H2   sing N N 334 
TYR CA  C    sing N N 335 
TYR CA  CB   sing N N 336 
TYR CA  HA   sing N N 337 
TYR C   O    doub N N 338 
TYR C   OXT  sing N N 339 
TYR CB  CG   sing N N 340 
TYR CB  HB2  sing N N 341 
TYR CB  HB3  sing N N 342 
TYR CG  CD1  doub Y N 343 
TYR CG  CD2  sing Y N 344 
TYR CD1 CE1  sing Y N 345 
TYR CD1 HD1  sing N N 346 
TYR CD2 CE2  doub Y N 347 
TYR CD2 HD2  sing N N 348 
TYR CE1 CZ   doub Y N 349 
TYR CE1 HE1  sing N N 350 
TYR CE2 CZ   sing Y N 351 
TYR CE2 HE2  sing N N 352 
TYR CZ  OH   sing N N 353 
TYR OH  HH   sing N N 354 
TYR OXT HXT  sing N N 355 
VAL N   CA   sing N N 356 
VAL N   H    sing N N 357 
VAL N   H2   sing N N 358 
VAL CA  C    sing N N 359 
VAL CA  CB   sing N N 360 
VAL CA  HA   sing N N 361 
VAL C   O    doub N N 362 
VAL C   OXT  sing N N 363 
VAL CB  CG1  sing N N 364 
VAL CB  CG2  sing N N 365 
VAL CB  HB   sing N N 366 
VAL CG1 HG11 sing N N 367 
VAL CG1 HG12 sing N N 368 
VAL CG1 HG13 sing N N 369 
VAL CG2 HG21 sing N N 370 
VAL CG2 HG22 sing N N 371 
VAL CG2 HG23 sing N N 372 
VAL OXT HXT  sing N N 373 
# 
_em_ctf_correction.details                  ? 
_em_ctf_correction.em_image_processing_id   1 
_em_ctf_correction.id                       1 
_em_ctf_correction.type                     'PHASE FLIPPING AND AMPLITUDE CORRECTION' 
# 
_em_entity_assembly_molwt.entity_assembly_id   1 
_em_entity_assembly_molwt.experimental_flag    NO 
_em_entity_assembly_molwt.id                   1 
_em_entity_assembly_molwt.units                MEGADALTONS 
_em_entity_assembly_molwt.value                1.45 
# 
_em_entity_assembly_naturalsource.cell                 ? 
_em_entity_assembly_naturalsource.cellular_location    ? 
_em_entity_assembly_naturalsource.entity_assembly_id   1 
_em_entity_assembly_naturalsource.id                   2 
_em_entity_assembly_naturalsource.ncbi_tax_id          3906 
_em_entity_assembly_naturalsource.organism             'Vicia faba' 
_em_entity_assembly_naturalsource.organelle            ? 
_em_entity_assembly_naturalsource.organ                ? 
_em_entity_assembly_naturalsource.strain               ? 
_em_entity_assembly_naturalsource.tissue               ? 
_em_entity_assembly_naturalsource.details              ? 
# 
_em_image_processing.details              ? 
_em_image_processing.id                   1 
_em_image_processing.image_recording_id   1 
# 
_em_image_recording.average_exposure_time               ? 
_em_image_recording.avg_electron_dose_per_subtomogram   ? 
_em_image_recording.avg_electron_dose_per_image         7.34 
_em_image_recording.details                             ? 
_em_image_recording.detector_mode                       ? 
_em_image_recording.film_or_detector_model              'GATAN K2 QUANTUM (4k x 4k)' 
_em_image_recording.id                                  1 
_em_image_recording.imaging_id                          1 
_em_image_recording.num_diffraction_images              ? 
_em_image_recording.num_grids_imaged                    ? 
_em_image_recording.num_real_images                     ? 
# 
loop_
_em_software.category 
_em_software.details 
_em_software.id 
_em_software.image_processing_id 
_em_software.fitting_id 
_em_software.imaging_id 
_em_software.name 
_em_software.version 
'PARTICLE SELECTION'            ? 1  1 ? ? ?       ?        
'IMAGE ACQUISITION'             ? 2  ? ? 1 ?       ?        
MASKING                         ? 3  ? ? ? ?       ?        
'CTF CORRECTION'                ? 4  1 ? ? CTFFIND 4.1.13   
'LAYERLINE INDEXING'            ? 5  ? ? ? ?       ?        
'DIFFRACTION INDEXING'          ? 6  ? ? ? ?       ?        
'MODEL FITTING'                 ? 7  ? 1 ? ?       ?        
OTHER                           ? 8  ? ? ? ?       ?        
'INITIAL EULER ASSIGNMENT'      ? 9  1 ? ? RELION  4.0.0    
'FINAL EULER ASSIGNMENT'        ? 10 1 ? ? RELION  4.0.0    
CLASSIFICATION                  ? 11 1 ? ? RELION  4.0.0    
RECONSTRUCTION                  ? 12 1 ? ? RELION  4.0.0    
'MODEL REFINEMENT'              ? 13 ? 1 ? Coot    0.9.8.92 
'MODEL REFINEMENT'              ? 14 ? 1 ? PHENIX  1.20.1   
'VOLUME SELECTION'              ? 15 1 1 1 ?       ?        
'SERIES ALIGNMENT'              ? 16 1 1 1 ?       ?        
'MOLECULAR REPLACEMENT'         ? 17 1 1 1 ?       ?        
'LATTICE DISTORTION CORRECTION' ? 18 1 1 1 ?       ?        
'SYMMETRY DETERMINATION'        ? 19 1 1 1 ?       ?        
'CRYSTALLOGRAPHY MERGING'       ? 20 1 1 1 ?       ?        
# 
_em_specimen.concentration           ? 
_em_specimen.details                 ? 
_em_specimen.embedding_applied       NO 
_em_specimen.experiment_id           1 
_em_specimen.id                      1 
_em_specimen.shadowing_applied       NO 
_em_specimen.staining_applied        NO 
_em_specimen.vitrification_applied   YES 
# 
_pdbx_audit_support.funding_organization   'Montpellier University of Excellence (MUSE)' 
_pdbx_audit_support.country                France 
_pdbx_audit_support.grant_number           BLANC-MUSE2020-Multivir 
_pdbx_audit_support.ordinal                1 
# 
_pdbx_initial_refinement_model.id               1 
_pdbx_initial_refinement_model.entity_id_list   ? 
_pdbx_initial_refinement_model.type             other 
_pdbx_initial_refinement_model.source_name      Other 
_pdbx_initial_refinement_model.accession_code   ? 
_pdbx_initial_refinement_model.details          ? 
# 
_space_group.crystal_system   triclinic 
_space_group.name_H-M_alt     'P 1' 
_space_group.IT_number        1 
_space_group.name_Hall        'P 1' 
_space_group.id               1 
# 
_atom_sites.entry_id                    9EZ8 
_atom_sites.Cartn_transf_matrix[1][1]   ? 
_atom_sites.Cartn_transf_matrix[1][2]   ? 
_atom_sites.Cartn_transf_matrix[1][3]   ? 
_atom_sites.Cartn_transf_matrix[2][1]   ? 
_atom_sites.Cartn_transf_matrix[2][2]   ? 
_atom_sites.Cartn_transf_matrix[2][3]   ? 
_atom_sites.Cartn_transf_matrix[3][1]   ? 
_atom_sites.Cartn_transf_matrix[3][2]   ? 
_atom_sites.Cartn_transf_matrix[3][3]   ? 
_atom_sites.Cartn_transf_vector[1]      ? 
_atom_sites.Cartn_transf_vector[2]      ? 
_atom_sites.Cartn_transf_vector[3]      ? 
_atom_sites.Cartn_transform_axes        ? 
_atom_sites.fract_transf_matrix[1][1]   1.000000 
_atom_sites.fract_transf_matrix[1][2]   0.000000 
_atom_sites.fract_transf_matrix[1][3]   0.000000 
_atom_sites.fract_transf_matrix[2][1]   0.000000 
_atom_sites.fract_transf_matrix[2][2]   1.000000 
_atom_sites.fract_transf_matrix[2][3]   0.000000 
_atom_sites.fract_transf_matrix[3][1]   0.000000 
_atom_sites.fract_transf_matrix[3][2]   0.000000 
_atom_sites.fract_transf_matrix[3][3]   1.000000 
_atom_sites.fract_transf_vector[1]      0.00000 
_atom_sites.fract_transf_vector[2]      0.00000 
_atom_sites.fract_transf_vector[3]      0.00000 
_atom_sites.solution_primary            ? 
_atom_sites.solution_secondary          ? 
_atom_sites.solution_hydrogens          ? 
_atom_sites.special_details             ? 
# 
loop_
_atom_type.symbol 
C 
N 
O 
S 
# 
loop_
_atom_site.group_PDB 
_atom_site.id 
_atom_site.type_symbol 
_atom_site.label_atom_id 
_atom_site.label_alt_id 
_atom_site.label_comp_id 
_atom_site.label_asym_id 
_atom_site.label_entity_id 
_atom_site.label_seq_id 
_atom_site.pdbx_PDB_ins_code 
_atom_site.Cartn_x 
_atom_site.Cartn_y 
_atom_site.Cartn_z 
_atom_site.occupancy 
_atom_site.B_iso_or_equiv 
_atom_site.pdbx_formal_charge 
_atom_site.auth_seq_id 
_atom_site.auth_comp_id 
_atom_site.auth_asym_id 
_atom_site.auth_atom_id 
_atom_site.pdbx_PDB_model_num 
ATOM 1    N N   . ALA A 1 1   ? -18.76904 23.95798  14.11940  1.000 28.56353 ? 72  ALA A N   1 
ATOM 2    C CA  . ALA A 1 1   ? -19.87353 23.64519  13.22015  1.000 28.56353 ? 72  ALA A CA  1 
ATOM 3    C C   . ALA A 1 1   ? -19.35744 23.26889  11.83544  1.000 28.56353 ? 72  ALA A C   1 
ATOM 4    O O   . ALA A 1 1   ? -20.13795 23.06777  10.90471  1.000 28.56353 ? 72  ALA A O   1 
ATOM 5    C CB  . ALA A 1 1   ? -20.83297 24.82151  13.12858  1.000 28.56353 ? 72  ALA A CB  1 
ATOM 6    N N   . VAL A 1 2   ? -18.02580 23.21420  11.70725  1.000 26.61082 ? 73  VAL A N   1 
ATOM 7    C CA  . VAL A 1 2   ? -17.38315 22.88337  10.40004  1.000 26.61082 ? 73  VAL A CA  1 
ATOM 8    C C   . VAL A 1 2   ? -17.46739 21.36619  10.19201  1.000 26.61082 ? 73  VAL A C   1 
ATOM 9    O O   . VAL A 1 2   ? -17.05481 20.62338  11.09994  1.000 26.61082 ? 73  VAL A O   1 
ATOM 10   C CB  . VAL A 1 2   ? -15.92866 23.39473  10.37194  1.000 26.61082 ? 73  VAL A CB  1 
ATOM 11   C CG1 . VAL A 1 2   ? -15.13713 22.81608  9.20658   1.000 26.61082 ? 73  VAL A CG1 1 
ATOM 12   C CG2 . VAL A 1 2   ? -15.85775 24.91561  10.37341  1.000 26.61082 ? 73  VAL A CG2 1 
ATOM 13   N N   . ARG A 1 3   ? -17.99582 20.93423  9.04943   1.000 26.41757 ? 74  ARG A N   1 
ATOM 14   C CA  . ARG A 1 3   ? -18.09667 19.48847  8.73535   1.000 26.41757 ? 74  ARG A CA  1 
ATOM 15   C C   . ARG A 1 3   ? -16.70336 18.85457  8.62579   1.000 26.41757 ? 74  ARG A C   1 
ATOM 16   O O   . ARG A 1 3   ? -15.94017 19.27949  7.74927   1.000 26.41757 ? 74  ARG A O   1 
ATOM 17   C CB  . ARG A 1 3   ? -18.88915 19.32141  7.43691   1.000 26.41757 ? 74  ARG A CB  1 
ATOM 18   C CG  . ARG A 1 3   ? -19.38910 17.90298  7.20866   1.000 26.41757 ? 74  ARG A CG  1 
ATOM 19   C CD  . ARG A 1 3   ? -20.28824 17.80157  5.98979   1.000 26.41757 ? 74  ARG A CD  1 
ATOM 20   N NE  . ARG A 1 3   ? -19.59408 18.21053  4.76549   1.000 26.41757 ? 74  ARG A NE  1 
ATOM 21   C CZ  . ARG A 1 3   ? -20.02668 17.96331  3.53794   1.000 26.41757 ? 74  ARG A CZ  1 
ATOM 22   N NH1 . ARG A 1 3   ? -21.32105 17.93195  3.28816   1.000 26.41757 ? 74  ARG A NH1 1 
ATOM 23   N NH2 . ARG A 1 3   ? -19.16488 17.74644  2.56300   1.000 26.41757 ? 74  ARG A NH2 1 
ATOM 24   N N   . HIS A 1 4   ? -16.40489 17.87382  9.47899   1.000 23.90701 ? 75  HIS A N   1 
ATOM 25   C CA  . HIS A 1 4   ? -15.11411 17.14233  9.42281   1.000 23.90701 ? 75  HIS A CA  1 
ATOM 26   C C   . HIS A 1 4   ? -15.39004 15.76572  8.82726   1.000 23.90701 ? 75  HIS A C   1 
ATOM 27   O O   . HIS A 1 4   ? -15.91124 14.90345  9.54179   1.000 23.90701 ? 75  HIS A O   1 
ATOM 28   C CB  . HIS A 1 4   ? -14.49183 17.05881  10.81647  1.000 23.90701 ? 75  HIS A CB  1 
ATOM 29   C CG  . HIS A 1 4   ? -13.90387 18.33290  11.31307  1.000 23.90701 ? 75  HIS A CG  1 
ATOM 30   N ND1 . HIS A 1 4   ? -14.66819 19.41849  11.67551  1.000 23.90701 ? 75  HIS A ND1 1 
ATOM 31   C CD2 . HIS A 1 4   ? -12.63447 18.68996  11.52067  1.000 23.90701 ? 75  HIS A CD2 1 
ATOM 32   C CE1 . HIS A 1 4   ? -13.87237 20.39608  12.07958  1.000 23.90701 ? 75  HIS A CE1 1 
ATOM 33   N NE2 . HIS A 1 4   ? -12.63244 19.97466  11.99397  1.000 23.90701 ? 75  HIS A NE2 1 
ATOM 34   N N   . LEU A 1 5   ? -15.06799 15.57168  7.54636   1.000 22.33376 ? 76  LEU A N   1 
ATOM 35   C CA  . LEU A 1 5   ? -15.33586 14.28387  6.86023   1.000 22.33376 ? 76  LEU A CA  1 
ATOM 36   C C   . LEU A 1 5   ? -14.11393 13.37282  6.99354   1.000 22.33376 ? 76  LEU A C   1 
ATOM 37   O O   . LEU A 1 5   ? -13.03478 13.74532  6.52612   1.000 22.33376 ? 76  LEU A O   1 
ATOM 38   C CB  . LEU A 1 5   ? -15.70765 14.52095  5.40082   1.000 22.33376 ? 76  LEU A CB  1 
ATOM 39   C CG  . LEU A 1 5   ? -16.88533 15.46396  5.14577   1.000 22.33376 ? 76  LEU A CG  1 
ATOM 40   C CD1 . LEU A 1 5   ? -16.39089 16.79529  4.61298   1.000 22.33376 ? 76  LEU A CD1 1 
ATOM 41   C CD2 . LEU A 1 5   ? -17.82466 14.81283  4.15229   1.000 22.33376 ? 76  LEU A CD2 1 
ATOM 42   N N   . THR A 1 6   ? -14.27980 12.23672  7.65820   1.000 20.53175 ? 77  THR A N   1 
ATOM 43   C CA  . THR A 1 6   ? -13.17850 11.28083  7.83303   1.000 20.53175 ? 77  THR A CA  1 
ATOM 44   C C   . THR A 1 6   ? -13.62758 9.92537   7.36239   1.000 20.53175 ? 77  THR A C   1 
ATOM 45   O O   . THR A 1 6   ? -14.83896 9.67806   7.37680   1.000 20.53175 ? 77  THR A O   1 
ATOM 46   C CB  . THR A 1 6   ? -12.77268 11.21745  9.30392   1.000 20.53175 ? 77  THR A CB  1 
ATOM 47   O OG1 . THR A 1 6   ? -12.91149 12.53541  9.82439   1.000 20.53175 ? 77  THR A OG1 1 
ATOM 48   C CG2 . THR A 1 6   ? -11.34909 10.72883  9.50250   1.000 20.53175 ? 77  THR A CG2 1 
ATOM 49   N N   . GLY A 1 7   ? -12.69525 9.07986   6.93817   1.000 18.23720 ? 78  GLY A N   1 
ATOM 50   C CA  . GLY A 1 7   ? -12.98552 7.70738   6.58195   1.000 18.23720 ? 78  GLY A CA  1 
ATOM 51   C C   . GLY A 1 7   ? -13.14269 6.82915   7.80826   1.000 18.23720 ? 78  GLY A C   1 
ATOM 52   O O   . GLY A 1 7   ? -12.52072 7.04642   8.84819   1.000 18.23720 ? 78  GLY A O   1 
ATOM 53   N N   . SER A 1 8   ? -13.99131 5.81554   7.67847   1.000 18.99575 ? 79  SER A N   1 
ATOM 54   C CA  . SER A 1 8   ? -14.29300 4.90626   8.77314   1.000 18.99575 ? 79  SER A CA  1 
ATOM 55   C C   . SER A 1 8   ? -13.53883 3.59598   8.59206   1.000 18.99575 ? 79  SER A C   1 
ATOM 56   O O   . SER A 1 8   ? -13.51802 3.02458   7.49849   1.000 18.99575 ? 79  SER A O   1 
ATOM 57   C CB  . SER A 1 8   ? -15.79620 4.63555   8.85855   1.000 18.99575 ? 79  SER A CB  1 
ATOM 58   O OG  . SER A 1 8   ? -16.09277 3.74725   9.92136   1.000 18.99575 ? 79  SER A OG  1 
ATOM 59   N N   . VAL A 1 9   ? -12.91675 3.12540   9.67419   1.000 18.55229 ? 80  VAL A N   1 
ATOM 60   C CA  . VAL A 1 9   ? -12.20776 1.85008   9.65137   1.000 18.55229 ? 80  VAL A CA  1 
ATOM 61   C C   . VAL A 1 9   ? -13.09837 0.68090   10.04618  1.000 18.55229 ? 80  VAL A C   1 
ATOM 62   O O   . VAL A 1 9   ? -12.66280 -0.47678  9.93946   1.000 18.55229 ? 80  VAL A O   1 
ATOM 63   C CB  . VAL A 1 9   ? -10.96102 1.88653   10.56036  1.000 18.55229 ? 80  VAL A CB  1 
ATOM 64   C CG1 . VAL A 1 9   ? -9.97189  2.92296   10.05693  1.000 18.55229 ? 80  VAL A CG1 1 
ATOM 65   C CG2 . VAL A 1 9   ? -11.36198 2.17500   11.99763  1.000 18.55229 ? 80  VAL A CG2 1 
ATOM 66   N N   . THR A 1 10  ? -14.32548 0.94091   10.49141  1.000 22.62182 ? 81  THR A N   1 
ATOM 67   C CA  . THR A 1 10  ? -15.25434 -0.11518  10.87051  1.000 22.62182 ? 81  THR A CA  1 
ATOM 68   C C   . THR A 1 10  ? -16.25147 -0.45783  9.77387   1.000 22.62182 ? 81  THR A C   1 
ATOM 69   O O   . THR A 1 10  ? -16.74125 -1.59139  9.73161   1.000 22.62182 ? 81  THR A O   1 
ATOM 70   C CB  . THR A 1 10  ? -16.02257 0.28301   12.13498  1.000 22.62182 ? 81  THR A CB  1 
ATOM 71   O OG1 . THR A 1 10  ? -16.75473 1.49001   11.89073  1.000 22.62182 ? 81  THR A OG1 1 
ATOM 72   C CG2 . THR A 1 10  ? -15.06036 0.50770   13.29089  1.000 22.62182 ? 81  THR A CG2 1 
ATOM 73   N N   . ARG A 1 11  ? -16.56481 0.48849   8.89056   1.000 24.67079 ? 82  ARG A N   1 
ATOM 74   C CA  . ARG A 1 11  ? -17.49738 0.24569   7.78841   1.000 24.67079 ? 82  ARG A CA  1 
ATOM 75   C C   . ARG A 1 11  ? -16.73077 -0.30061  6.58385   1.000 24.67079 ? 82  ARG A C   1 
ATOM 76   O O   . ARG A 1 11  ? -16.54932 0.35771   5.55829   1.000 24.67079 ? 82  ARG A O   1 
ATOM 77   C CB  . ARG A 1 11  ? -18.25375 1.52078   7.44018   1.000 24.67079 ? 82  ARG A CB  1 
ATOM 78   C CG  . ARG A 1 11  ? -19.13735 2.05275   8.55485   1.000 24.67079 ? 82  ARG A CG  1 
ATOM 79   C CD  . ARG A 1 11  ? -19.71755 3.40806   8.18455   1.000 24.67079 ? 82  ARG A CD  1 
ATOM 80   N NE  . ARG A 1 11  ? -20.44100 3.36542   6.91900   1.000 24.67079 ? 82  ARG A NE  1 
ATOM 81   C CZ  . ARG A 1 11  ? -20.99072 4.42173   6.33499   1.000 24.67079 ? 82  ARG A CZ  1 
ATOM 82   N NH1 . ARG A 1 11  ? -20.91855 5.62687   6.87591   1.000 24.67079 ? 82  ARG A NH1 1 
ATOM 83   N NH2 . ARG A 1 11  ? -21.62796 4.26479   5.17763   1.000 24.67079 ? 82  ARG A NH2 1 
ATOM 84   N N   . THR A 1 12  ? -16.27462 -1.54180  6.72955   1.000 21.37636 ? 83  THR A N   1 
ATOM 85   C CA  . THR A 1 12  ? -15.50239 -2.21262  5.69401   1.000 21.37636 ? 83  THR A CA  1 
ATOM 86   C C   . THR A 1 12  ? -16.35537 -3.08330  4.78194   1.000 21.37636 ? 83  THR A C   1 
ATOM 87   O O   . THR A 1 12  ? -15.80472 -3.77127  3.91655   1.000 21.37636 ? 83  THR A O   1 
ATOM 88   C CB  . THR A 1 12  ? -14.39995 -3.06862  6.32563   1.000 21.37636 ? 83  THR A CB  1 
ATOM 89   O OG1 . THR A 1 12  ? -14.99297 -4.07871  7.15074   1.000 21.37636 ? 83  THR A OG1 1 
ATOM 90   C CG2 . THR A 1 12  ? -13.48017 -2.20645  7.17247   1.000 21.37636 ? 83  THR A CG2 1 
ATOM 91   N N   . GLN A 1 13  ? -17.67385 -3.07583  4.95477   1.000 24.02170 ? 84  GLN A N   1 
ATOM 92   C CA  . GLN A 1 13  ? -18.54119 -3.91290  4.13755   1.000 24.02170 ? 84  GLN A CA  1 
ATOM 93   C C   . GLN A 1 13  ? -18.57127 -3.40303  2.70266   1.000 24.02170 ? 84  GLN A C   1 
ATOM 94   O O   . GLN A 1 13  ? -18.71836 -2.20046  2.46057   1.000 24.02170 ? 84  GLN A O   1 
ATOM 95   C CB  . GLN A 1 13  ? -19.95571 -3.94175  4.71551   1.000 24.02170 ? 84  GLN A CB  1 
ATOM 96   C CG  . GLN A 1 13  ? -20.03339 -4.35848  6.17713   1.000 24.02170 ? 84  GLN A CG  1 
ATOM 97   C CD  . GLN A 1 13  ? -19.83582 -3.19500  7.13075   1.000 24.02170 ? 84  GLN A CD  1 
ATOM 98   O OE1 . GLN A 1 13  ? -20.07482 -2.04026  6.77601   1.000 24.02170 ? 84  GLN A OE1 1 
ATOM 99   N NE2 . GLN A 1 13  ? -19.39513 -3.49323  8.34700   1.000 24.02170 ? 84  GLN A NE2 1 
ATOM 100  N N   . GLY A 1 14  ? -18.42827 -4.32002  1.74937   1.000 20.65802 ? 85  GLY A N   1 
ATOM 101  C CA  . GLY A 1 14  ? -18.49586 -3.97267  0.34628   1.000 20.65802 ? 85  GLY A CA  1 
ATOM 102  C C   . GLY A 1 14  ? -17.24850 -3.34283  -0.22774  1.000 20.65802 ? 85  GLY A C   1 
ATOM 103  O O   . GLY A 1 14  ? -17.28682 -2.86673  -1.36784  1.000 20.65802 ? 85  GLY A O   1 
ATOM 104  N N   . LEU A 1 15  ? -16.14877 -3.31878  0.51700   1.000 16.58068 ? 86  LEU A N   1 
ATOM 105  C CA  . LEU A 1 15  ? -14.90086 -2.72433  0.05775   1.000 16.58068 ? 86  LEU A CA  1 
ATOM 106  C C   . LEU A 1 15  ? -13.93308 -3.81994  -0.36651  1.000 16.58068 ? 86  LEU A C   1 
ATOM 107  O O   . LEU A 1 15  ? -13.66569 -4.75038  0.40086   1.000 16.58068 ? 86  LEU A O   1 
ATOM 108  C CB  . LEU A 1 15  ? -14.27302 -1.85942  1.15150   1.000 16.58068 ? 86  LEU A CB  1 
ATOM 109  C CG  . LEU A 1 15  ? -15.08941 -0.65799  1.62989   1.000 16.58068 ? 86  LEU A CG  1 
ATOM 110  C CD1 . LEU A 1 15  ? -14.34416 0.09506   2.72093   1.000 16.58068 ? 86  LEU A CD1 1 
ATOM 111  C CD2 . LEU A 1 15  ? -15.42317 0.26590   0.46925   1.000 16.58068 ? 86  LEU A CD2 1 
ATOM 112  N N   . ARG A 1 16  ? -13.41216 -3.70550  -1.58439  1.000 13.85584 ? 87  ARG A N   1 
ATOM 113  C CA  . ARG A 1 16  ? -12.42614 -4.63368  -2.11598  1.000 13.85584 ? 87  ARG A CA  1 
ATOM 114  C C   . ARG A 1 16  ? -11.09273 -3.92057  -2.28665  1.000 13.85584 ? 87  ARG A C   1 
ATOM 115  O O   . ARG A 1 16  ? -11.04608 -2.77030  -2.73390  1.000 13.85584 ? 87  ARG A O   1 
ATOM 116  C CB  . ARG A 1 16  ? -12.88292 -5.21988  -3.45415  1.000 13.85584 ? 87  ARG A CB  1 
ATOM 117  C CG  . ARG A 1 16  ? -14.23560 -5.90896  -3.39680  1.000 13.85584 ? 87  ARG A CG  1 
ATOM 118  C CD  . ARG A 1 16  ? -14.52540 -6.69191  -4.66855  1.000 13.85584 ? 87  ARG A CD  1 
ATOM 119  N NE  . ARG A 1 16  ? -13.69073 -7.88145  -4.78313  1.000 13.85584 ? 87  ARG A NE  1 
ATOM 120  C CZ  . ARG A 1 16  ? -12.58178 -7.95370  -5.50646  1.000 13.85584 ? 87  ARG A CZ  1 
ATOM 121  N NH1 . ARG A 1 16  ? -12.14453 -6.92044  -6.20823  1.000 13.85584 ? 87  ARG A NH1 1 
ATOM 122  N NH2 . ARG A 1 16  ? -11.89388 -9.09163  -5.52802  1.000 13.85584 ? 87  ARG A NH2 1 
ATOM 123  N N   . PHE A 1 17  ? -10.00927 -4.60807  -1.93140  1.000 10.34582 ? 88  PHE A N   1 
ATOM 124  C CA  . PHE A 1 17  ? -8.67677  -4.02502  -1.94556  1.000 10.34582 ? 88  PHE A CA  1 
ATOM 125  C C   . PHE A 1 17  ? -7.73341  -4.89841  -2.75760  1.000 10.34582 ? 88  PHE A C   1 
ATOM 126  O O   . PHE A 1 17  ? -7.82991  -6.12803  -2.73071  1.000 10.34582 ? 88  PHE A O   1 
ATOM 127  C CB  . PHE A 1 17  ? -8.12658  -3.86129  -0.52279  1.000 10.34582 ? 88  PHE A CB  1 
ATOM 128  C CG  . PHE A 1 17  ? -9.04453  -3.11320  0.39838   1.000 10.34582 ? 88  PHE A CG  1 
ATOM 129  C CD1 . PHE A 1 17  ? -8.97317  -1.73442  0.49476   1.000 10.34582 ? 88  PHE A CD1 1 
ATOM 130  C CD2 . PHE A 1 17  ? -9.97633  -3.78741  1.16893   1.000 10.34582 ? 88  PHE A CD2 1 
ATOM 131  C CE1 . PHE A 1 17  ? -9.81533  -1.04129  1.33940   1.000 10.34582 ? 88  PHE A CE1 1 
ATOM 132  C CE2 . PHE A 1 17  ? -10.82353 -3.09949  2.01708   1.000 10.34582 ? 88  PHE A CE2 1 
ATOM 133  C CZ  . PHE A 1 17  ? -10.74159 -1.72434  2.10251   1.000 10.34582 ? 88  PHE A CZ  1 
ATOM 134  N N   . ALA A 1 18  ? -6.82045  -4.25151  -3.47611  1.000 8.26788  ? 89  ALA A N   1 
ATOM 135  C CA  . ALA A 1 18  ? -5.75884  -4.92988  -4.20626  1.000 8.26788  ? 89  ALA A CA  1 
ATOM 136  C C   . ALA A 1 18  ? -4.42431  -4.53363  -3.59803  1.000 8.26788  ? 89  ALA A C   1 
ATOM 137  O O   . ALA A 1 18  ? -4.16995  -3.34549  -3.37168  1.000 8.26788  ? 89  ALA A O   1 
ATOM 138  C CB  . ALA A 1 18  ? -5.79238  -4.58041  -5.69491  1.000 8.26788  ? 89  ALA A CB  1 
ATOM 139  N N   . VAL A 1 19  ? -3.57920  -5.52333  -3.32972  1.000 6.30028  ? 90  VAL A N   1 
ATOM 140  C CA  . VAL A 1 19  ? -2.28032  -5.30743  -2.70667  1.000 6.30028  ? 90  VAL A CA  1 
ATOM 141  C C   . VAL A 1 19  ? -1.21049  -5.66831  -3.72634  1.000 6.30028  ? 90  VAL A C   1 
ATOM 142  O O   . VAL A 1 19  ? -1.10171  -6.82990  -4.13897  1.000 6.30028  ? 90  VAL A O   1 
ATOM 143  C CB  . VAL A 1 19  ? -2.11370  -6.12698  -1.42028  1.000 6.30028  ? 90  VAL A CB  1 
ATOM 144  C CG1 . VAL A 1 19  ? -0.78018  -5.81438  -0.76641  1.000 6.30028  ? 90  VAL A CG1 1 
ATOM 145  C CG2 . VAL A 1 19  ? -3.26115  -5.84597  -0.46323  1.000 6.30028  ? 90  VAL A CG2 1 
ATOM 146  N N   . VAL A 1 20  ? -0.42324  -4.67884  -4.13514  1.000 6.15461  ? 91  VAL A N   1 
ATOM 147  C CA  . VAL A 1 20  ? 0.71103   -4.88631  -5.02667  1.000 6.15461  ? 91  VAL A CA  1 
ATOM 148  C C   . VAL A 1 20  ? 1.97075   -4.92220  -4.17429  1.000 6.15461  ? 91  VAL A C   1 
ATOM 149  O O   . VAL A 1 20  ? 2.31350   -3.93205  -3.51716  1.000 6.15461  ? 91  VAL A O   1 
ATOM 150  C CB  . VAL A 1 20  ? 0.79623   -3.78850  -6.09680  1.000 6.15461  ? 91  VAL A CB  1 
ATOM 151  C CG1 . VAL A 1 20  ? 1.92597   -4.08574  -7.06899  1.000 6.15461  ? 91  VAL A CG1 1 
ATOM 152  C CG2 . VAL A 1 20  ? -0.52834  -3.66122  -6.83011  1.000 6.15461  ? 91  VAL A CG2 1 
ATOM 153  N N   . VAL A 1 21  ? 2.66107   -6.05950  -4.17973  1.000 5.37819  ? 92  VAL A N   1 
ATOM 154  C CA  . VAL A 1 21  ? 3.84799   -6.26331  -3.35761  1.000 5.37819  ? 92  VAL A CA  1 
ATOM 155  C C   . VAL A 1 21  ? 4.99659   -6.69319  -4.25931  1.000 5.37819  ? 92  VAL A C   1 
ATOM 156  O O   . VAL A 1 21  ? 4.83669   -7.59268  -5.09194  1.000 5.37819  ? 92  VAL A O   1 
ATOM 157  C CB  . VAL A 1 21  ? 3.59712   -7.30037  -2.24410  1.000 5.37819  ? 92  VAL A CB  1 
ATOM 158  C CG1 . VAL A 1 21  ? 2.88609   -8.52408  -2.79905  1.000 5.37819  ? 92  VAL A CG1 1 
ATOM 159  C CG2 . VAL A 1 21  ? 4.90410   -7.69123  -1.57027  1.000 5.37819  ? 92  VAL A CG2 1 
ATOM 160  N N   . ALA A 1 22  ? 6.14611   -6.04008  -4.10455  1.000 6.78058  ? 93  ALA A N   1 
ATOM 161  C CA  . ALA A 1 22  ? 7.32377   -6.37161  -4.89201  1.000 6.78058  ? 93  ALA A CA  1 
ATOM 162  C C   . ALA A 1 22  ? 8.08075   -7.53313  -4.26253  1.000 6.78058  ? 93  ALA A C   1 
ATOM 163  O O   . ALA A 1 22  ? 8.20178   -7.62304  -3.03808  1.000 6.78058  ? 93  ALA A O   1 
ATOM 164  C CB  . ALA A 1 22  ? 8.24058   -5.15502  -5.01765  1.000 6.78058  ? 93  ALA A CB  1 
ATOM 165  N N   . ARG A 1 23  ? 8.58990   -8.42774  -5.11069  1.000 7.91214  ? 94  ARG A N   1 
ATOM 166  C CA  . ARG A 1 23  ? 9.34989   -9.57239  -4.62808  1.000 7.91214  ? 94  ARG A CA  1 
ATOM 167  C C   . ARG A 1 23  ? 10.78144  -9.22018  -4.24977  1.000 7.91214  ? 94  ARG A C   1 
ATOM 168  O O   . ARG A 1 23  ? 11.42459  -10.00338 -3.54209  1.000 7.91214  ? 94  ARG A O   1 
ATOM 169  C CB  . ARG A 1 23  ? 9.35989   -10.68617 -5.67860  1.000 7.91214  ? 94  ARG A CB  1 
ATOM 170  C CG  . ARG A 1 23  ? 8.00129   -11.32030 -5.92323  1.000 7.91214  ? 94  ARG A CG  1 
ATOM 171  C CD  . ARG A 1 23  ? 8.12458   -12.61495 -6.71014  1.000 7.91214  ? 94  ARG A CD  1 
ATOM 172  N NE  . ARG A 1 23  ? 8.66942   -12.40337 -8.04551  1.000 7.91214  ? 94  ARG A NE  1 
ATOM 173  C CZ  . ARG A 1 23  ? 7.93230   -12.21173 -9.13113  1.000 7.91214  ? 94  ARG A CZ  1 
ATOM 174  N NH1 . ARG A 1 23  ? 6.60998   -12.18542 -9.07361  1.000 7.91214  ? 94  ARG A NH1 1 
ATOM 175  N NH2 . ARG A 1 23  ? 8.53609   -12.04612 -10.30406 1.000 7.91214  ? 94  ARG A NH2 1 
ATOM 176  N N   . PHE A 1 24  ? 11.29577  -8.07751  -4.69801  1.000 8.04131  ? 95  PHE A N   1 
ATOM 177  C CA  . PHE A 1 24  ? 12.63313  -7.65933  -4.30382  1.000 8.04131  ? 95  PHE A CA  1 
ATOM 178  C C   . PHE A 1 24  ? 12.63079  -7.22152  -2.84505  1.000 8.04131  ? 95  PHE A C   1 
ATOM 179  O O   . PHE A 1 24  ? 11.66922  -6.61057  -2.36696  1.000 8.04131  ? 95  PHE A O   1 
ATOM 180  C CB  . PHE A 1 24  ? 13.12245  -6.52371  -5.20110  1.000 8.04131  ? 95  PHE A CB  1 
ATOM 181  C CG  . PHE A 1 24  ? 14.57781  -6.19778  -5.02551  1.000 8.04131  ? 95  PHE A CG  1 
ATOM 182  C CD1 . PHE A 1 24  ? 15.55313  -7.01903  -5.56677  1.000 8.04131  ? 95  PHE A CD1 1 
ATOM 183  C CD2 . PHE A 1 24  ? 14.97021  -5.07170  -4.32378  1.000 8.04131  ? 95  PHE A CD2 1 
ATOM 184  C CE1 . PHE A 1 24  ? 16.89165  -6.72479  -5.40765  1.000 8.04131  ? 95  PHE A CE1 1 
ATOM 185  C CE2 . PHE A 1 24  ? 16.30881  -4.77150  -4.16254  1.000 8.04131  ? 95  PHE A CE2 1 
ATOM 186  C CZ  . PHE A 1 24  ? 17.27047  -5.59924  -4.70491  1.000 8.04131  ? 95  PHE A CZ  1 
ATOM 187  N N   . ASN A 1 25  ? 13.71831  -7.53694  -2.13906  1.000 8.20480  ? 96  ASN A N   1 
ATOM 188  C CA  . ASN A 1 25  ? 13.79802  -7.35770  -0.69018  1.000 8.20480  ? 96  ASN A CA  1 
ATOM 189  C C   . ASN A 1 25  ? 12.63663  -8.06624  0.00147   1.000 8.20480  ? 96  ASN A C   1 
ATOM 190  O O   . ASN A 1 25  ? 11.94379  -7.50238  0.85071   1.000 8.20480  ? 96  ASN A O   1 
ATOM 191  C CB  . ASN A 1 25  ? 13.83832  -5.87640  -0.30875  1.000 8.20480  ? 96  ASN A CB  1 
ATOM 192  C CG  . ASN A 1 25  ? 15.17826  -5.23253  -0.59746  1.000 8.20480  ? 96  ASN A CG  1 
ATOM 193  O OD1 . ASN A 1 25  ? 15.25506  -4.21417  -1.28290  1.000 8.20480  ? 96  ASN A OD1 1 
ATOM 194  N ND2 . ASN A 1 25  ? 16.24503  -5.82156  -0.06911  1.000 8.20480  ? 96  ASN A ND2 1 
ATOM 195  N N   . GLU A 1 26  ? 12.42145  -9.32754  -0.38498  1.000 8.50697  ? 97  GLU A N   1 
ATOM 196  C CA  . GLU A 1 26  ? 11.28671  -10.07962 0.13918   1.000 8.50697  ? 97  GLU A CA  1 
ATOM 197  C C   . GLU A 1 26  ? 11.38891  -10.28416 1.64361   1.000 8.50697  ? 97  GLU A C   1 
ATOM 198  O O   . GLU A 1 26  ? 10.36456  -10.44128 2.31539   1.000 8.50697  ? 97  GLU A O   1 
ATOM 199  C CB  . GLU A 1 26  ? 11.16637  -11.42492 -0.57626  1.000 8.50697  ? 97  GLU A CB  1 
ATOM 200  C CG  . GLU A 1 26  ? 12.40109  -12.30137 -0.47749  1.000 8.50697  ? 97  GLU A CG  1 
ATOM 201  C CD  . GLU A 1 26  ? 12.23491  -13.61892 -1.20809  1.000 8.50697  ? 97  GLU A CD  1 
ATOM 202  O OE1 . GLU A 1 26  ? 11.13023  -13.87330 -1.73214  1.000 8.50697  ? 97  GLU A OE1 1 
ATOM 203  O OE2 . GLU A 1 26  ? 13.20722  -14.39900 -1.26032  1.000 8.50697  ? 97  GLU A OE2 1 
ATOM 204  N N   . ILE A 1 27  ? 12.60701  -10.25783 2.19270   1.000 8.49063  ? 98  ILE A N   1 
ATOM 205  C CA  . ILE A 1 27  ? 12.78601  -10.36365 3.63485   1.000 8.49063  ? 98  ILE A CA  1 
ATOM 206  C C   . ILE A 1 27  ? 12.11411  -9.20644  4.36141   1.000 8.49063  ? 98  ILE A C   1 
ATOM 207  O O   . ILE A 1 27  ? 11.82196  -9.30987  5.55758   1.000 8.49063  ? 98  ILE A O   1 
ATOM 208  C CB  . ILE A 1 27  ? 14.29099  -10.44607 3.97584   1.000 8.49063  ? 98  ILE A CB  1 
ATOM 209  C CG1 . ILE A 1 27  ? 14.50105  -10.94546 5.40630   1.000 8.49063  ? 98  ILE A CG1 1 
ATOM 210  C CG2 . ILE A 1 27  ? 14.96408  -9.09656  3.77991   1.000 8.49063  ? 98  ILE A CG2 1 
ATOM 211  C CD1 . ILE A 1 27  ? 13.99907  -12.35031 5.63605   1.000 8.49063  ? 98  ILE A CD1 1 
ATOM 212  N N   . ILE A 1 28  ? 11.85173  -8.10531  3.66417   1.000 8.06127  ? 99  ILE A N   1 
ATOM 213  C CA  . ILE A 1 28  ? 11.13748  -6.97149  4.23215   1.000 8.06127  ? 99  ILE A CA  1 
ATOM 214  C C   . ILE A 1 28  ? 9.70553   -6.89687  3.71786   1.000 8.06127  ? 99  ILE A C   1 
ATOM 215  O O   . ILE A 1 28  ? 8.78565   -6.60364  4.48066   1.000 8.06127  ? 99  ILE A O   1 
ATOM 216  C CB  . ILE A 1 28  ? 11.90111  -5.66104  3.94185   1.000 8.06127  ? 99  ILE A CB  1 
ATOM 217  C CG1 . ILE A 1 28  ? 13.30920  -5.72106  4.53585   1.000 8.06127  ? 99  ILE A CG1 1 
ATOM 218  C CG2 . ILE A 1 28  ? 11.14511  -4.46550  4.49714   1.000 8.06127  ? 99  ILE A CG2 1 
ATOM 219  C CD1 . ILE A 1 28  ? 13.32608  -5.90570  6.03440   1.000 8.06127  ? 99  ILE A CD1 1 
ATOM 220  N N   . THR A 1 29  ? 9.49589   -7.16632  2.42819   1.000 6.30636  ? 100 THR A N   1 
ATOM 221  C CA  . THR A 1 29  ? 8.16650   -7.01054  1.84726   1.000 6.30636  ? 100 THR A CA  1 
ATOM 222  C C   . THR A 1 29  ? 7.21125   -8.11836  2.27087   1.000 6.30636  ? 100 THR A C   1 
ATOM 223  O O   . THR A 1 29  ? 5.99164   -7.92257  2.22095   1.000 6.30636  ? 100 THR A O   1 
ATOM 224  C CB  . THR A 1 29  ? 8.25356   -6.96122  0.32084   1.000 6.30636  ? 100 THR A CB  1 
ATOM 225  O OG1 . THR A 1 29  ? 8.67696   -8.23386  -0.18000  1.000 6.30636  ? 100 THR A OG1 1 
ATOM 226  C CG2 . THR A 1 29  ? 9.24148   -5.89652  -0.11947  1.000 6.30636  ? 100 THR A CG2 1 
ATOM 227  N N   . ARG A 1 30  ? 7.72677   -9.28084  2.68909   1.000 6.99207  ? 101 ARG A N   1 
ATOM 228  C CA  . ARG A 1 30  ? 6.82583   -10.34470 3.12884   1.000 6.99207  ? 101 ARG A CA  1 
ATOM 229  C C   . ARG A 1 30  ? 6.25585   -10.07489 4.51659   1.000 6.99207  ? 101 ARG A C   1 
ATOM 230  O O   . ARG A 1 30  ? 5.03986   -10.25574 4.70217   1.000 6.99207  ? 101 ARG A O   1 
ATOM 231  C CB  . ARG A 1 30  ? 7.53187   -11.70119 3.04644   1.000 6.99207  ? 101 ARG A CB  1 
ATOM 232  C CG  . ARG A 1 30  ? 7.75160   -12.18515 1.62431   1.000 6.99207  ? 101 ARG A CG  1 
ATOM 233  C CD  . ARG A 1 30  ? 8.23119   -13.62356 1.58935   1.000 6.99207  ? 101 ARG A CD  1 
ATOM 234  N NE  . ARG A 1 30  ? 8.46451   -14.07333 0.22168   1.000 6.99207  ? 101 ARG A NE  1 
ATOM 235  C CZ  . ARG A 1 30  ? 7.51791   -14.53424 -0.58424  1.000 6.99207  ? 101 ARG A CZ  1 
ATOM 236  N NH1 . ARG A 1 30  ? 6.25965   -14.63067 -0.18890  1.000 6.99207  ? 101 ARG A NH1 1 
ATOM 237  N NH2 . ARG A 1 30  ? 7.84237   -14.90581 -1.81892  1.000 6.99207  ? 101 ARG A NH2 1 
ATOM 238  N N   . PRO A 1 31  ? 7.03949   -9.66764  5.52263   1.000 6.42429  ? 102 PRO A N   1 
ATOM 239  C CA  . PRO A 1 31  ? 6.40773   -9.24053  6.78328   1.000 6.42429  ? 102 PRO A CA  1 
ATOM 240  C C   . PRO A 1 31  ? 5.46947   -8.06013  6.61335   1.000 6.42429  ? 102 PRO A C   1 
ATOM 241  O O   . PRO A 1 31  ? 4.45190   -7.99015  7.31161   1.000 6.42429  ? 102 PRO A O   1 
ATOM 242  C CB  . PRO A 1 31  ? 7.60452   -8.89753  7.68597   1.000 6.42429  ? 102 PRO A CB  1 
ATOM 243  C CG  . PRO A 1 31  ? 8.76611   -8.75748  6.77222   1.000 6.42429  ? 102 PRO A CG  1 
ATOM 244  C CD  . PRO A 1 31  ? 8.50761   -9.69558  5.64244   1.000 6.42429  ? 102 PRO A CD  1 
ATOM 245  N N   . LEU A 1 32  ? 5.77070   -7.13476  5.69738   1.000 5.82778  ? 103 LEU A N   1 
ATOM 246  C CA  . LEU A 1 32  ? 4.84607   -6.03579  5.42834   1.000 5.82778  ? 103 LEU A CA  1 
ATOM 247  C C   . LEU A 1 32  ? 3.52247   -6.55249  4.88016   1.000 5.82778  ? 103 LEU A C   1 
ATOM 248  O O   . LEU A 1 32  ? 2.44700   -6.10797  5.30346   1.000 5.82778  ? 103 LEU A O   1 
ATOM 249  C CB  . LEU A 1 32  ? 5.47590   -5.04506  4.44954   1.000 5.82778  ? 103 LEU A CB  1 
ATOM 250  C CG  . LEU A 1 32  ? 6.70091   -4.25933  4.91916   1.000 5.82778  ? 103 LEU A CG  1 
ATOM 251  C CD1 . LEU A 1 32  ? 7.23730   -3.38382  3.79636   1.000 5.82778  ? 103 LEU A CD1 1 
ATOM 252  C CD2 . LEU A 1 32  ? 6.36390   -3.42084  6.13409   1.000 5.82778  ? 103 LEU A CD2 1 
ATOM 253  N N   . LEU A 1 33  ? 3.58064   -7.49353  3.93509   1.000 5.81737  ? 104 LEU A N   1 
ATOM 254  C CA  . LEU A 1 33  ? 2.35873   -8.06738  3.38470   1.000 5.81737  ? 104 LEU A CA  1 
ATOM 255  C C   . LEU A 1 33  ? 1.58299   -8.83451  4.44756   1.000 5.81737  ? 104 LEU A C   1 
ATOM 256  O O   . LEU A 1 33  ? 0.34940   -8.76872  4.49488   1.000 5.81737  ? 104 LEU A O   1 
ATOM 257  C CB  . LEU A 1 33  ? 2.69025   -8.97791  2.20366   1.000 5.81737  ? 104 LEU A CB  1 
ATOM 258  C CG  . LEU A 1 33  ? 1.50086   -9.72797  1.60309   1.000 5.81737  ? 104 LEU A CG  1 
ATOM 259  C CD1 . LEU A 1 33  ? 0.45699   -8.75562  1.08226   1.000 5.81737  ? 104 LEU A CD1 1 
ATOM 260  C CD2 . LEU A 1 33  ? 1.95557   -10.66486 0.50061   1.000 5.81737  ? 104 LEU A CD2 1 
ATOM 261  N N   . GLU A 1 34  ? 2.28945   -9.57132  5.30693   1.000 7.48589  ? 105 GLU A N   1 
ATOM 262  C CA  . GLU A 1 34  ? 1.61239   -10.30164 6.37340   1.000 7.48589  ? 105 GLU A CA  1 
ATOM 263  C C   . GLU A 1 34  ? 0.93896   -9.34747  7.35047   1.000 7.48589  ? 105 GLU A C   1 
ATOM 264  O O   . GLU A 1 34  ? -0.18060  -9.60427  7.80527   1.000 7.48589  ? 105 GLU A O   1 
ATOM 265  C CB  . GLU A 1 34  ? 2.59920   -11.21524 7.09926   1.000 7.48589  ? 105 GLU A CB  1 
ATOM 266  C CG  . GLU A 1 34  ? 3.17255   -12.31820 6.22421   1.000 7.48589  ? 105 GLU A CG  1 
ATOM 267  C CD  . GLU A 1 34  ? 2.09992   -13.19276 5.60267   1.000 7.48589  ? 105 GLU A CD  1 
ATOM 268  O OE1 . GLU A 1 34  ? 1.09935   -13.49054 6.28793   1.000 7.48589  ? 105 GLU A OE1 1 
ATOM 269  O OE2 . GLU A 1 34  ? 2.25643   -13.57581 4.42395   1.000 7.48589  ? 105 GLU A OE2 1 
ATOM 270  N N   . GLY A 1 35  ? 1.60298   -8.23807  7.68169   1.000 6.52474  ? 106 GLY A N   1 
ATOM 271  C CA  . GLY A 1 35  ? 0.97924   -7.24233  8.53720   1.000 6.52474  ? 106 GLY A CA  1 
ATOM 272  C C   . GLY A 1 35  ? -0.24353  -6.61000  7.90162   1.000 6.52474  ? 106 GLY A C   1 
ATOM 273  O O   . GLY A 1 35  ? -1.26077  -6.39579  8.56515   1.000 6.52474  ? 106 GLY A O   1 
ATOM 274  N N   . ALA A 1 36  ? -0.16113  -6.30315  6.60468   1.000 6.09360  ? 107 ALA A N   1 
ATOM 275  C CA  . ALA A 1 36  ? -1.31124  -5.73971  5.90358   1.000 6.09360  ? 107 ALA A CA  1 
ATOM 276  C C   . ALA A 1 36  ? -2.48111  -6.71654  5.88237   1.000 6.09360  ? 107 ALA A C   1 
ATOM 277  O O   . ALA A 1 36  ? -3.63315  -6.32579  6.10903   1.000 6.09360  ? 107 ALA A O   1 
ATOM 278  C CB  . ALA A 1 36  ? -0.91758  -5.34195  4.48090   1.000 6.09360  ? 107 ALA A CB  1 
ATOM 279  N N   . LEU A 1 37  ? -2.20404  -7.99569  5.61840   1.000 6.11511  ? 108 LEU A N   1 
ATOM 280  C CA  . LEU A 1 37  ? -3.26842  -8.99546  5.59966   1.000 6.11511  ? 108 LEU A CA  1 
ATOM 281  C C   . LEU A 1 37  ? -3.85556  -9.20319  6.98988   1.000 6.11511  ? 108 LEU A C   1 
ATOM 282  O O   . LEU A 1 37  ? -5.06836  -9.39500  7.13439   1.000 6.11511  ? 108 LEU A O   1 
ATOM 283  C CB  . LEU A 1 37  ? -2.74470  -10.31329 5.03083   1.000 6.11511  ? 108 LEU A CB  1 
ATOM 284  C CG  . LEU A 1 37  ? -2.34247  -10.28392 3.55469   1.000 6.11511  ? 108 LEU A CG  1 
ATOM 285  C CD1 . LEU A 1 37  ? -1.88076  -11.65622 3.09129   1.000 6.11511  ? 108 LEU A CD1 1 
ATOM 286  C CD2 . LEU A 1 37  ? -3.48970  -9.78059  2.69105   1.000 6.11511  ? 108 LEU A CD2 1 
ATOM 287  N N   . GLY A 1 38  ? -3.01583  -9.16793  8.02560   1.000 7.30228  ? 109 GLY A N   1 
ATOM 288  C CA  . GLY A 1 38  ? -3.52667  -9.26739  9.38242   1.000 7.30228  ? 109 GLY A CA  1 
ATOM 289  C C   . GLY A 1 38  ? -4.40877  -8.09227  9.75660   1.000 7.30228  ? 109 GLY A C   1 
ATOM 290  O O   . GLY A 1 38  ? -5.43751  -8.26121  10.41362  1.000 7.30228  ? 109 GLY A O   1 
ATOM 291  N N   . THR A 1 39  ? -4.01652  -6.88506  9.34524   1.000 7.80989  ? 110 THR A N   1 
ATOM 292  C CA  . THR A 1 39  ? -4.86059  -5.71712  9.57959   1.000 7.80989  ? 110 THR A CA  1 
ATOM 293  C C   . THR A 1 39  ? -6.18556  -5.84060  8.83893   1.000 7.80989  ? 110 THR A C   1 
ATOM 294  O O   . THR A 1 39  ? -7.24549  -5.52291  9.39107   1.000 7.80989  ? 110 THR A O   1 
ATOM 295  C CB  . THR A 1 39  ? -4.12668  -4.44328  9.16091   1.000 7.80989  ? 110 THR A CB  1 
ATOM 296  O OG1 . THR A 1 39  ? -2.98156  -4.26149  10.00049  1.000 7.80989  ? 110 THR A OG1 1 
ATOM 297  C CG2 . THR A 1 39  ? -5.03435  -3.22924  9.29023   1.000 7.80989  ? 110 THR A CG2 1 
ATOM 298  N N   . PHE A 1 40  ? -6.14824  -6.31322  7.59138   1.000 8.15152  ? 111 PHE A N   1 
ATOM 299  C CA  . PHE A 1 40  ? -7.38722  -6.51750  6.84663   1.000 8.15152  ? 111 PHE A CA  1 
ATOM 300  C C   . PHE A 1 40  ? -8.28707  -7.53031  7.54328   1.000 8.15152  ? 111 PHE A C   1 
ATOM 301  O O   . PHE A 1 40  ? -9.50421  -7.33050  7.63697   1.000 8.15152  ? 111 PHE A O   1 
ATOM 302  C CB  . PHE A 1 40  ? -7.07527  -6.96823  5.41946   1.000 8.15152  ? 111 PHE A CB  1 
ATOM 303  C CG  . PHE A 1 40  ? -6.71956  -5.84253  4.49133   1.000 8.15152  ? 111 PHE A CG  1 
ATOM 304  C CD1 . PHE A 1 40  ? -7.33306  -4.60913  4.61292   1.000 8.15152  ? 111 PHE A CD1 1 
ATOM 305  C CD2 . PHE A 1 40  ? -5.77296  -6.02139  3.49721   1.000 8.15152  ? 111 PHE A CD2 1 
ATOM 306  C CE1 . PHE A 1 40  ? -7.00934  -3.57514  3.76078   1.000 8.15152  ? 111 PHE A CE1 1 
ATOM 307  C CE2 . PHE A 1 40  ? -5.44391  -4.99038  2.64289   1.000 8.15152  ? 111 PHE A CE2 1 
ATOM 308  C CZ  . PHE A 1 40  ? -6.06334  -3.76516  2.77544   1.000 8.15152  ? 111 PHE A CZ  1 
ATOM 309  N N   . LYS A 1 41  ? -7.70607  -8.62109  8.04469   1.000 10.40294 ? 112 LYS A N   1 
ATOM 310  C CA  . LYS A 1 41  ? -8.50320  -9.63117  8.73492   1.000 10.40294 ? 112 LYS A CA  1 
ATOM 311  C C   . LYS A 1 41  ? -9.08106  -9.09197  10.03909  1.000 10.40294 ? 112 LYS A C   1 
ATOM 312  O O   . LYS A 1 41  ? -10.22950 -9.39121  10.38570  1.000 10.40294 ? 112 LYS A O   1 
ATOM 313  C CB  . LYS A 1 41  ? -7.65922  -10.87844 8.99241   1.000 10.40294 ? 112 LYS A CB  1 
ATOM 314  C CG  . LYS A 1 41  ? -8.40952  -11.99501 9.69741   1.000 10.40294 ? 112 LYS A CG  1 
ATOM 315  C CD  . LYS A 1 41  ? -7.60819  -13.28397 9.70704   1.000 10.40294 ? 112 LYS A CD  1 
ATOM 316  C CE  . LYS A 1 41  ? -7.38987  -13.80449 8.29528   1.000 10.40294 ? 112 LYS A CE  1 
ATOM 317  N NZ  . LYS A 1 41  ? -8.67868  -14.06668 7.59625   1.000 10.40294 ? 112 LYS A NZ  1 
ATOM 318  N N   . ASN A 1 42  ? -8.30137  -8.29637  10.77665  1.000 9.83810  ? 113 ASN A N   1 
ATOM 319  C CA  . ASN A 1 42  ? -8.76736  -7.75973  12.05121  1.000 9.83810  ? 113 ASN A CA  1 
ATOM 320  C C   . ASN A 1 42  ? -9.90170  -6.75782  11.88775  1.000 9.83810  ? 113 ASN A C   1 
ATOM 321  O O   . ASN A 1 42  ? -10.61225 -6.48536  12.86076  1.000 9.83810  ? 113 ASN A O   1 
ATOM 322  C CB  . ASN A 1 42  ? -7.61027  -7.10036  12.80242  1.000 9.83810  ? 113 ASN A CB  1 
ATOM 323  C CG  . ASN A 1 42  ? -6.54507  -8.09222  13.22059  1.000 9.83810  ? 113 ASN A CG  1 
ATOM 324  O OD1 . ASN A 1 42  ? -6.83669  -9.25897  13.48720  1.000 9.83810  ? 113 ASN A OD1 1 
ATOM 325  N ND2 . ASN A 1 42  ? -5.30173  -7.63360  13.28199  1.000 9.83810  ? 113 ASN A ND2 1 
ATOM 326  N N   . TYR A 1 43  ? -10.08813 -6.20164  10.69161  1.000 10.46312 ? 114 TYR A N   1 
ATOM 327  C CA  . TYR A 1 43  ? -11.12177 -5.20563  10.44121  1.000 10.46312 ? 114 TYR A CA  1 
ATOM 328  C C   . TYR A 1 43  ? -12.24574 -5.75508  9.56740   1.000 10.46312 ? 114 TYR A C   1 
ATOM 329  O O   . TYR A 1 43  ? -12.89387 -5.00266  8.83504   1.000 10.46312 ? 114 TYR A O   1 
ATOM 330  C CB  . TYR A 1 43  ? -10.51454 -3.95025  9.81983   1.000 10.46312 ? 114 TYR A CB  1 
ATOM 331  C CG  . TYR A 1 43  ? -9.74644  -3.10648  10.81340  1.000 10.46312 ? 114 TYR A CG  1 
ATOM 332  C CD1 . TYR A 1 43  ? -8.43617  -3.41582  11.14789  1.000 10.46312 ? 114 TYR A CD1 1 
ATOM 333  C CD2 . TYR A 1 43  ? -10.33645 -2.00768  11.42288  1.000 10.46312 ? 114 TYR A CD2 1 
ATOM 334  C CE1 . TYR A 1 43  ? -7.73112  -2.65423  12.05558  1.000 10.46312 ? 114 TYR A CE1 1 
ATOM 335  C CE2 . TYR A 1 43  ? -9.63952  -1.23769  12.33364  1.000 10.46312 ? 114 TYR A CE2 1 
ATOM 336  C CZ  . TYR A 1 43  ? -8.33664  -1.56732  12.64614  1.000 10.46312 ? 114 TYR A CZ  1 
ATOM 337  O OH  . TYR A 1 43  ? -7.63165  -0.80804  13.55090  1.000 10.46312 ? 114 TYR A OH  1 
ATOM 338  N N   . SER A 1 44  ? -12.47423 -7.06808  9.63603   1.000 14.07473 ? 115 SER A N   1 
ATOM 339  C CA  . SER A 1 44  ? -13.61289 -7.72555  8.99037   1.000 14.07473 ? 115 SER A CA  1 
ATOM 340  C C   . SER A 1 44  ? -13.59326 -7.57158  7.47208   1.000 14.07473 ? 115 SER A C   1 
ATOM 341  O O   . SER A 1 44  ? -14.64444 -7.46317  6.83653   1.000 14.07473 ? 115 SER A O   1 
ATOM 342  C CB  . SER A 1 44  ? -14.94159 -7.21741  9.55871   1.000 14.07473 ? 115 SER A CB  1 
ATOM 343  O OG  . SER A 1 44  ? -15.03162 -7.47435  10.94880  1.000 14.07473 ? 115 SER A OG  1 
ATOM 344  N N   . VAL A 1 45  ? -12.40719 -7.56524  6.87354   1.000 13.64763 ? 116 VAL A N   1 
ATOM 345  C CA  . VAL A 1 45  ? -12.27504 -7.57375  5.42059   1.000 13.64763 ? 116 VAL A CA  1 
ATOM 346  C C   . VAL A 1 45  ? -12.12683 -9.02064  4.96990   1.000 13.64763 ? 116 VAL A C   1 
ATOM 347  O O   . VAL A 1 45  ? -11.21290 -9.72726  5.41024   1.000 13.64763 ? 116 VAL A O   1 
ATOM 348  C CB  . VAL A 1 45  ? -11.08312 -6.72291  4.95852   1.000 13.64763 ? 116 VAL A CB  1 
ATOM 349  C CG1 . VAL A 1 45  ? -11.00064 -6.70945  3.44064   1.000 13.64763 ? 116 VAL A CG1 1 
ATOM 350  C CG2 . VAL A 1 45  ? -11.20321 -5.30843  5.50142   1.000 13.64763 ? 116 VAL A CG2 1 
ATOM 351  N N   . GLN A 1 46  ? -13.02733 -9.46298  4.09689   1.000 17.64081 ? 117 GLN A N   1 
ATOM 352  C CA  . GLN A 1 46  ? -13.05878 -10.85803 3.68869   1.000 17.64081 ? 117 GLN A CA  1 
ATOM 353  C C   . GLN A 1 46  ? -11.91898 -11.17307 2.72281   1.000 17.64081 ? 117 GLN A C   1 
ATOM 354  O O   . GLN A 1 46  ? -11.38468 -10.29739 2.03627   1.000 17.64081 ? 117 GLN A O   1 
ATOM 355  C CB  . GLN A 1 46  ? -14.40464 -11.19302 3.04821   1.000 17.64081 ? 117 GLN A CB  1 
ATOM 356  C CG  . GLN A 1 46  ? -15.60641 -10.81844 3.90426   1.000 17.64081 ? 117 GLN A CG  1 
ATOM 357  C CD  . GLN A 1 46  ? -15.59730 -11.50216 5.25956   1.000 17.64081 ? 117 GLN A CD  1 
ATOM 358  O OE1 . GLN A 1 46  ? -15.89951 -10.88345 6.28041   1.000 17.64081 ? 117 GLN A OE1 1 
ATOM 359  N NE2 . GLN A 1 46  ? -15.25412 -12.78526 5.27477   1.000 17.64081 ? 117 GLN A NE2 1 
ATOM 360  N N   . ASP A 1 47  ? -11.54740 -12.45566 2.68272   1.000 20.38892 ? 118 ASP A N   1 
ATOM 361  C CA  . ASP A 1 47  ? -10.44471 -12.88771 1.82741   1.000 20.38892 ? 118 ASP A CA  1 
ATOM 362  C C   . ASP A 1 47  ? -10.77412 -12.70465 0.35052   1.000 20.38892 ? 118 ASP A C   1 
ATOM 363  O O   . ASP A 1 47  ? -9.89991  -12.33333 -0.44215  1.000 20.38892 ? 118 ASP A O   1 
ATOM 364  C CB  . ASP A 1 47  ? -10.09239 -14.34531 2.12014   1.000 20.38892 ? 118 ASP A CB  1 
ATOM 365  C CG  . ASP A 1 47  ? -9.51874  -14.54026 3.51078   1.000 20.38892 ? 118 ASP A CG  1 
ATOM 366  O OD1 . ASP A 1 47  ? -8.86265  -13.60689 4.02046   1.000 20.38892 ? 118 ASP A OD1 1 
ATOM 367  O OD2 . ASP A 1 47  ? -9.72258  -15.62522 4.09317   1.000 20.38892 ? 118 ASP A OD2 1 
ATOM 368  N N   . GLU A 1 48  ? -12.02297 -12.96280 -0.04183  1.000 19.41833 ? 119 GLU A N   1 
ATOM 369  C CA  . GLU A 1 48  ? -12.40263 -12.81850 -1.44285  1.000 19.41833 ? 119 GLU A CA  1 
ATOM 370  C C   . GLU A 1 48  ? -12.44044 -11.36563 -1.89639  1.000 19.41833 ? 119 GLU A C   1 
ATOM 371  O O   . GLU A 1 48  ? -12.54833 -11.11507 -3.10211  1.000 19.41833 ? 119 GLU A O   1 
ATOM 372  C CB  . GLU A 1 48  ? -13.76282 -13.47420 -1.70043  1.000 19.41833 ? 119 GLU A CB  1 
ATOM 373  C CG  . GLU A 1 48  ? -14.94259 -12.77190 -1.04976  1.000 19.41833 ? 119 GLU A CG  1 
ATOM 374  C CD  . GLU A 1 48  ? -15.19482 -13.23944 0.36902   1.000 19.41833 ? 119 GLU A CD  1 
ATOM 375  O OE1 . GLU A 1 48  ? -14.36296 -14.00033 0.90446   1.000 19.41833 ? 119 GLU A OE1 1 
ATOM 376  O OE2 . GLU A 1 48  ? -16.23237 -12.84827 0.94597   1.000 19.41833 ? 119 GLU A OE2 1 
ATOM 377  N N   . ASP A 1 49  ? -12.35678 -10.41077 -0.97329  1.000 16.42468 ? 120 ASP A N   1 
ATOM 378  C CA  . ASP A 1 49  ? -12.28147 -8.99787  -1.31056  1.000 16.42468 ? 120 ASP A CA  1 
ATOM 379  C C   . ASP A 1 49  ? -10.85061 -8.48135  -1.35994  1.000 16.42468 ? 120 ASP A C   1 
ATOM 380  O O   . ASP A 1 49  ? -10.64480 -7.28021  -1.55511  1.000 16.42468 ? 120 ASP A O   1 
ATOM 381  C CB  . ASP A 1 49  ? -13.09377 -8.17105  -0.30942  1.000 16.42468 ? 120 ASP A CB  1 
ATOM 382  C CG  . ASP A 1 49  ? -14.57719 -8.48266  -0.36184  1.000 16.42468 ? 120 ASP A CG  1 
ATOM 383  O OD1 . ASP A 1 49  ? -14.98946 -9.28057  -1.22910  1.000 16.42468 ? 120 ASP A OD1 1 
ATOM 384  O OD2 . ASP A 1 49  ? -15.33269 -7.93022  0.46593   1.000 16.42468 ? 120 ASP A OD2 1 
ATOM 385  N N   . ILE A 1 50  ? -9.86037  -9.35448  -1.18857  1.000 13.00506 ? 121 ILE A N   1 
ATOM 386  C CA  . ILE A 1 50  ? -8.45421  -8.97357  -1.18505  1.000 13.00506 ? 121 ILE A CA  1 
ATOM 387  C C   . ILE A 1 50  ? -7.74588  -9.74749  -2.28629  1.000 13.00506 ? 121 ILE A C   1 
ATOM 388  O O   . ILE A 1 50  ? -7.82757  -10.97994 -2.33696  1.000 13.00506 ? 121 ILE A O   1 
ATOM 389  C CB  . ILE A 1 50  ? -7.79325  -9.24611  0.17823   1.000 13.00506 ? 121 ILE A CB  1 
ATOM 390  C CG1 . ILE A 1 50  ? -8.62073  -8.63422  1.30694   1.000 13.00506 ? 121 ILE A CG1 1 
ATOM 391  C CG2 . ILE A 1 50  ? -6.37606  -8.69463  0.20190   1.000 13.00506 ? 121 ILE A CG2 1 
ATOM 392  C CD1 . ILE A 1 50  ? -8.15773  -9.04981  2.68187   1.000 13.00506 ? 121 ILE A CD1 1 
ATOM 393  N N   . ASP A 1 51  ? -7.05861  -9.02499  -3.16567  1.000 11.25238 ? 122 ASP A N   1 
ATOM 394  C CA  . ASP A 1 51  ? -6.23210  -9.62129  -4.20499  1.000 11.25238 ? 122 ASP A CA  1 
ATOM 395  C C   . ASP A 1 51  ? -4.79457  -9.16167  -4.01782  1.000 11.25238 ? 122 ASP A C   1 
ATOM 396  O O   . ASP A 1 51  ? -4.53070  -7.95841  -3.92415  1.000 11.25238 ? 122 ASP A O   1 
ATOM 397  C CB  . ASP A 1 51  ? -6.73491  -9.24683  -5.60262  1.000 11.25238 ? 122 ASP A CB  1 
ATOM 398  C CG  . ASP A 1 51  ? -8.07921  -9.86875  -5.92372  1.000 11.25238 ? 122 ASP A CG  1 
ATOM 399  O OD1 . ASP A 1 51  ? -8.46813  -10.83814 -5.23901  1.000 11.25238 ? 122 ASP A OD1 1 
ATOM 400  O OD2 . ASP A 1 51  ? -8.74599  -9.39302  -6.86668  1.000 11.25238 ? 122 ASP A OD2 1 
ATOM 401  N N   . VAL A 1 52  ? -3.87187  -10.11680 -3.96193  1.000 6.35452  ? 123 VAL A N   1 
ATOM 402  C CA  . VAL A 1 52  ? -2.44998  -9.83704  -3.80454  1.000 6.35452  ? 123 VAL A CA  1 
ATOM 403  C C   . VAL A 1 52  ? -1.77670  -10.07092 -5.14766  1.000 6.35452  ? 123 VAL A C   1 
ATOM 404  O O   . VAL A 1 52  ? -1.83274  -11.17880 -5.69557  1.000 6.35452  ? 123 VAL A O   1 
ATOM 405  C CB  . VAL A 1 52  ? -1.81524  -10.70733 -2.70957  1.000 6.35452  ? 123 VAL A CB  1 
ATOM 406  C CG1 . VAL A 1 52  ? -0.31350  -10.47873 -2.66028  1.000 6.35452  ? 123 VAL A CG1 1 
ATOM 407  C CG2 . VAL A 1 52  ? -2.44713  -10.40027 -1.36315  1.000 6.35452  ? 123 VAL A CG2 1 
ATOM 408  N N   . VAL A 1 53  ? -1.14559  -9.02881  -5.68053  1.000 5.40724  ? 124 VAL A N   1 
ATOM 409  C CA  . VAL A 1 53  ? -0.44899  -9.08868  -6.95783  1.000 5.40724  ? 124 VAL A CA  1 
ATOM 410  C C   . VAL A 1 53  ? 1.04239   -8.96141  -6.69185  1.000 5.40724  ? 124 VAL A C   1 
ATOM 411  O O   . VAL A 1 53  ? 1.48202   -8.01674  -6.02425  1.000 5.40724  ? 124 VAL A O   1 
ATOM 412  C CB  . VAL A 1 53  ? -0.93517  -7.99132  -7.91949  1.000 5.40724  ? 124 VAL A CB  1 
ATOM 413  C CG1 . VAL A 1 53  ? -0.21816  -8.10341  -9.25268  1.000 5.40724  ? 124 VAL A CG1 1 
ATOM 414  C CG2 . VAL A 1 53  ? -2.43890  -8.08260  -8.10782  1.000 5.40724  ? 124 VAL A CG2 1 
ATOM 415  N N   . TRP A 1 54  ? 1.81594   -9.91144  -7.20575  1.000 5.62885  ? 125 TRP A N   1 
ATOM 416  C CA  . TRP A 1 54  ? 3.25965   -9.93677  -7.01685  1.000 5.62885  ? 125 TRP A CA  1 
ATOM 417  C C   . TRP A 1 54  ? 3.94781   -9.35634  -8.24279  1.000 5.62885  ? 125 TRP A C   1 
ATOM 418  O O   . TRP A 1 54  ? 3.59790   -9.69798  -9.37735  1.000 5.62885  ? 125 TRP A O   1 
ATOM 419  C CB  . TRP A 1 54  ? 3.75249   -11.36066 -6.76236  1.000 5.62885  ? 125 TRP A CB  1 
ATOM 420  C CG  . TRP A 1 54  ? 3.34382   -11.91214 -5.43553  1.000 5.62885  ? 125 TRP A CG  1 
ATOM 421  C CD1 . TRP A 1 54  ? 2.23942   -12.66501 -5.16346  1.000 5.62885  ? 125 TRP A CD1 1 
ATOM 422  C CD2 . TRP A 1 54  ? 4.04092   -11.75833 -4.19391  1.000 5.62885  ? 125 TRP A CD2 1 
ATOM 423  N NE1 . TRP A 1 54  ? 2.20480   -12.98925 -3.82861  1.000 5.62885  ? 125 TRP A NE1 1 
ATOM 424  C CE2 . TRP A 1 54  ? 3.30052   -12.44327 -3.21151  1.000 5.62885  ? 125 TRP A CE2 1 
ATOM 425  C CE3 . TRP A 1 54  ? 5.21946   -11.10653 -3.81810  1.000 5.62885  ? 125 TRP A CE3 1 
ATOM 426  C CZ2 . TRP A 1 54  ? 3.70119   -12.49664 -1.87923  1.000 5.62885  ? 125 TRP A CZ2 1 
ATOM 427  C CZ3 . TRP A 1 54  ? 5.61464   -11.15952 -2.49517  1.000 5.62885  ? 125 TRP A CZ3 1 
ATOM 428  C CH2 . TRP A 1 54  ? 4.85709   -11.84785 -1.54141  1.000 5.62885  ? 125 TRP A CH2 1 
ATOM 429  N N   . VAL A 1 55  ? 4.91971   -8.48036  -8.01028  1.000 7.01437  ? 126 VAL A N   1 
ATOM 430  C CA  . VAL A 1 55  ? 5.70087   -7.88672  -9.09131  1.000 7.01437  ? 126 VAL A CA  1 
ATOM 431  C C   . VAL A 1 55  ? 7.18006   -8.09582  -8.78869  1.000 7.01437  ? 126 VAL A C   1 
ATOM 432  O O   . VAL A 1 55  ? 7.56661   -8.16593  -7.61291  1.000 7.01437  ? 126 VAL A O   1 
ATOM 433  C CB  . VAL A 1 55  ? 5.36600   -6.39880  -9.27156  1.000 7.01437  ? 126 VAL A CB  1 
ATOM 434  C CG1 . VAL A 1 55  ? 3.92701   -6.23653  -9.71963  1.000 7.01437  ? 126 VAL A CG1 1 
ATOM 435  C CG2 . VAL A 1 55  ? 5.60432   -5.63903  -7.98100  1.000 7.01437  ? 126 VAL A CG2 1 
ATOM 436  N N   . PRO A 1 56  ? 8.03404   -8.22845  -9.80686  1.000 8.29549  ? 127 PRO A N   1 
ATOM 437  C CA  . PRO A 1 56  ? 9.46401   -8.45172  -9.53638  1.000 8.29549  ? 127 PRO A CA  1 
ATOM 438  C C   . PRO A 1 56  ? 10.12928  -7.32728  -8.76365  1.000 8.29549  ? 127 PRO A C   1 
ATOM 439  O O   . PRO A 1 56  ? 11.03334  -7.59538  -7.96262  1.000 8.29549  ? 127 PRO A O   1 
ATOM 440  C CB  . PRO A 1 56  ? 10.06184  -8.60407  -10.94212 1.000 8.29549  ? 127 PRO A CB  1 
ATOM 441  C CG  . PRO A 1 56  ? 8.91684   -9.05201  -11.78921 1.000 8.29549  ? 127 PRO A CG  1 
ATOM 442  C CD  . PRO A 1 56  ? 7.72040   -8.33423  -11.24112 1.000 8.29549  ? 127 PRO A CD  1 
ATOM 443  N N   . GLY A 1 57  ? 9.71637   -6.07670  -8.97225  1.000 9.24335  ? 128 GLY A N   1 
ATOM 444  C CA  . GLY A 1 57  ? 10.36308  -4.96176  -8.31202  1.000 9.24335  ? 128 GLY A CA  1 
ATOM 445  C C   . GLY A 1 57  ? 9.42094   -3.79271  -8.13042  1.000 9.24335  ? 128 GLY A C   1 
ATOM 446  O O   . GLY A 1 57  ? 8.28240   -3.79788  -8.60381  1.000 9.24335  ? 128 GLY A O   1 
ATOM 447  N N   . CYS A 1 58  ? 9.92261   -2.77374  -7.42749  1.000 12.85051 ? 129 CYS A N   1 
ATOM 448  C CA  . CYS A 1 58  ? 9.11220   -1.59623  -7.13807  1.000 12.85051 ? 129 CYS A CA  1 
ATOM 449  C C   . CYS A 1 58  ? 8.81434   -0.78700  -8.39286  1.000 12.85051 ? 129 CYS A C   1 
ATOM 450  O O   . CYS A 1 58  ? 7.74270   -0.17579  -8.49302  1.000 12.85051 ? 129 CYS A O   1 
ATOM 451  C CB  . CYS A 1 58  ? 9.80998   -0.71943  -6.09811  1.000 12.85051 ? 129 CYS A CB  1 
ATOM 452  S SG  . CYS A 1 58  ? 10.11156  -1.53982  -4.51621  1.000 12.85051 ? 129 CYS A SG  1 
ATOM 453  N N   . PHE A 1 59  ? 9.74355   -0.76836  -9.35380  1.000 13.02256 ? 130 PHE A N   1 
ATOM 454  C CA  . PHE A 1 59  ? 9.53591   0.00013   -10.57726 1.000 13.02256 ? 130 PHE A CA  1 
ATOM 455  C C   . PHE A 1 59  ? 8.28965   -0.45872  -11.32215 1.000 13.02256 ? 130 PHE A C   1 
ATOM 456  O O   . PHE A 1 59  ? 7.61279   0.35435   -11.96158 1.000 13.02256 ? 130 PHE A O   1 
ATOM 457  C CB  . PHE A 1 59  ? 10.76819  -0.11244  -11.47851 1.000 13.02256 ? 130 PHE A CB  1 
ATOM 458  C CG  . PHE A 1 59  ? 10.81709  0.91327   -12.57495 1.000 13.02256 ? 130 PHE A CG  1 
ATOM 459  C CD1 . PHE A 1 59  ? 10.10483  0.73216   -13.74864 1.000 13.02256 ? 130 PHE A CD1 1 
ATOM 460  C CD2 . PHE A 1 59  ? 11.58678  2.05476   -12.43502 1.000 13.02256 ? 130 PHE A CD2 1 
ATOM 461  C CE1 . PHE A 1 59  ? 10.14919  1.67512   -14.75556 1.000 13.02256 ? 130 PHE A CE1 1 
ATOM 462  C CE2 . PHE A 1 59  ? 11.63780  2.99976   -13.44128 1.000 13.02256 ? 130 PHE A CE2 1 
ATOM 463  C CZ  . PHE A 1 59  ? 10.91743  2.80979   -14.60107 1.000 13.02256 ? 130 PHE A CZ  1 
ATOM 464  N N   . GLU A 1 60  ? 7.96563   -1.74745  -11.24395 1.000 12.65731 ? 131 GLU A N   1 
ATOM 465  C CA  . GLU A 1 60  ? 6.79305   -2.28912  -11.91500 1.000 12.65731 ? 131 GLU A CA  1 
ATOM 466  C C   . GLU A 1 60  ? 5.51105   -2.10175  -11.11403 1.000 12.65731 ? 131 GLU A C   1 
ATOM 467  O O   . GLU A 1 60  ? 4.44007   -2.47439  -11.60294 1.000 12.65731 ? 131 GLU A O   1 
ATOM 468  C CB  . GLU A 1 60  ? 6.99786   -3.77665  -12.21724 1.000 12.65731 ? 131 GLU A CB  1 
ATOM 469  C CG  . GLU A 1 60  ? 8.06021   -4.06382  -13.27222 1.000 12.65731 ? 131 GLU A CG  1 
ATOM 470  C CD  . GLU A 1 60  ? 9.47445   -3.91380  -12.74163 1.000 12.65731 ? 131 GLU A CD  1 
ATOM 471  O OE1 . GLU A 1 60  ? 9.66383   -4.00928  -11.51135 1.000 12.65731 ? 131 GLU A OE1 1 
ATOM 472  O OE2 . GLU A 1 60  ? 10.39592  -3.69684  -13.55670 1.000 12.65731 ? 131 GLU A OE2 1 
ATOM 473  N N   . ILE A 1 61  ? 5.59280   -1.54610  -9.90397  1.000 10.76768 ? 132 ILE A N   1 
ATOM 474  C CA  . ILE A 1 61  ? 4.39443   -1.36166  -9.09002  1.000 10.76768 ? 132 ILE A CA  1 
ATOM 475  C C   . ILE A 1 61  ? 3.46265   -0.33957  -9.73014  1.000 10.76768 ? 132 ILE A C   1 
ATOM 476  O O   . ILE A 1 61  ? 2.26049   -0.58545  -9.88830  1.000 10.76768 ? 132 ILE A O   1 
ATOM 477  C CB  . ILE A 1 61  ? 4.77643   -0.95316  -7.65716  1.000 10.76768 ? 132 ILE A CB  1 
ATOM 478  C CG1 . ILE A 1 61  ? 5.46309   -2.11339  -6.93633  1.000 10.76768 ? 132 ILE A CG1 1 
ATOM 479  C CG2 . ILE A 1 61  ? 3.54918   -0.49810  -6.88795  1.000 10.76768 ? 132 ILE A CG2 1 
ATOM 480  C CD1 . ILE A 1 61  ? 5.78302   -1.82222  -5.49040  1.000 10.76768 ? 132 ILE A CD1 1 
ATOM 481  N N   . GLY A 1 62  ? 4.00929   0.81197   -10.12885 1.000 11.01726 ? 133 GLY A N   1 
ATOM 482  C CA  . GLY A 1 62  ? 3.17421   1.88946   -10.63246 1.000 11.01726 ? 133 GLY A CA  1 
ATOM 483  C C   . GLY A 1 62  ? 2.38284   1.51294   -11.86841 1.000 11.01726 ? 133 GLY A C   1 
ATOM 484  O O   . GLY A 1 62  ? 1.25495   1.97823   -12.05380 1.000 11.01726 ? 133 GLY A O   1 
ATOM 485  N N   . ALA A 1 63  ? 2.95674   0.67232   -12.73093 1.000 11.43370 ? 134 ALA A N   1 
ATOM 486  C CA  . ALA A 1 63  ? 2.22278   0.21104   -13.90311 1.000 11.43370 ? 134 ALA A CA  1 
ATOM 487  C C   . ALA A 1 63  ? 1.10328   -0.74962  -13.52641 1.000 11.43370 ? 134 ALA A C   1 
ATOM 488  O O   . ALA A 1 63  ? 0.05964   -0.77066  -14.18891 1.000 11.43370 ? 134 ALA A O   1 
ATOM 489  C CB  . ALA A 1 63  ? 3.17747   -0.45218  -14.89531 1.000 11.43370 ? 134 ALA A CB  1 
ATOM 490  N N   . VAL A 1 64  ? 1.29613   -1.55080  -12.47785 1.000 10.04956 ? 135 VAL A N   1 
ATOM 491  C CA  . VAL A 1 64  ? 0.27786   -2.52253  -12.09230 1.000 10.04956 ? 135 VAL A CA  1 
ATOM 492  C C   . VAL A 1 64  ? -0.89075  -1.83598  -11.39956 1.000 10.04956 ? 135 VAL A C   1 
ATOM 493  O O   . VAL A 1 64  ? -2.05797  -2.10679  -11.70701 1.000 10.04956 ? 135 VAL A O   1 
ATOM 494  C CB  . VAL A 1 64  ? 0.89398   -3.62121  -11.20881 1.000 10.04956 ? 135 VAL A CB  1 
ATOM 495  C CG1 . VAL A 1 64  ? -0.19731  -4.48955  -10.60538 1.000 10.04956 ? 135 VAL A CG1 1 
ATOM 496  C CG2 . VAL A 1 64  ? 1.84570   -4.46885  -12.02558 1.000 10.04956 ? 135 VAL A CG2 1 
ATOM 497  N N   . ALA A 1 65  ? -0.59571  -0.93126  -10.46242 1.000 10.55084 ? 136 ALA A N   1 
ATOM 498  C CA  . ALA A 1 65  ? -1.66184  -0.23596  -9.74956  1.000 10.55084 ? 136 ALA A CA  1 
ATOM 499  C C   . ALA A 1 65  ? -2.54097  0.54961   -10.71300 1.000 10.55084 ? 136 ALA A C   1 
ATOM 500  O O   . ALA A 1 65  ? -3.77343  0.49277   -10.62754 1.000 10.55084 ? 136 ALA A O   1 
ATOM 501  C CB  . ALA A 1 65  ? -1.06841  0.68543   -8.68423  1.000 10.55084 ? 136 ALA A CB  1 
ATOM 502  N N   . THR A 1 66  ? -1.92219  1.26845   -11.65349 1.000 12.05626 ? 137 THR A N   1 
ATOM 503  C CA  . THR A 1 66  ? -2.68920  1.94833   -12.69167 1.000 12.05626 ? 137 THR A CA  1 
ATOM 504  C C   . THR A 1 66  ? -3.54518  0.95802   -13.46898 1.000 12.05626 ? 137 THR A C   1 
ATOM 505  O O   . THR A 1 66  ? -4.68761  1.26008   -13.83213 1.000 12.05626 ? 137 THR A O   1 
ATOM 506  C CB  . THR A 1 66  ? -1.74823  2.69936   -13.63348 1.000 12.05626 ? 137 THR A CB  1 
ATOM 507  O OG1 . THR A 1 66  ? -0.88243  3.54859   -12.87030 1.000 12.05626 ? 137 THR A OG1 1 
ATOM 508  C CG2 . THR A 1 66  ? -2.54013  3.54847   -14.61342 1.000 12.05626 ? 137 THR A CG2 1 
ATOM 509  N N   . ARG A 1 67  ? -3.00684  -0.23486  -13.73144 1.000 14.03336 ? 138 ARG A N   1 
ATOM 510  C CA  . ARG A 1 67  ? -3.80471  -1.28258  -14.35567 1.000 14.03336 ? 138 ARG A CA  1 
ATOM 511  C C   . ARG A 1 67  ? -4.93505  -1.73258  -13.43770 1.000 14.03336 ? 138 ARG A C   1 
ATOM 512  O O   . ARG A 1 67  ? -6.05900  -1.96555  -13.89664 1.000 14.03336 ? 138 ARG A O   1 
ATOM 513  C CB  . ARG A 1 67  ? -2.91005  -2.46309  -14.73401 1.000 14.03336 ? 138 ARG A CB  1 
ATOM 514  C CG  . ARG A 1 67  ? -3.63378  -3.60774  -15.41570 1.000 14.03336 ? 138 ARG A CG  1 
ATOM 515  C CD  . ARG A 1 67  ? -4.34163  -3.14329  -16.67426 1.000 14.03336 ? 138 ARG A CD  1 
ATOM 516  N NE  . ARG A 1 67  ? -4.85984  -4.26370  -17.44914 1.000 14.03336 ? 138 ARG A NE  1 
ATOM 517  C CZ  . ARG A 1 67  ? -4.23052  -4.81627  -18.47734 1.000 14.03336 ? 138 ARG A CZ  1 
ATOM 518  N NH1 . ARG A 1 67  ? -3.05684  -4.36791  -18.89222 1.000 14.03336 ? 138 ARG A NH1 1 
ATOM 519  N NH2 . ARG A 1 67  ? -4.79523  -5.84083  -19.10946 1.000 14.03336 ? 138 ARG A NH2 1 
ATOM 520  N N   . LEU A 1 68  ? -4.65805  -1.85896  -12.13755 1.000 11.47151 ? 139 LEU A N   1 
ATOM 521  C CA  . LEU A 1 68  ? -5.68414  -2.30823  -11.20339 1.000 11.47151 ? 139 LEU A CA  1 
ATOM 522  C C   . LEU A 1 68  ? -6.67163  -1.19715  -10.87212 1.000 11.47151 ? 139 LEU A C   1 
ATOM 523  O O   . LEU A 1 68  ? -7.86149  -1.46172  -10.67091 1.000 11.47151 ? 139 LEU A O   1 
ATOM 524  C CB  . LEU A 1 68  ? -5.03510  -2.84408  -9.92609  1.000 11.47151 ? 139 LEU A CB  1 
ATOM 525  C CG  . LEU A 1 68  ? -4.17935  -4.10259  -10.08342 1.000 11.47151 ? 139 LEU A CG  1 
ATOM 526  C CD1 . LEU A 1 68  ? -3.61858  -4.54258  -8.74042  1.000 11.47151 ? 139 LEU A CD1 1 
ATOM 527  C CD2 . LEU A 1 68  ? -4.98210  -5.22544  -10.72368 1.000 11.47151 ? 139 LEU A CD2 1 
ATOM 528  N N   . GLY A 1 69  ? -6.19942  0.04962   -10.81070 1.000 13.88965 ? 140 GLY A N   1 
ATOM 529  C CA  . GLY A 1 69  ? -7.07260  1.15691   -10.46601 1.000 13.88965 ? 140 GLY A CA  1 
ATOM 530  C C   . GLY A 1 69  ? -8.04837  1.54340   -11.55645 1.000 13.88965 ? 140 GLY A C   1 
ATOM 531  O O   . GLY A 1 69  ? -9.09110  2.13411   -11.25772 1.000 13.88965 ? 140 GLY A O   1 
ATOM 532  N N   . LYS A 1 70  ? -7.73959  1.22274   -12.81109 1.000 16.07931 ? 141 LYS A N   1 
ATOM 533  C CA  . LYS A 1 70  ? -8.60139  1.55674   -13.93617 1.000 16.07931 ? 141 LYS A CA  1 
ATOM 534  C C   . LYS A 1 70  ? -9.58657  0.44731   -14.28012 1.000 16.07931 ? 141 LYS A C   1 
ATOM 535  O O   . LYS A 1 70  ? -10.34252 0.58668   -15.24721 1.000 16.07931 ? 141 LYS A O   1 
ATOM 536  C CB  . LYS A 1 70  ? -7.75534  1.89979   -15.16522 1.000 16.07931 ? 141 LYS A CB  1 
ATOM 537  C CG  . LYS A 1 70  ? -7.12572  3.28116   -15.11486 1.000 16.07931 ? 141 LYS A CG  1 
ATOM 538  C CD  . LYS A 1 70  ? -6.30281  3.56069   -16.35988 1.000 16.07931 ? 141 LYS A CD  1 
ATOM 539  C CE  . LYS A 1 70  ? -5.91618  5.02805   -16.44424 1.000 16.07931 ? 141 LYS A CE  1 
ATOM 540  N NZ  . LYS A 1 70  ? -5.20151  5.49199   -15.22317 1.000 16.07931 ? 141 LYS A NZ  1 
ATOM 541  N N   . SER A 1 71  ? -9.59685  -0.64550  -13.51673 1.000 14.83606 ? 142 SER A N   1 
ATOM 542  C CA  . SER A 1 71  ? -10.52222 -1.74094  -13.76504 1.000 14.83606 ? 142 SER A CA  1 
ATOM 543  C C   . SER A 1 71  ? -11.83777 -1.60352  -13.01226 1.000 14.83606 ? 142 SER A C   1 
ATOM 544  O O   . SER A 1 71  ? -12.83204 -2.21154  -13.42211 1.000 14.83606 ? 142 SER A O   1 
ATOM 545  C CB  . SER A 1 71  ? -9.87261  -3.07998  -13.39282 1.000 14.83606 ? 142 SER A CB  1 
ATOM 546  O OG  . SER A 1 71  ? -9.52630  -3.11325  -12.01889 1.000 14.83606 ? 142 SER A OG  1 
ATOM 547  N N   . GLY A 1 72  ? -11.86731 -0.82800  -11.92994 1.000 14.89099 ? 143 GLY A N   1 
ATOM 548  C CA  . GLY A 1 72  ? -13.06992 -0.65457  -11.14533 1.000 14.89099 ? 143 GLY A CA  1 
ATOM 549  C C   . GLY A 1 72  ? -13.37717 -1.78054  -10.18593 1.000 14.89099 ? 143 GLY A C   1 
ATOM 550  O O   . GLY A 1 72  ? -14.40118 -1.71877  -9.49265  1.000 14.89099 ? 143 GLY A O   1 
ATOM 551  N N   . LYS A 1 73  ? -12.52884 -2.80550  -10.11803 1.000 15.02901 ? 144 LYS A N   1 
ATOM 552  C CA  . LYS A 1 73  ? -12.76489 -3.94706  -9.24660  1.000 15.02901 ? 144 LYS A CA  1 
ATOM 553  C C   . LYS A 1 73  ? -12.34631 -3.69577  -7.80415  1.000 15.02901 ? 144 LYS A C   1 
ATOM 554  O O   . LYS A 1 73  ? -12.70871 -4.48712  -6.92805  1.000 15.02901 ? 144 LYS A O   1 
ATOM 555  C CB  . LYS A 1 73  ? -12.02408 -5.17417  -9.78430  1.000 15.02901 ? 144 LYS A CB  1 
ATOM 556  C CG  . LYS A 1 73  ? -12.48222 -5.62293  -11.16172 1.000 15.02901 ? 144 LYS A CG  1 
ATOM 557  C CD  . LYS A 1 73  ? -11.53725 -6.66017  -11.74862 1.000 15.02901 ? 144 LYS A CD  1 
ATOM 558  C CE  . LYS A 1 73  ? -11.36230 -7.84437  -10.81259 1.000 15.02901 ? 144 LYS A CE  1 
ATOM 559  N NZ  . LYS A 1 73  ? -12.65950 -8.51612  -10.52995 1.000 15.02901 ? 144 LYS A NZ  1 
ATOM 560  N N   . TYR A 1 74  ? -11.60085 -2.62645  -7.53574  1.000 11.96026 ? 145 TYR A N   1 
ATOM 561  C CA  . TYR A 1 74  ? -11.07824 -2.35605  -6.20639  1.000 11.96026 ? 145 TYR A CA  1 
ATOM 562  C C   . TYR A 1 74  ? -11.36864 -0.91554  -5.81705  1.000 11.96026 ? 145 TYR A C   1 
ATOM 563  O O   . TYR A 1 74  ? -11.43183 -0.02482  -6.66848  1.000 11.96026 ? 145 TYR A O   1 
ATOM 564  C CB  . TYR A 1 74  ? -9.56915  -2.61582  -6.13538  1.000 11.96026 ? 145 TYR A CB  1 
ATOM 565  C CG  . TYR A 1 74  ? -9.14791  -3.92327  -6.76212  1.000 11.96026 ? 145 TYR A CG  1 
ATOM 566  C CD1 . TYR A 1 74  ? -9.29757  -5.12201  -6.07848  1.000 11.96026 ? 145 TYR A CD1 1 
ATOM 567  C CD2 . TYR A 1 74  ? -8.60164  -3.95907  -8.03786  1.000 11.96026 ? 145 TYR A CD2 1 
ATOM 568  C CE1 . TYR A 1 74  ? -8.91462  -6.31923  -6.64764  1.000 11.96026 ? 145 TYR A CE1 1 
ATOM 569  C CE2 . TYR A 1 74  ? -8.21530  -5.15055  -8.61669  1.000 11.96026 ? 145 TYR A CE2 1 
ATOM 570  C CZ  . TYR A 1 74  ? -8.37408  -6.32806  -7.91692  1.000 11.96026 ? 145 TYR A CZ  1 
ATOM 571  O OH  . TYR A 1 74  ? -7.98986  -7.51825  -8.48891  1.000 11.96026 ? 145 TYR A OH  1 
ATOM 572  N N   . HIS A 1 75  ? -11.54506 -0.69658  -4.51389  1.000 14.07251 ? 146 HIS A N   1 
ATOM 573  C CA  . HIS A 1 75  ? -11.77025 0.63917   -3.98199  1.000 14.07251 ? 146 HIS A CA  1 
ATOM 574  C C   . HIS A 1 75  ? -10.50489 1.28691   -3.44081  1.000 14.07251 ? 146 HIS A C   1 
ATOM 575  O O   . HIS A 1 75  ? -10.49213 2.50437   -3.23028  1.000 14.07251 ? 146 HIS A O   1 
ATOM 576  C CB  . HIS A 1 75  ? -12.83063 0.59716   -2.87523  1.000 14.07251 ? 146 HIS A CB  1 
ATOM 577  C CG  . HIS A 1 75  ? -14.10558 -0.06701  -3.28949  1.000 14.07251 ? 146 HIS A CG  1 
ATOM 578  N ND1 . HIS A 1 75  ? -14.25266 -1.43666  -3.32775  1.000 14.07251 ? 146 HIS A ND1 1 
ATOM 579  C CD2 . HIS A 1 75  ? -15.28997 0.44841   -3.69637  1.000 14.07251 ? 146 HIS A CD2 1 
ATOM 580  C CE1 . HIS A 1 75  ? -15.47289 -1.73621  -3.73297  1.000 14.07251 ? 146 HIS A CE1 1 
ATOM 581  N NE2 . HIS A 1 75  ? -16.12294 -0.61001  -3.96322  1.000 14.07251 ? 146 HIS A NE2 1 
ATOM 582  N N   . ALA A 1 76  ? -9.45027  0.50749   -3.21132  1.000 9.98029  ? 147 ALA A N   1 
ATOM 583  C CA  . ALA A 1 76  ? -8.17187  1.04223   -2.77196  1.000 9.98029  ? 147 ALA A CA  1 
ATOM 584  C C   . ALA A 1 76  ? -7.07037  0.09153   -3.21188  1.000 9.98029  ? 147 ALA A C   1 
ATOM 585  O O   . ALA A 1 76  ? -7.27868  -1.12083  -3.30828  1.000 9.98029  ? 147 ALA A O   1 
ATOM 586  C CB  . ALA A 1 76  ? -8.13063  1.24623   -1.25447  1.000 9.98029  ? 147 ALA A CB  1 
ATOM 587  N N   . ILE A 1 77  ? -5.89587  0.65483   -3.47982  1.000 8.91257  ? 148 ILE A N   1 
ATOM 588  C CA  . ILE A 1 77  ? -4.73652  -0.10143  -3.93721  1.000 8.91257  ? 148 ILE A CA  1 
ATOM 589  C C   . ILE A 1 77  ? -3.61892  0.07926   -2.92158  1.000 8.91257  ? 148 ILE A C   1 
ATOM 590  O O   . ILE A 1 77  ? -3.32785  1.20683   -2.50697  1.000 8.91257  ? 148 ILE A O   1 
ATOM 591  C CB  . ILE A 1 77  ? -4.27928  0.34574   -5.33766  1.000 8.91257  ? 148 ILE A CB  1 
ATOM 592  C CG1 . ILE A 1 77  ? -5.45459  0.33895   -6.31748  1.000 8.91257  ? 148 ILE A CG1 1 
ATOM 593  C CG2 . ILE A 1 77  ? -3.15859  -0.55066  -5.84232  1.000 8.91257  ? 148 ILE A CG2 1 
ATOM 594  C CD1 . ILE A 1 77  ? -6.09729  -1.01410  -6.49349  1.000 8.91257  ? 148 ILE A CD1 1 
ATOM 595  N N   . ILE A 1 78  ? -3.00104  -1.02761  -2.52070  1.000 7.58879  ? 149 ILE A N   1 
ATOM 596  C CA  . ILE A 1 78  ? -1.89379  -1.01827  -1.57220  1.000 7.58879  ? 149 ILE A CA  1 
ATOM 597  C C   . ILE A 1 78  ? -0.62550  -1.36488  -2.33726  1.000 7.58879  ? 149 ILE A C   1 
ATOM 598  O O   . ILE A 1 78  ? -0.55308  -2.41182  -2.99216  1.000 7.58879  ? 149 ILE A O   1 
ATOM 599  C CB  . ILE A 1 78  ? -2.12309  -2.00013  -0.41170  1.000 7.58879  ? 149 ILE A CB  1 
ATOM 600  C CG1 . ILE A 1 78  ? -3.40796  -1.65854  0.34538   1.000 7.58879  ? 149 ILE A CG1 1 
ATOM 601  C CG2 . ILE A 1 78  ? -0.94075  -1.98040  0.54187   1.000 7.58879  ? 149 ILE A CG2 1 
ATOM 602  C CD1 . ILE A 1 78  ? -4.64156  -2.36982  -0.17200  1.000 7.58879  ? 149 ILE A CD1 1 
ATOM 603  N N   . CYS A 1 79  ? 0.36880   -0.48819  -2.25967  1.000 8.46138  ? 150 CYS A N   1 
ATOM 604  C CA  . CYS A 1 79  ? 1.65244   -0.67867  -2.92909  1.000 8.46138  ? 150 CYS A CA  1 
ATOM 605  C C   . CYS A 1 79  ? 2.69742   -0.95984  -1.85500  1.000 8.46138  ? 150 CYS A C   1 
ATOM 606  O O   . CYS A 1 79  ? 3.10907   -0.05329  -1.12637  1.000 8.46138  ? 150 CYS A O   1 
ATOM 607  C CB  . CYS A 1 79  ? 2.01926   0.54499   -3.76205  1.000 8.46138  ? 150 CYS A CB  1 
ATOM 608  S SG  . CYS A 1 79  ? 0.77541   1.00749   -4.98944  1.000 8.46138  ? 150 CYS A SG  1 
ATOM 609  N N   . ILE A 1 80  ? 3.12938   -2.21432  -1.76365  1.000 6.66646  ? 151 ILE A N   1 
ATOM 610  C CA  . ILE A 1 80  ? 4.08692   -2.65506  -0.75704  1.000 6.66646  ? 151 ILE A CA  1 
ATOM 611  C C   . ILE A 1 80  ? 5.42239   -2.91558  -1.43700  1.000 6.66646  ? 151 ILE A C   1 
ATOM 612  O O   . ILE A 1 80  ? 5.48590   -3.62598  -2.44771  1.000 6.66646  ? 151 ILE A O   1 
ATOM 613  C CB  . ILE A 1 80  ? 3.59187   -3.91036  -0.01683  1.000 6.66646  ? 151 ILE A CB  1 
ATOM 614  C CG1 . ILE A 1 80  ? 2.35596   -3.58246  0.81874   1.000 6.66646  ? 151 ILE A CG1 1 
ATOM 615  C CG2 . ILE A 1 80  ? 4.69321   -4.48473  0.86130   1.000 6.66646  ? 151 ILE A CG2 1 
ATOM 616  C CD1 . ILE A 1 80  ? 1.82637   -4.75706  1.60600   1.000 6.66646  ? 151 ILE A CD1 1 
ATOM 617  N N   . GLY A 1 81  ? 6.48496   -2.33628  -0.88521  1.000 7.17316  ? 152 GLY A N   1 
ATOM 618  C CA  . GLY A 1 81  ? 7.81990   -2.54449  -1.41287  1.000 7.17316  ? 152 GLY A CA  1 
ATOM 619  C C   . GLY A 1 81  ? 8.85671   -2.14252  -0.39106  1.000 7.17316  ? 152 GLY A C   1 
ATOM 620  O O   . GLY A 1 81  ? 8.54113   -1.62021  0.68057   1.000 7.17316  ? 152 GLY A O   1 
ATOM 621  N N   . ALA A 1 82  ? 10.11416  -2.40289  -0.73802  1.000 9.03785  ? 153 ALA A N   1 
ATOM 622  C CA  . ALA A 1 82  ? 11.23400  -2.05441  0.12918   1.000 9.03785  ? 153 ALA A CA  1 
ATOM 623  C C   . ALA A 1 82  ? 12.41878  -1.67738  -0.74202  1.000 9.03785  ? 153 ALA A C   1 
ATOM 624  O O   . ALA A 1 82  ? 12.87494  -2.48961  -1.55296  1.000 9.03785  ? 153 ALA A O   1 
ATOM 625  C CB  . ALA A 1 82  ? 11.59568  -3.21216  1.06002   1.000 9.03785  ? 153 ALA A CB  1 
ATOM 626  N N   . VAL A 1 83  ? 12.91109  -0.45398  -0.57767  1.000 14.23765 ? 154 VAL A N   1 
ATOM 627  C CA  . VAL A 1 83  ? 14.06203  0.04405   -1.32065  1.000 14.23765 ? 154 VAL A CA  1 
ATOM 628  C C   . VAL A 1 83  ? 15.10873  0.44967   -0.29340  1.000 14.23765 ? 154 VAL A C   1 
ATOM 629  O O   . VAL A 1 83  ? 15.01504  1.52284   0.31478   1.000 14.23765 ? 154 VAL A O   1 
ATOM 630  C CB  . VAL A 1 83  ? 13.70088  1.21412   -2.24181  1.000 14.23765 ? 154 VAL A CB  1 
ATOM 631  C CG1 . VAL A 1 83  ? 14.93120  1.68990   -2.99666  1.000 14.23765 ? 154 VAL A CG1 1 
ATOM 632  C CG2 . VAL A 1 83  ? 12.60240  0.80811   -3.21138  1.000 14.23765 ? 154 VAL A CG2 1 
ATOM 633  N N   . ILE A 1 84  ? 16.10585  -0.40472  -0.08997  1.000 20.16394 ? 155 ILE A N   1 
ATOM 634  C CA  . ILE A 1 84  ? 17.22088  -0.09854  0.79728   1.000 20.16394 ? 155 ILE A CA  1 
ATOM 635  C C   . ILE A 1 84  ? 18.30589  0.57210   -0.03550  1.000 20.16394 ? 155 ILE A C   1 
ATOM 636  O O   . ILE A 1 84  ? 18.83186  -0.02263  -0.98213  1.000 20.16394 ? 155 ILE A O   1 
ATOM 637  C CB  . ILE A 1 84  ? 17.75243  -1.36164  1.49267   1.000 20.16394 ? 155 ILE A CB  1 
ATOM 638  C CG1 . ILE A 1 84  ? 16.78315  -1.83368  2.58162   1.000 20.16394 ? 155 ILE A CG1 1 
ATOM 639  C CG2 . ILE A 1 84  ? 19.12379  -1.10057  2.09284   1.000 20.16394 ? 155 ILE A CG2 1 
ATOM 640  C CD1 . ILE A 1 84  ? 15.63409  -2.68156  2.07750   1.000 20.16394 ? 155 ILE A CD1 1 
ATOM 641  N N   . ARG A 1 85  ? 18.63399  1.81666   0.31205   1.000 28.80702 ? 156 ARG A N   1 
ATOM 642  C CA  . ARG A 1 85  ? 19.56391  2.59838   -0.49564  1.000 28.80702 ? 156 ARG A CA  1 
ATOM 643  C C   . ARG A 1 85  ? 20.99958  2.11595   -0.32152  1.000 28.80702 ? 156 ARG A C   1 
ATOM 644  O O   . ARG A 1 85  ? 21.64554  1.69069   -1.28449  1.000 28.80702 ? 156 ARG A O   1 
ATOM 645  C CB  . ARG A 1 85  ? 19.44960  4.08079   -0.13668  1.000 28.80702 ? 156 ARG A CB  1 
ATOM 646  C CG  . ARG A 1 85  ? 18.09940  4.69996   -0.46154  1.000 28.80702 ? 156 ARG A CG  1 
ATOM 647  C CD  . ARG A 1 85  ? 18.05388  6.17520   -0.08564  1.000 28.80702 ? 156 ARG A CD  1 
ATOM 648  N NE  . ARG A 1 85  ? 19.02933  6.96839   -0.82604  1.000 28.80702 ? 156 ARG A NE  1 
ATOM 649  C CZ  . ARG A 1 85  ? 20.19878  7.36394   -0.34164  1.000 28.80702 ? 156 ARG A CZ  1 
ATOM 650  N NH1 . ARG A 1 85  ? 20.57450  7.06356   0.89042   1.000 28.80702 ? 156 ARG A NH1 1 
ATOM 651  N NH2 . ARG A 1 85  ? 21.01226  8.07867   -1.11361  1.000 28.80702 ? 156 ARG A NH2 1 
ATOM 652  N N   . GLY A 1 86  ? 21.51421  2.17466   0.90300   1.000 34.30939 ? 157 GLY A N   1 
ATOM 653  C CA  . GLY A 1 86  ? 22.90282  1.84204   1.14354   1.000 34.30939 ? 157 GLY A CA  1 
ATOM 654  C C   . GLY A 1 86  ? 23.81476  3.03863   0.96945   1.000 34.30939 ? 157 GLY A C   1 
ATOM 655  O O   . GLY A 1 86  ? 23.39256  4.18189   1.16643   1.000 34.30939 ? 157 GLY A O   1 
ATOM 656  N N   . ASP A 1 87  ? 25.06755  2.79159   0.59649   1.000 41.30959 ? 158 ASP A N   1 
ATOM 657  C CA  . ASP A 1 87  ? 26.04841  3.85448   0.42517   1.000 41.30959 ? 158 ASP A CA  1 
ATOM 658  C C   . ASP A 1 87  ? 26.13198  4.37267   -1.00578  1.000 41.30959 ? 158 ASP A C   1 
ATOM 659  O O   . ASP A 1 87  ? 26.93108  5.27479   -1.27485  1.000 41.30959 ? 158 ASP A O   1 
ATOM 660  C CB  . ASP A 1 87  ? 27.43126  3.36974   0.87598   1.000 41.30959 ? 158 ASP A CB  1 
ATOM 661  C CG  . ASP A 1 87  ? 27.84912  2.07983   0.19714   1.000 41.30959 ? 158 ASP A CG  1 
ATOM 662  O OD1 . ASP A 1 87  ? 27.02829  1.49987   -0.54619  1.000 41.30959 ? 158 ASP A OD1 1 
ATOM 663  O OD2 . ASP A 1 87  ? 29.00031  1.64398   0.40656   1.000 41.30959 ? 158 ASP A OD2 1 
ATOM 664  N N   . THR A 1 88  ? 25.33616  3.83570   -1.92299  1.000 37.25408 ? 159 THR A N   1 
ATOM 665  C CA  . THR A 1 88  ? 25.37482  4.22385   -3.32645  1.000 37.25408 ? 159 THR A CA  1 
ATOM 666  C C   . THR A 1 88  ? 24.03643  4.83171   -3.73610  1.000 37.25408 ? 159 THR A C   1 
ATOM 667  O O   . THR A 1 88  ? 23.08109  4.88146   -2.95649  1.000 37.25408 ? 159 THR A O   1 
ATOM 668  C CB  . THR A 1 88  ? 25.71764  3.02429   -4.21654  1.000 37.25408 ? 159 THR A CB  1 
ATOM 669  O OG1 . THR A 1 88  ? 24.72535  2.00322   -4.04829  1.000 37.25408 ? 159 THR A OG1 1 
ATOM 670  C CG2 . THR A 1 88  ? 27.08396  2.46334   -3.85206  1.000 37.25408 ? 159 THR A CG2 1 
ATOM 671  N N   . THR A 1 89  ? 23.97803  5.29815   -4.98343  1.000 31.08705 ? 160 THR A N   1 
ATOM 672  C CA  . THR A 1 89  ? 22.76891  5.87600   -5.55679  1.000 31.08705 ? 160 THR A CA  1 
ATOM 673  C C   . THR A 1 89  ? 22.12971  4.95724   -6.59207  1.000 31.08705 ? 160 THR A C   1 
ATOM 674  O O   . THR A 1 89  ? 21.35154  5.42060   -7.43218  1.000 31.08705 ? 160 THR A O   1 
ATOM 675  C CB  . THR A 1 89  ? 23.07393  7.23830   -6.18175  1.000 31.08705 ? 160 THR A CB  1 
ATOM 676  O OG1 . THR A 1 89  ? 24.00601  7.07510   -7.25825  1.000 31.08705 ? 160 THR A OG1 1 
ATOM 677  C CG2 . THR A 1 89  ? 23.66748  8.17845   -5.14372  1.000 31.08705 ? 160 THR A CG2 1 
ATOM 678  N N   . HIS A 1 90  ? 22.45003  3.66167   -6.55136  1.000 27.59572 ? 161 HIS A N   1 
ATOM 679  C CA  . HIS A 1 90  ? 21.91036  2.73068   -7.53573  1.000 27.59572 ? 161 HIS A CA  1 
ATOM 680  C C   . HIS A 1 90  ? 20.40389  2.55843   -7.39197  1.000 27.59572 ? 161 HIS A C   1 
ATOM 681  O O   . HIS A 1 90  ? 19.71514  2.30086   -8.38610  1.000 27.59572 ? 161 HIS A O   1 
ATOM 682  C CB  . HIS A 1 90  ? 22.61111  1.37703   -7.41330  1.000 27.59572 ? 161 HIS A CB  1 
ATOM 683  C CG  . HIS A 1 90  ? 22.14059  0.35945   -8.40471  1.000 27.59572 ? 161 HIS A CG  1 
ATOM 684  N ND1 . HIS A 1 90  ? 21.17964  -0.58286  -8.10585  1.000 27.59572 ? 161 HIS A ND1 1 
ATOM 685  C CD2 . HIS A 1 90  ? 22.49714  0.13699   -9.69181  1.000 27.59572 ? 161 HIS A CD2 1 
ATOM 686  C CE1 . HIS A 1 90  ? 20.96544  -1.34155  -9.16491  1.000 27.59572 ? 161 HIS A CE1 1 
ATOM 687  N NE2 . HIS A 1 90  ? 21.75165  -0.92539  -10.14135 1.000 27.59572 ? 161 HIS A NE2 1 
ATOM 688  N N   . TYR A 1 91  ? 19.87468  2.69614   -6.17889  1.000 24.52331 ? 162 TYR A N   1 
ATOM 689  C CA  . TYR A 1 91  ? 18.45912  2.47848   -5.92163  1.000 24.52331 ? 162 TYR A CA  1 
ATOM 690  C C   . TYR A 1 91  ? 17.67150  3.77031   -5.74889  1.000 24.52331 ? 162 TYR A C   1 
ATOM 691  O O   . TYR A 1 91  ? 16.45745  3.71020   -5.53106  1.000 24.52331 ? 162 TYR A O   1 
ATOM 692  C CB  . TYR A 1 91  ? 18.27777  1.59902   -4.68065  1.000 24.52331 ? 162 TYR A CB  1 
ATOM 693  C CG  . TYR A 1 91  ? 18.94496  0.24702   -4.78760  1.000 24.52331 ? 162 TYR A CG  1 
ATOM 694  C CD1 . TYR A 1 91  ? 18.37156  -0.77408  -5.53408  1.000 24.52331 ? 162 TYR A CD1 1 
ATOM 695  C CD2 . TYR A 1 91  ? 20.14605  -0.00906  -4.13914  1.000 24.52331 ? 162 TYR A CD2 1 
ATOM 696  C CE1 . TYR A 1 91  ? 18.97803  -2.01210  -5.63390  1.000 24.52331 ? 162 TYR A CE1 1 
ATOM 697  C CE2 . TYR A 1 91  ? 20.75897  -1.24318  -4.23126  1.000 24.52331 ? 162 TYR A CE2 1 
ATOM 698  C CZ  . TYR A 1 91  ? 20.17022  -2.24085  -4.97989  1.000 24.52331 ? 162 TYR A CZ  1 
ATOM 699  O OH  . TYR A 1 91  ? 20.77646  -3.47236  -5.07632  1.000 24.52331 ? 162 TYR A OH  1 
ATOM 700  N N   . ASP A 1 92  ? 18.32437  4.93255   -5.83073  1.000 25.49903 ? 163 ASP A N   1 
ATOM 701  C CA  . ASP A 1 92  ? 17.59458  6.19192   -5.71785  1.000 25.49903 ? 163 ASP A CA  1 
ATOM 702  C C   . ASP A 1 92  ? 16.61392  6.36669   -6.86965  1.000 25.49903 ? 163 ASP A C   1 
ATOM 703  O O   . ASP A 1 92  ? 15.47174  6.79664   -6.66206  1.000 25.49903 ? 163 ASP A O   1 
ATOM 704  C CB  . ASP A 1 92  ? 18.57186  7.36518   -5.66210  1.000 25.49903 ? 163 ASP A CB  1 
ATOM 705  C CG  . ASP A 1 92  ? 19.37951  7.39182   -4.38079  1.000 25.49903 ? 163 ASP A CG  1 
ATOM 706  O OD1 . ASP A 1 92  ? 18.93963  6.77796   -3.38569  1.000 25.49903 ? 163 ASP A OD1 1 
ATOM 707  O OD2 . ASP A 1 92  ? 20.45097  8.03230   -4.36452  1.000 25.49903 ? 163 ASP A OD2 1 
ATOM 708  N N   . ALA A 1 93  ? 17.04035  6.03153   -8.09029  1.000 20.93723 ? 164 ALA A N   1 
ATOM 709  C CA  . ALA A 1 93  ? 16.14254  6.11190   -9.23612  1.000 20.93723 ? 164 ALA A CA  1 
ATOM 710  C C   . ALA A 1 93  ? 14.95573  5.17449   -9.06911  1.000 20.93723 ? 164 ALA A C   1 
ATOM 711  O O   . ALA A 1 93  ? 13.82084  5.53681   -9.39714  1.000 20.93723 ? 164 ALA A O   1 
ATOM 712  C CB  . ALA A 1 93  ? 16.90223  5.79394   -10.52400 1.000 20.93723 ? 164 ALA A CB  1 
ATOM 713  N N   . VAL A 1 94  ? 15.19921  3.96703   -8.55379  1.000 20.04422 ? 165 VAL A N   1 
ATOM 714  C CA  . VAL A 1 94  ? 14.11580  3.00976   -8.35135  1.000 20.04422 ? 165 VAL A CA  1 
ATOM 715  C C   . VAL A 1 94  ? 13.10146  3.54950   -7.35148  1.000 20.04422 ? 165 VAL A C   1 
ATOM 716  O O   . VAL A 1 94  ? 11.88836  3.47438   -7.57622  1.000 20.04422 ? 165 VAL A O   1 
ATOM 717  C CB  . VAL A 1 94  ? 14.68306  1.65057   -7.90164  1.000 20.04422 ? 165 VAL A CB  1 
ATOM 718  C CG1 . VAL A 1 94  ? 13.55632  0.66599   -7.63312  1.000 20.04422 ? 165 VAL A CG1 1 
ATOM 719  C CG2 . VAL A 1 94  ? 15.63823  1.10365   -8.95017  1.000 20.04422 ? 165 VAL A CG2 1 
ATOM 720  N N   . ALA A 1 95  ? 13.57988  4.10558   -6.23541  1.000 18.53078 ? 166 ALA A N   1 
ATOM 721  C CA  . ALA A 1 95  ? 12.67030  4.63530   -5.22316  1.000 18.53078 ? 166 ALA A CA  1 
ATOM 722  C C   . ALA A 1 95  ? 11.87811  5.82500   -5.75313  1.000 18.53078 ? 166 ALA A C   1 
ATOM 723  O O   . ALA A 1 95  ? 10.66169  5.91798   -5.53820  1.000 18.53078 ? 166 ALA A O   1 
ATOM 724  C CB  . ALA A 1 95  ? 13.45219  5.02698   -3.97005  1.000 18.53078 ? 166 ALA A CB  1 
ATOM 725  N N   . ASN A 1 96  ? 12.55087  6.74842   -6.44744  1.000 17.50311 ? 167 ASN A N   1 
ATOM 726  C CA  . ASN A 1 96  ? 11.85220  7.90833   -6.99210  1.000 17.50311 ? 167 ASN A CA  1 
ATOM 727  C C   . ASN A 1 96  ? 10.81200  7.48918   -8.02210  1.000 17.50311 ? 167 ASN A C   1 
ATOM 728  O O   . ASN A 1 96  ? 9.69243   8.01596   -8.03504  1.000 17.50311 ? 167 ASN A O   1 
ATOM 729  C CB  . ASN A 1 96  ? 12.85249  8.88844   -7.60479  1.000 17.50311 ? 167 ASN A CB  1 
ATOM 730  C CG  . ASN A 1 96  ? 13.74587  9.53409   -6.56505  1.000 17.50311 ? 167 ASN A CG  1 
ATOM 731  O OD1 . ASN A 1 96  ? 14.96757  9.56692   -6.71199  1.000 17.50311 ? 167 ASN A OD1 1 
ATOM 732  N ND2 . ASN A 1 96  ? 13.13885  10.05092  -5.50307  1.000 17.50311 ? 167 ASN A ND2 1 
ATOM 733  N N   . SER A 1 97  ? 11.15792  6.53247   -8.88645  1.000 16.47241 ? 168 SER A N   1 
ATOM 734  C CA  . SER A 1 97  ? 10.21507  6.06988   -9.89570  1.000 16.47241 ? 168 SER A CA  1 
ATOM 735  C C   . SER A 1 97  ? 9.03890   5.34201   -9.26065  1.000 16.47241 ? 168 SER A C   1 
ATOM 736  O O   . SER A 1 97  ? 7.90134   5.48320   -9.71814  1.000 16.47241 ? 168 SER A O   1 
ATOM 737  C CB  . SER A 1 97  ? 10.92555  5.16826   -10.90012 1.000 16.47241 ? 168 SER A CB  1 
ATOM 738  O OG  . SER A 1 97  ? 11.98655  5.85528   -11.54005 1.000 16.47241 ? 168 SER A OG  1 
ATOM 739  N N   . ALA A 1 98  ? 9.28851   4.55719   -8.21002  1.000 14.44958 ? 169 ALA A N   1 
ATOM 740  C CA  . ALA A 1 98  ? 8.19385   3.88725   -7.51593  1.000 14.44958 ? 169 ALA A CA  1 
ATOM 741  C C   . ALA A 1 98  ? 7.24642   4.89694   -6.88254  1.000 14.44958 ? 169 ALA A C   1 
ATOM 742  O O   . ALA A 1 98  ? 6.02013   4.76136   -6.98855  1.000 14.44958 ? 169 ALA A O   1 
ATOM 743  C CB  . ALA A 1 98  ? 8.74682   2.93268   -6.45964  1.000 14.44958 ? 169 ALA A CB  1 
ATOM 744  N N   . ALA A 1 99  ? 7.79564   5.92286   -6.22537  1.000 12.53803 ? 170 ALA A N   1 
ATOM 745  C CA  . ALA A 1 99  ? 6.94756   6.94665   -5.62086  1.000 12.53803 ? 170 ALA A CA  1 
ATOM 746  C C   . ALA A 1 99  ? 6.13676   7.68339   -6.67874  1.000 12.53803 ? 170 ALA A C   1 
ATOM 747  O O   . ALA A 1 99  ? 4.92929   7.90644   -6.51003  1.000 12.53803 ? 170 ALA A O   1 
ATOM 748  C CB  . ALA A 1 99  ? 7.80097   7.92572   -4.81462  1.000 12.53803 ? 170 ALA A CB  1 
ATOM 749  N N   . SER A 1 100 ? 6.78180   8.05465   -7.78859  1.000 13.83272 ? 171 SER A N   1 
ATOM 750  C CA  . SER A 1 100 ? 6.07848   8.75887   -8.85590  1.000 13.83272 ? 171 SER A CA  1 
ATOM 751  C C   . SER A 1 100 ? 4.99234   7.88542   -9.47161  1.000 13.83272 ? 171 SER A C   1 
ATOM 752  O O   . SER A 1 100 ? 3.89663   8.36903   -9.77392  1.000 13.83272 ? 171 SER A O   1 
ATOM 753  C CB  . SER A 1 100 ? 7.07196   9.21700   -9.92350  1.000 13.83272 ? 171 SER A CB  1 
ATOM 754  O OG  . SER A 1 100 ? 6.41612   9.92200   -10.96341 1.000 13.83272 ? 171 SER A OG  1 
ATOM 755  N N   . GLY A 1 101 ? 5.27690   6.59580   -9.66190  1.000 12.54867 ? 172 GLY A N   1 
ATOM 756  C CA  . GLY A 1 101 ? 4.28140   5.70077   -10.22463 1.000 12.54867 ? 172 GLY A CA  1 
ATOM 757  C C   . GLY A 1 101 ? 3.08991   5.49700   -9.31092  1.000 12.54867 ? 172 GLY A C   1 
ATOM 758  O O   . GLY A 1 101 ? 1.94693   5.46755   -9.77060  1.000 12.54867 ? 172 GLY A O   1 
ATOM 759  N N   . VAL A 1 102 ? 3.33650   5.35498   -8.00541  1.000 12.66076 ? 173 VAL A N   1 
ATOM 760  C CA  . VAL A 1 102 ? 2.22906   5.21741   -7.06265  1.000 12.66076 ? 173 VAL A CA  1 
ATOM 761  C C   . VAL A 1 102 ? 1.38750   6.48688   -7.04060  1.000 12.66076 ? 173 VAL A C   1 
ATOM 762  O O   . VAL A 1 102 ? 0.15024   6.43047   -7.03559  1.000 12.66076 ? 173 VAL A O   1 
ATOM 763  C CB  . VAL A 1 102 ? 2.75385   4.85527   -5.65980  1.000 12.66076 ? 173 VAL A CB  1 
ATOM 764  C CG1 . VAL A 1 102 ? 1.61664   4.85595   -4.65173  1.000 12.66076 ? 173 VAL A CG1 1 
ATOM 765  C CG2 . VAL A 1 102 ? 3.42992   3.49580   -5.68459  1.000 12.66076 ? 173 VAL A CG2 1 
ATOM 766  N N   . LEU A 1 103 ? 2.04020   7.65375   -7.03907  1.000 13.26254 ? 174 LEU A N   1 
ATOM 767  C CA  . LEU A 1 103 ? 1.29578   8.90992   -7.05560  1.000 13.26254 ? 174 LEU A CA  1 
ATOM 768  C C   . LEU A 1 103 ? 0.46765   9.04727   -8.32833  1.000 13.26254 ? 174 LEU A C   1 
ATOM 769  O O   . LEU A 1 103 ? -0.69528  9.46574   -8.27956  1.000 13.26254 ? 174 LEU A O   1 
ATOM 770  C CB  . LEU A 1 103 ? 2.25561   10.09007  -6.90808  1.000 13.26254 ? 174 LEU A CB  1 
ATOM 771  C CG  . LEU A 1 103 ? 1.60917   11.46823  -6.75171  1.000 13.26254 ? 174 LEU A CG  1 
ATOM 772  C CD1 . LEU A 1 103 ? 0.75441   11.52019  -5.49688  1.000 13.26254 ? 174 LEU A CD1 1 
ATOM 773  C CD2 . LEU A 1 103 ? 2.66892   12.55684  -6.72685  1.000 13.26254 ? 174 LEU A CD2 1 
ATOM 774  N N   . SER A 1 104 ? 1.04885   8.69516   -9.47906  1.000 14.50218 ? 175 SER A N   1 
ATOM 775  C CA  . SER A 1 104 ? 0.31696   8.78152   -10.73902 1.000 14.50218 ? 175 SER A CA  1 
ATOM 776  C C   . SER A 1 104 ? -0.85642  7.81127   -10.76635 1.000 14.50218 ? 175 SER A C   1 
ATOM 777  O O   . SER A 1 104 ? -1.94244  8.15492   -11.24477 1.000 14.50218 ? 175 SER A O   1 
ATOM 778  C CB  . SER A 1 104 ? 1.26068   8.51807   -11.91068 1.000 14.50218 ? 175 SER A CB  1 
ATOM 779  O OG  . SER A 1 104 ? 0.57819   8.61774   -13.14837 1.000 14.50218 ? 175 SER A OG  1 
ATOM 780  N N   . ALA A 1 105 ? -0.65584  6.59240   -10.25996 1.000 14.53509 ? 176 ALA A N   1 
ATOM 781  C CA  . ALA A 1 105 ? -1.74405  5.62282   -10.20512 1.000 14.53509 ? 176 ALA A CA  1 
ATOM 782  C C   . ALA A 1 105 ? -2.87300  6.11900   -9.31403  1.000 14.53509 ? 176 ALA A C   1 
ATOM 783  O O   . ALA A 1 105 ? -4.05392  5.94630   -9.63743  1.000 14.53509 ? 176 ALA A O   1 
ATOM 784  C CB  . ALA A 1 105 ? -1.22202  4.27394   -9.71203  1.000 14.53509 ? 176 ALA A CB  1 
ATOM 785  N N   . GLY A 1 106 ? -2.52928  6.73625   -8.18233  1.000 15.98375 ? 177 GLY A N   1 
ATOM 786  C CA  . GLY A 1 106 ? -3.54994  7.32577   -7.33663  1.000 15.98375 ? 177 GLY A CA  1 
ATOM 787  C C   . GLY A 1 106 ? -4.27209  8.48720   -7.98877  1.000 15.98375 ? 177 GLY A C   1 
ATOM 788  O O   . GLY A 1 106 ? -5.47354  8.67504   -7.77213  1.000 15.98375 ? 177 GLY A O   1 
ATOM 789  N N   . LEU A 1 107 ? -3.56156  9.27814   -8.79419  1.000 17.09125 ? 178 LEU A N   1 
ATOM 790  C CA  . LEU A 1 107 ? -4.13925  10.48430  -9.37775  1.000 17.09125 ? 178 LEU A CA  1 
ATOM 791  C C   . LEU A 1 107 ? -4.79628  10.25694  -10.73398 1.000 17.09125 ? 178 LEU A C   1 
ATOM 792  O O   . LEU A 1 107 ? -5.76075  10.95622  -11.06500 1.000 17.09125 ? 178 LEU A O   1 
ATOM 793  C CB  . LEU A 1 107 ? -3.06544  11.56879  -9.51474  1.000 17.09125 ? 178 LEU A CB  1 
ATOM 794  C CG  . LEU A 1 107 ? -2.89917  12.55051  -8.35157  1.000 17.09125 ? 178 LEU A CG  1 
ATOM 795  C CD1 . LEU A 1 107 ? -2.59589  11.83121  -7.04685  1.000 17.09125 ? 178 LEU A CD1 1 
ATOM 796  C CD2 . LEU A 1 107 ? -1.81107  13.56295  -8.66605  1.000 17.09125 ? 178 LEU A CD2 1 
ATOM 797  N N   . ASN A 1 108 ? -4.30773  9.30534   -11.52683 1.000 19.00227 ? 179 ASN A N   1 
ATOM 798  C CA  . ASN A 1 108 ? -4.79731  9.10081   -12.88404 1.000 19.00227 ? 179 ASN A CA  1 
ATOM 799  C C   . ASN A 1 108 ? -5.87550  8.02922   -12.97697 1.000 19.00227 ? 179 ASN A C   1 
ATOM 800  O O   . ASN A 1 108 ? -6.32918  7.71910   -14.08338 1.000 19.00227 ? 179 ASN A O   1 
ATOM 801  C CB  . ASN A 1 108 ? -3.63843  8.74807   -13.81999 1.000 19.00227 ? 179 ASN A CB  1 
ATOM 802  C CG  . ASN A 1 108 ? -2.65248  9.88855   -13.98504 1.000 19.00227 ? 179 ASN A CG  1 
ATOM 803  O OD1 . ASN A 1 108 ? -1.47018  9.75349   -13.67015 1.000 19.00227 ? 179 ASN A OD1 1 
ATOM 804  N ND2 . ASN A 1 108 ? -3.13510  11.02101  -14.48429 1.000 19.00227 ? 179 ASN A ND2 1 
ATOM 805  N N   . SER A 1 109 ? -6.29761  7.45589   -11.85091 1.000 17.79526 ? 180 SER A N   1 
ATOM 806  C CA  . SER A 1 109 ? -7.32200  6.41869   -11.86105 1.000 17.79526 ? 180 SER A CA  1 
ATOM 807  C C   . SER A 1 109 ? -8.50483  6.69581   -10.94854 1.000 17.79526 ? 180 SER A C   1 
ATOM 808  O O   . SER A 1 109 ? -9.55044  6.06044   -11.12562 1.000 17.79526 ? 180 SER A O   1 
ATOM 809  C CB  . SER A 1 109 ? -6.71668  5.05939   -11.47755 1.000 17.79526 ? 180 SER A CB  1 
ATOM 810  O OG  . SER A 1 109 ? -6.16580  5.09390   -10.17285 1.000 17.79526 ? 180 SER A OG  1 
ATOM 811  N N   . GLY A 1 110 ? -8.38619  7.60916   -9.98535  1.000 16.61065 ? 181 GLY A N   1 
ATOM 812  C CA  . GLY A 1 110 ? -9.45779  7.88416   -9.05453  1.000 16.61065 ? 181 GLY A CA  1 
ATOM 813  C C   . GLY A 1 110 ? -9.57179  6.90727   -7.90721  1.000 16.61065 ? 181 GLY A C   1 
ATOM 814  O O   . GLY A 1 110 ? -10.36260 7.14991   -6.98643  1.000 16.61065 ? 181 GLY A O   1 
ATOM 815  N N   . VAL A 1 111 ? -8.81871  5.81776   -7.93026  1.000 13.85415 ? 182 VAL A N   1 
ATOM 816  C CA  . VAL A 1 111 ? -8.78254  4.84594   -6.84100  1.000 13.85415 ? 182 VAL A CA  1 
ATOM 817  C C   . VAL A 1 111 ? -7.57988  5.17506   -5.96558  1.000 13.85415 ? 182 VAL A C   1 
ATOM 818  O O   . VAL A 1 111 ? -6.45159  5.22364   -6.48168  1.000 13.85415 ? 182 VAL A O   1 
ATOM 819  C CB  . VAL A 1 111 ? -8.70230  3.40592   -7.36922  1.000 13.85415 ? 182 VAL A CB  1 
ATOM 820  C CG1 . VAL A 1 111 ? -8.59017  2.42317   -6.21774  1.000 13.85415 ? 182 VAL A CG1 1 
ATOM 821  C CG2 . VAL A 1 111 ? -9.91757  3.09097   -8.22462  1.000 13.85415 ? 182 VAL A CG2 1 
ATOM 822  N N   . PRO A 1 112 ? -7.76157  5.42057   -4.66991  1.000 12.11777 ? 183 PRO A N   1 
ATOM 823  C CA  . PRO A 1 112 ? -6.62431  5.79997   -3.81949  1.000 12.11777 ? 183 PRO A CA  1 
ATOM 824  C C   . PRO A 1 112 ? -5.59429  4.68367   -3.73489  1.000 12.11777 ? 183 PRO A C   1 
ATOM 825  O O   . PRO A 1 112 ? -5.88636  3.57301   -3.28599  1.000 12.11777 ? 183 PRO A O   1 
ATOM 826  C CB  . PRO A 1 112 ? -7.27682  6.07780   -2.46097  1.000 12.11777 ? 183 PRO A CB  1 
ATOM 827  C CG  . PRO A 1 112 ? -8.55340  5.30448   -2.48842  1.000 12.11777 ? 183 PRO A CG  1 
ATOM 828  C CD  . PRO A 1 112 ? -9.02204  5.34497   -3.91163  1.000 12.11777 ? 183 PRO A CD  1 
ATOM 829  N N   . CYS A 1 113 ? -4.37839  4.98906   -4.17763  1.000 11.86136 ? 184 CYS A N   1 
ATOM 830  C CA  . CYS A 1 113 ? -3.25804  4.06197   -4.11480  1.000 11.86136 ? 184 CYS A CA  1 
ATOM 831  C C   . CYS A 1 113 ? -2.38219  4.44256   -2.92812  1.000 11.86136 ? 184 CYS A C   1 
ATOM 832  O O   . CYS A 1 113 ? -1.92392  5.58593   -2.83113  1.000 11.86136 ? 184 CYS A O   1 
ATOM 833  C CB  . CYS A 1 113 ? -2.45451  4.08560   -5.41444  1.000 11.86136 ? 184 CYS A CB  1 
ATOM 834  S SG  . CYS A 1 113 ? -3.40041  3.59194   -6.87194  1.000 11.86136 ? 184 CYS A SG  1 
ATOM 835  N N   . ILE A 1 114 ? -2.15353  3.48776   -2.03318  1.000 8.29412  ? 185 ILE A N   1 
ATOM 836  C CA  . ILE A 1 114 ? -1.45024  3.73103   -0.78001  1.000 8.29412  ? 185 ILE A CA  1 
ATOM 837  C C   . ILE A 1 114 ? 0.02181   3.40229   -0.97192  1.000 8.29412  ? 185 ILE A C   1 
ATOM 838  O O   . ILE A 1 114 ? 0.36760   2.32584   -1.47446  1.000 8.29412  ? 185 ILE A O   1 
ATOM 839  C CB  . ILE A 1 114 ? -2.05649  2.90473   0.36627   1.000 8.29412  ? 185 ILE A CB  1 
ATOM 840  C CG1 . ILE A 1 114 ? -3.57400  3.08973   0.39932   1.000 8.29412  ? 185 ILE A CG1 1 
ATOM 841  C CG2 . ILE A 1 114 ? -1.43331  3.30350   1.69457   1.000 8.29412  ? 185 ILE A CG2 1 
ATOM 842  C CD1 . ILE A 1 114 ? -4.01667  4.53401   0.49967   1.000 8.29412  ? 185 ILE A CD1 1 
ATOM 843  N N   . PHE A 1 115 ? 0.88996   4.32995   -0.57144  1.000 8.81843  ? 186 PHE A N   1 
ATOM 844  C CA  . PHE A 1 115 ? 2.33446   4.16439   -0.71254  1.000 8.81843  ? 186 PHE A CA  1 
ATOM 845  C C   . PHE A 1 115 ? 2.86595   3.49907   0.54965   1.000 8.81843  ? 186 PHE A C   1 
ATOM 846  O O   . PHE A 1 115 ? 3.17976   4.15546   1.54379   1.000 8.81843  ? 186 PHE A O   1 
ATOM 847  C CB  . PHE A 1 115 ? 3.00420   5.50670   -0.96936  1.000 8.81843  ? 186 PHE A CB  1 
ATOM 848  C CG  . PHE A 1 115 ? 4.47844   5.41194   -1.22675  1.000 8.81843  ? 186 PHE A CG  1 
ATOM 849  C CD1 . PHE A 1 115 ? 4.95543   5.01666   -2.46500  1.000 8.81843  ? 186 PHE A CD1 1 
ATOM 850  C CD2 . PHE A 1 115 ? 5.38964   5.72903   -0.23385  1.000 8.81843  ? 186 PHE A CD2 1 
ATOM 851  C CE1 . PHE A 1 115 ? 6.31233   4.93281   -2.70568  1.000 8.81843  ? 186 PHE A CE1 1 
ATOM 852  C CE2 . PHE A 1 115 ? 6.74727   5.64734   -0.46740  1.000 8.81843  ? 186 PHE A CE2 1 
ATOM 853  C CZ  . PHE A 1 115 ? 7.20938   5.24915   -1.70547  1.000 8.81843  ? 186 PHE A CZ  1 
ATOM 854  N N   . GLY A 1 116 ? 2.96615   2.17375   0.50770   1.000 8.17767  ? 187 GLY A N   1 
ATOM 855  C CA  . GLY A 1 116 ? 3.51495   1.41893   1.61588   1.000 8.17767  ? 187 GLY A CA  1 
ATOM 856  C C   . GLY A 1 116 ? 4.90778   0.90463   1.32171   1.000 8.17767  ? 187 GLY A C   1 
ATOM 857  O O   . GLY A 1 116 ? 5.34157   -0.10304  1.88700   1.000 8.17767  ? 187 GLY A O   1 
ATOM 858  N N   . VAL A 1 117 ? 5.61616   1.59233   0.43188   1.000 7.99247  ? 188 VAL A N   1 
ATOM 859  C CA  . VAL A 1 117 ? 6.95094   1.18553   0.00986   1.000 7.99247  ? 188 VAL A CA  1 
ATOM 860  C C   . VAL A 1 117 ? 7.97106   1.79886   0.96151   1.000 7.99247  ? 188 VAL A C   1 
ATOM 861  O O   . VAL A 1 117 ? 8.04403   3.02403   1.10201   1.000 7.99247  ? 188 VAL A O   1 
ATOM 862  C CB  . VAL A 1 117 ? 7.22742   1.60781   -1.44009  1.000 7.99247  ? 188 VAL A CB  1 
ATOM 863  C CG1 . VAL A 1 117 ? 8.64265   1.22716   -1.84302  1.000 7.99247  ? 188 VAL A CG1 1 
ATOM 864  C CG2 . VAL A 1 117 ? 6.21116   0.97703   -2.37676  1.000 7.99247  ? 188 VAL A CG2 1 
ATOM 865  N N   . LEU A 1 118 ? 8.75781   0.94561   1.61211   1.000 9.49443  ? 189 LEU A N   1 
ATOM 866  C CA  . LEU A 1 118 ? 9.79058   1.42158   2.52015   1.000 9.49443  ? 189 LEU A CA  1 
ATOM 867  C C   . LEU A 1 118 ? 11.00027  1.92361   1.74405   1.000 9.49443  ? 189 LEU A C   1 
ATOM 868  O O   . LEU A 1 118 ? 11.48495  1.26380   0.82141   1.000 9.49443  ? 189 LEU A O   1 
ATOM 869  C CB  . LEU A 1 118 ? 10.21115  0.30944   3.47934   1.000 9.49443  ? 189 LEU A CB  1 
ATOM 870  C CG  . LEU A 1 118 ? 9.28398   0.05628   4.66684   1.000 9.49443  ? 189 LEU A CG  1 
ATOM 871  C CD1 . LEU A 1 118 ? 9.76503   -1.13349  5.47687   1.000 9.49443  ? 189 LEU A CD1 1 
ATOM 872  C CD2 . LEU A 1 118 ? 9.20466   1.29732   5.53615   1.000 9.49443  ? 189 LEU A CD2 1 
ATOM 873  N N   . THR A 1 119 ? 11.48901  3.10531   2.12710   1.000 13.61603 ? 190 THR A N   1 
ATOM 874  C CA  . THR A 1 119 ? 12.69170  3.70303   1.54106   1.000 13.61603 ? 190 THR A CA  1 
ATOM 875  C C   . THR A 1 119 ? 13.61266  4.07184   2.70082   1.000 13.61603 ? 190 THR A C   1 
ATOM 876  O O   . THR A 1 119 ? 13.58697  5.19736   3.20275   1.000 13.61603 ? 190 THR A O   1 
ATOM 877  C CB  . THR A 1 119 ? 12.35144  4.91518   0.67179   1.000 13.61603 ? 190 THR A CB  1 
ATOM 878  O OG1 . THR A 1 119 ? 11.61856  5.87113   1.44739   1.000 13.61603 ? 190 THR A OG1 1 
ATOM 879  C CG2 . THR A 1 119 ? 11.51969  4.49496   -0.53047  1.000 13.61603 ? 190 THR A CG2 1 
ATOM 880  N N   . CYS A 1 120 ? 14.40219  3.08468   3.09900   1.000 19.44384 ? 191 CYS A N   1 
ATOM 881  C CA  . CYS A 1 120 ? 15.29362  3.25952   4.26443   1.000 19.44384 ? 191 CYS A CA  1 
ATOM 882  C C   . CYS A 1 120 ? 16.74368  3.10658   3.80408   1.000 19.44384 ? 191 CYS A C   1 
ATOM 883  O O   . CYS A 1 120 ? 16.97097  2.53208   2.73495   1.000 19.44384 ? 191 CYS A O   1 
ATOM 884  C CB  . CYS A 1 120 ? 14.90908  2.25554   5.34222   1.000 19.44384 ? 191 CYS A CB  1 
ATOM 885  S SG  . CYS A 1 120 ? 13.28805  2.58129   6.08533   1.000 19.44384 ? 191 CYS A SG  1 
ATOM 886  N N   . GLU A 1 121 ? 17.67366  3.66427   4.56389   1.000 26.81295 ? 192 GLU A N   1 
ATOM 887  C CA  . GLU A 1 121 ? 19.09587  3.63007   4.15660   1.000 26.81295 ? 192 GLU A CA  1 
ATOM 888  C C   . GLU A 1 121 ? 19.68260  2.26207   4.50005   1.000 26.81295 ? 192 GLU A C   1 
ATOM 889  O O   . GLU A 1 121 ? 20.23763  1.62197   3.60175   1.000 26.81295 ? 192 GLU A O   1 
ATOM 890  C CB  . GLU A 1 121 ? 19.80190  4.78106   4.85982   1.000 26.81295 ? 192 GLU A CB  1 
ATOM 891  C CG  . GLU A 1 121 ? 19.02933  6.09319   4.78491   1.000 26.81295 ? 192 GLU A CG  1 
ATOM 892  C CD  . GLU A 1 121 ? 19.29560  6.98423   5.98174   1.000 26.81295 ? 192 GLU A CD  1 
ATOM 893  O OE1 . GLU A 1 121 ? 19.82470  6.47085   6.98910   1.000 26.81295 ? 192 GLU A OE1 1 
ATOM 894  O OE2 . GLU A 1 121 ? 18.97731  8.18808   5.90630   1.000 26.81295 ? 192 GLU A OE2 1 
ATOM 895  N N   . ASP A 1 122 ? 19.53991  1.84154   5.74871   1.000 25.34468 ? 193 ASP A N   1 
ATOM 896  C CA  . ASP A 1 122 ? 20.05763  0.52185   6.18430   1.000 25.34468 ? 193 ASP A CA  1 
ATOM 897  C C   . ASP A 1 122 ? 18.96311  -0.53542  6.11678   1.000 25.34468 ? 193 ASP A C   1 
ATOM 898  O O   . ASP A 1 122 ? 17.82882  -0.20176  5.75416   1.000 25.34468 ? 193 ASP A O   1 
ATOM 899  C CB  . ASP A 1 122 ? 20.55619  0.53146   7.61758   1.000 25.34468 ? 193 ASP A CB  1 
ATOM 900  C CG  . ASP A 1 122 ? 20.84556  1.89118   8.23565   1.000 25.34468 ? 193 ASP A CG  1 
ATOM 901  O OD1 . ASP A 1 122 ? 21.17044  2.83121   7.48172   1.000 25.34468 ? 193 ASP A OD1 1 
ATOM 902  O OD2 . ASP A 1 122 ? 20.75412  1.99341   9.47528   1.000 25.34468 ? 193 ASP A OD2 1 
ATOM 903  N N   . MET A 1 123 ? 19.31105  -1.77013  6.45583   1.000 22.10807 ? 194 MET A N   1 
ATOM 904  C CA  . MET A 1 123 ? 18.30476  -2.85447  6.50411   1.000 22.10807 ? 194 MET A CA  1 
ATOM 905  C C   . MET A 1 123 ? 17.79870  -2.96201  7.94398   1.000 22.10807 ? 194 MET A C   1 
ATOM 906  O O   . MET A 1 123 ? 16.65272  -3.37042  8.12444   1.000 22.10807 ? 194 MET A O   1 
ATOM 907  C CB  . MET A 1 123 ? 18.89298  -4.17792  6.01225   1.000 22.10807 ? 194 MET A CB  1 
ATOM 908  C CG  . MET A 1 123 ? 18.04453  -5.40118  6.29615   1.000 22.10807 ? 194 MET A CG  1 
ATOM 909  S SD  . MET A 1 123 ? 16.99894  -5.91040  4.91796   1.000 22.10807 ? 194 MET A SD  1 
ATOM 910  C CE  . MET A 1 123 ? 17.95042  -5.33135  3.50743   1.000 22.10807 ? 194 MET A CE  1 
ATOM 911  N N   . ASP A 1 124 ? 18.59663  -2.56218  8.93450   1.000 21.32574 ? 195 ASP A N   1 
ATOM 912  C CA  . ASP A 1 124 ? 18.05240  -2.55476  10.28823  1.000 21.32574 ? 195 ASP A CA  1 
ATOM 913  C C   . ASP A 1 124 ? 16.86352  -1.61023  10.39784  1.000 21.32574 ? 195 ASP A C   1 
ATOM 914  O O   . ASP A 1 124 ? 15.87409  -1.92005  11.07128  1.000 21.32574 ? 195 ASP A O   1 
ATOM 915  C CB  . ASP A 1 124 ? 19.14163  -2.16967  11.28866  1.000 21.32574 ? 195 ASP A CB  1 
ATOM 916  C CG  . ASP A 1 124 ? 18.65441  -2.20327  12.72382  1.000 21.32574 ? 195 ASP A CG  1 
ATOM 917  O OD1 . ASP A 1 124 ? 18.44819  -3.31341  13.25908  1.000 21.32574 ? 195 ASP A OD1 1 
ATOM 918  O OD2 . ASP A 1 124 ? 18.47491  -1.11955  13.31750  1.000 21.32574 ? 195 ASP A OD2 1 
ATOM 919  N N   . GLN A 1 125 ? 16.94341  -0.44763  9.74556   1.000 20.44672 ? 196 GLN A N   1 
ATOM 920  C CA  . GLN A 1 125 ? 15.81592  0.47981   9.74342   1.000 20.44672 ? 196 GLN A CA  1 
ATOM 921  C C   . GLN A 1 125 ? 14.59655  -0.13801  9.06914   1.000 20.44672 ? 196 GLN A C   1 
ATOM 922  O O   . GLN A 1 125 ? 13.46742  0.00885   9.55280   1.000 20.44672 ? 196 GLN A O   1 
ATOM 923  C CB  . GLN A 1 125 ? 16.21072  1.78344   9.05003   1.000 20.44672 ? 196 GLN A CB  1 
ATOM 924  C CG  . GLN A 1 125 ? 17.40668  2.47943   9.67696   1.000 20.44672 ? 196 GLN A CG  1 
ATOM 925  C CD  . GLN A 1 125 ? 17.80058  3.74245   8.93732   1.000 20.44672 ? 196 GLN A CD  1 
ATOM 926  O OE1 . GLN A 1 125 ? 17.11930  4.16638   8.00370   1.000 20.44672 ? 196 GLN A OE1 1 
ATOM 927  N NE2 . GLN A 1 125 ? 18.90621  4.34916   9.35090   1.000 20.44672 ? 196 GLN A NE2 1 
ATOM 928  N N   . ALA A 1 126 ? 14.80522  -0.83492  7.95035   1.000 15.87627 ? 197 ALA A N   1 
ATOM 929  C CA  . ALA A 1 126 ? 13.69928  -1.49899  7.27018   1.000 15.87627 ? 197 ALA A CA  1 
ATOM 930  C C   . ALA A 1 126 ? 13.08148  -2.57694  8.15208   1.000 15.87627 ? 197 ALA A C   1 
ATOM 931  O O   . ALA A 1 126 ? 11.85573  -2.72934  8.19929   1.000 15.87627 ? 197 ALA A O   1 
ATOM 932  C CB  . ALA A 1 126 ? 14.17907  -2.09222  5.94567   1.000 15.87627 ? 197 ALA A CB  1 
ATOM 933  N N   . ILE A 1 127 ? 13.91992  -3.33904  8.85895   1.000 15.28544 ? 198 ILE A N   1 
ATOM 934  C CA  . ILE A 1 127 ? 13.41159  -4.36710  9.76491   1.000 15.28544 ? 198 ILE A CA  1 
ATOM 935  C C   . ILE A 1 127 ? 12.59746  -3.73487  10.88692  1.000 15.28544 ? 198 ILE A C   1 
ATOM 936  O O   . ILE A 1 127 ? 11.52340  -4.22911  11.25373  1.000 15.28544 ? 198 ILE A O   1 
ATOM 937  C CB  . ILE A 1 127 ? 14.57217  -5.21827  10.31383  1.000 15.28544 ? 198 ILE A CB  1 
ATOM 938  C CG1 . ILE A 1 127 ? 15.20871  -6.03482  9.18861   1.000 15.28544 ? 198 ILE A CG1 1 
ATOM 939  C CG2 . ILE A 1 127 ? 14.09031  -6.13718  11.42280  1.000 15.28544 ? 198 ILE A CG2 1 
ATOM 940  C CD1 . ILE A 1 127 ? 16.37336  -6.88664  9.63432   1.000 15.28544 ? 198 ILE A CD1 1 
ATOM 941  N N   . ASN A 1 128 ? 13.09263  -2.62824  11.44807  1.000 14.95317 ? 199 ASN A N   1 
ATOM 942  C CA  . ASN A 1 128 ? 12.36415  -1.93956  12.50649  1.000 14.95317 ? 199 ASN A CA  1 
ATOM 943  C C   . ASN A 1 128 ? 11.06782  -1.31456  12.01124  1.000 14.95317 ? 199 ASN A C   1 
ATOM 944  O O   . ASN A 1 128 ? 10.14217  -1.13016  12.80761  1.000 14.95317 ? 199 ASN A O   1 
ATOM 945  C CB  . ASN A 1 128 ? 13.24621  -0.86650  13.14632  1.000 14.95317 ? 199 ASN A CB  1 
ATOM 946  C CG  . ASN A 1 128 ? 14.38980  -1.45449  13.94702  1.000 14.95317 ? 199 ASN A CG  1 
ATOM 947  O OD1 . ASN A 1 128 ? 14.24010  -1.76820  15.12757  1.000 14.95317 ? 199 ASN A OD1 1 
ATOM 948  N ND2 . ASN A 1 128 ? 15.54222  -1.60665  13.30737  1.000 14.95317 ? 199 ASN A ND2 1 
ATOM 949  N N   . ARG A 1 129 ? 10.97885  -0.97990  10.72589  1.000 13.28781 ? 200 ARG A N   1 
ATOM 950  C CA  . ARG A 1 129 ? 9.75079   -0.44392  10.15484  1.000 13.28781 ? 200 ARG A CA  1 
ATOM 951  C C   . ARG A 1 129 ? 8.88572   -1.51900  9.50882   1.000 13.28781 ? 200 ARG A C   1 
ATOM 952  O O   . ARG A 1 129 ? 7.84939   -1.19604  8.92068   1.000 13.28781 ? 200 ARG A O   1 
ATOM 953  C CB  . ARG A 1 129 ? 10.07266  0.65483   9.14212   1.000 13.28781 ? 200 ARG A CB  1 
ATOM 954  C CG  . ARG A 1 129 ? 10.65928  1.90373   9.77305   1.000 13.28781 ? 200 ARG A CG  1 
ATOM 955  C CD  . ARG A 1 129 ? 10.79071  3.02912   8.76639   1.000 13.28781 ? 200 ARG A CD  1 
ATOM 956  N NE  . ARG A 1 129 ? 11.27176  4.25434   9.39102   1.000 13.28781 ? 200 ARG A NE  1 
ATOM 957  C CZ  . ARG A 1 129 ? 10.49017  5.15278   9.97582   1.000 13.28781 ? 200 ARG A CZ  1 
ATOM 958  N NH1 . ARG A 1 129 ? 9.17818   4.99373   10.03425  1.000 13.28781 ? 200 ARG A NH1 1 
ATOM 959  N NH2 . ARG A 1 129 ? 11.03834  6.23744   10.51484  1.000 13.28781 ? 200 ARG A NH2 1 
ATOM 960  N N   . ALA A 1 130 ? 9.28415   -2.78645  9.60756   1.000 11.07327 ? 201 ALA A N   1 
ATOM 961  C CA  . ALA A 1 130 ? 8.51408   -3.90203  9.07144   1.000 11.07327 ? 201 ALA A CA  1 
ATOM 962  C C   . ALA A 1 130 ? 8.06394   -4.84859  10.17876  1.000 11.07327 ? 201 ALA A C   1 
ATOM 963  O O   . ALA A 1 130 ? 7.95287   -6.05646  9.96626   1.000 11.07327 ? 201 ALA A O   1 
ATOM 964  C CB  . ALA A 1 130 ? 9.31608   -4.66016  8.01520   1.000 11.07327 ? 201 ALA A CB  1 
ATOM 965  N N   . GLY A 1 131 ? 7.80309   -4.30904  11.36635  1.000 11.50335 ? 202 GLY A N   1 
ATOM 966  C CA  . GLY A 1 131 ? 7.38323   -5.12242  12.48883  1.000 11.50335 ? 202 GLY A CA  1 
ATOM 967  C C   . GLY A 1 131 ? 8.29413   -4.98521  13.69059  1.000 11.50335 ? 202 GLY A C   1 
ATOM 968  O O   . GLY A 1 131 ? 8.30006   -5.84672  14.57419  1.000 11.50335 ? 202 GLY A O   1 
ATOM 969  N N   . GLY A 1 132 ? 9.07064   -3.90638  13.73178  1.000 12.30869 ? 203 GLY A N   1 
ATOM 970  C CA  . GLY A 1 132 ? 9.98415   -3.67305  14.83288  1.000 12.30869 ? 203 GLY A CA  1 
ATOM 971  C C   . GLY A 1 132 ? 9.50741   -2.59896  15.78692  1.000 12.30869 ? 203 GLY A C   1 
ATOM 972  O O   . GLY A 1 132 ? 8.30928   -2.49323  16.06456  1.000 12.30869 ? 203 GLY A O   1 
ATOM 973  N N   . LYS A 1 133 ? 10.44057  -1.79276  16.29854  1.000 15.31893 ? 204 LYS A N   1 
ATOM 974  C CA  . LYS A 1 133 ? 10.08305  -0.73630  17.23771  1.000 15.31893 ? 204 LYS A CA  1 
ATOM 975  C C   . LYS A 1 133 ? 9.26115   0.36682   16.58495  1.000 15.31893 ? 204 LYS A C   1 
ATOM 976  O O   . LYS A 1 133 ? 8.52253   1.06691   17.28459  1.000 15.31893 ? 204 LYS A O   1 
ATOM 977  C CB  . LYS A 1 133 ? 11.34218  -0.14171  17.86832  1.000 15.31893 ? 204 LYS A CB  1 
ATOM 978  C CG  . LYS A 1 133 ? 12.28830  0.50381   16.87094  1.000 15.31893 ? 204 LYS A CG  1 
ATOM 979  C CD  . LYS A 1 133 ? 13.49581  1.10925   17.56535  1.000 15.31893 ? 204 LYS A CD  1 
ATOM 980  C CE  . LYS A 1 133 ? 14.43529  1.76036   16.56472  1.000 15.31893 ? 204 LYS A CE  1 
ATOM 981  N NZ  . LYS A 1 133 ? 13.75679  2.83585   15.78929  1.000 15.31893 ? 204 LYS A NZ  1 
ATOM 982  N N   . SER A 1 134 ? 9.36979   0.53532   15.26940  1.000 13.30112 ? 205 SER A N   1 
ATOM 983  C CA  . SER A 1 134 ? 8.60980   1.54185   14.54350  1.000 13.30112 ? 205 SER A CA  1 
ATOM 984  C C   . SER A 1 134 ? 7.28875   1.00566   14.00854  1.000 13.30112 ? 205 SER A C   1 
ATOM 985  O O   . SER A 1 134 ? 6.63481   1.68502   13.20996  1.000 13.30112 ? 205 SER A O   1 
ATOM 986  C CB  . SER A 1 134 ? 9.44740   2.10399   13.39236  1.000 13.30112 ? 205 SER A CB  1 
ATOM 987  O OG  . SER A 1 134 ? 10.64417  2.68983   13.87297  1.000 13.30112 ? 205 SER A OG  1 
ATOM 988  N N   . GLY A 1 135 ? 6.88341   -0.18875  14.42776  1.000 10.92990 ? 206 GLY A N   1 
ATOM 989  C CA  . GLY A 1 135 ? 5.65530   -0.77857  13.94711  1.000 10.92990 ? 206 GLY A CA  1 
ATOM 990  C C   . GLY A 1 135 ? 5.82650   -1.43430  12.59074  1.000 10.92990 ? 206 GLY A C   1 
ATOM 991  O O   . GLY A 1 135 ? 6.92819   -1.55041  12.04505  1.000 10.92990 ? 206 GLY A O   1 
ATOM 992  N N   . ASN A 1 136 ? 4.69892   -1.87411  12.04245  1.000 8.53753  ? 207 ASN A N   1 
ATOM 993  C CA  . ASN A 1 136 ? 4.66021   -2.52340  10.73927  1.000 8.53753  ? 207 ASN A CA  1 
ATOM 994  C C   . ASN A 1 136 ? 4.11046   -1.53569  9.71806   1.000 8.53753  ? 207 ASN A C   1 
ATOM 995  O O   . ASN A 1 136 ? 2.97428   -1.06698  9.85128   1.000 8.53753  ? 207 ASN A O   1 
ATOM 996  C CB  . ASN A 1 136 ? 3.80343   -3.78819  10.78882  1.000 8.53753  ? 207 ASN A CB  1 
ATOM 997  C CG  . ASN A 1 136 ? 4.04059   -4.70442  9.60245   1.000 8.53753  ? 207 ASN A CG  1 
ATOM 998  O OD1 . ASN A 1 136 ? 4.27406   -4.24811  8.48340   1.000 8.53753  ? 207 ASN A OD1 1 
ATOM 999  N ND2 . ASN A 1 136 ? 3.98135   -6.00853  9.84449   1.000 8.53753  ? 207 ASN A ND2 1 
ATOM 1000 N N   . LYS A 1 137 ? 4.91918   -1.21919  8.70493   1.000 8.37912  ? 208 LYS A N   1 
ATOM 1001 C CA  . LYS A 1 137 ? 4.46950   -0.30453  7.66209   1.000 8.37912  ? 208 LYS A CA  1 
ATOM 1002 C C   . LYS A 1 137 ? 3.32232   -0.89962  6.85614   1.000 8.37912  ? 208 LYS A C   1 
ATOM 1003 O O   . LYS A 1 137 ? 2.46058   -0.16015  6.37070   1.000 8.37912  ? 208 LYS A O   1 
ATOM 1004 C CB  . LYS A 1 137 ? 5.64067   0.05872   6.74793   1.000 8.37912  ? 208 LYS A CB  1 
ATOM 1005 C CG  . LYS A 1 137 ? 5.65402   1.50362   6.26876   1.000 8.37912  ? 208 LYS A CG  1 
ATOM 1006 C CD  . LYS A 1 137 ? 4.69960   1.72847   5.11114   1.000 8.37912  ? 208 LYS A CD  1 
ATOM 1007 C CE  . LYS A 1 137 ? 4.86620   3.12185   4.52619   1.000 8.37912  ? 208 LYS A CE  1 
ATOM 1008 N NZ  . LYS A 1 137 ? 4.65305   4.18421   5.54879   1.000 8.37912  ? 208 LYS A NZ  1 
ATOM 1009 N N   . GLY A 1 138 ? 3.28931   -2.22594  6.70904   1.000 6.65992  ? 209 GLY A N   1 
ATOM 1010 C CA  . GLY A 1 138 ? 2.19607   -2.85207  5.98491   1.000 6.65992  ? 209 GLY A CA  1 
ATOM 1011 C C   . GLY A 1 138 ? 0.86419   -2.71737  6.69868   1.000 6.65992  ? 209 GLY A C   1 
ATOM 1012 O O   . GLY A 1 138 ? -0.16872  -2.49390  6.06455   1.000 6.65992  ? 209 GLY A O   1 
ATOM 1013 N N   . ALA A 1 139 ? 0.86884   -2.85524  8.02718   1.000 7.39214  ? 210 ALA A N   1 
ATOM 1014 C CA  . ALA A 1 139 ? -0.35725  -2.66507  8.79568   1.000 7.39214  ? 210 ALA A CA  1 
ATOM 1015 C C   . ALA A 1 139 ? -0.86667  -1.23401  8.67656   1.000 7.39214  ? 210 ALA A C   1 
ATOM 1016 O O   . ALA A 1 139 ? -2.07116  -1.00225  8.50024   1.000 7.39214  ? 210 ALA A O   1 
ATOM 1017 C CB  . ALA A 1 139 ? -0.11378  -3.02715  10.26078  1.000 7.39214  ? 210 ALA A CB  1 
ATOM 1018 N N   . GLU A 1 140 ? 0.04064   -0.25972  8.76952   1.000 8.80893  ? 211 GLU A N   1 
ATOM 1019 C CA  . GLU A 1 140 ? -0.34685  1.13621   8.60912   1.000 8.80893  ? 211 GLU A CA  1 
ATOM 1020 C C   . GLU A 1 140 ? -0.87841  1.39673   7.20632   1.000 8.80893  ? 211 GLU A C   1 
ATOM 1021 O O   . GLU A 1 140 ? -1.84721  2.14250   7.03089   1.000 8.80893  ? 211 GLU A O   1 
ATOM 1022 C CB  . GLU A 1 140 ? 0.84285   2.04628   8.91312   1.000 8.80893  ? 211 GLU A CB  1 
ATOM 1023 C CG  . GLU A 1 140 ? 1.44525   1.82648   10.29147  1.000 8.80893  ? 211 GLU A CG  1 
ATOM 1024 C CD  . GLU A 1 140 ? 2.75062   2.57200   10.48600  1.000 8.80893  ? 211 GLU A CD  1 
ATOM 1025 O OE1 . GLU A 1 140 ? 3.19230   3.25683   9.54050   1.000 8.80893  ? 211 GLU A OE1 1 
ATOM 1026 O OE2 . GLU A 1 140 ? 3.33584   2.47101   11.58516  1.000 8.80893  ? 211 GLU A OE2 1 
ATOM 1027 N N   . ALA A 1 141 ? -0.25563  0.78779   6.19531   1.000 7.23179  ? 212 ALA A N   1 
ATOM 1028 C CA  . ALA A 1 141 ? -0.72965  0.94927   4.82469   1.000 7.23179  ? 212 ALA A CA  1 
ATOM 1029 C C   . ALA A 1 141 ? -2.11907  0.35317   4.64693   1.000 7.23179  ? 212 ALA A C   1 
ATOM 1030 O O   . ALA A 1 141 ? -2.96219  0.92985   3.95490   1.000 7.23179  ? 212 ALA A O   1 
ATOM 1031 C CB  . ALA A 1 141 ? 0.25865   0.31143   3.84965   1.000 7.23179  ? 212 ALA A CB  1 
ATOM 1032 N N   . ALA A 1 142 ? -2.37501  -0.80712  5.25614   1.000 7.14666  ? 213 ALA A N   1 
ATOM 1033 C CA  . ALA A 1 142 ? -3.70045  -1.41471  5.16811   1.000 7.14666  ? 213 ALA A CA  1 
ATOM 1034 C C   . ALA A 1 142 ? -4.75298  -0.55369  5.85799   1.000 7.14666  ? 213 ALA A C   1 
ATOM 1035 O O   . ALA A 1 142 ? -5.86171  -0.37871  5.33368   1.000 7.14666  ? 213 ALA A O   1 
ATOM 1036 C CB  . ALA A 1 142 ? -3.67718  -2.81953  5.76941   1.000 7.14666  ? 213 ALA A CB  1 
ATOM 1037 N N   . LEU A 1 143 ? -4.42791  -0.01028  7.03475   1.000 7.94352  ? 214 LEU A N   1 
ATOM 1038 C CA  . LEU A 1 143 ? -5.36267  0.88490   7.71330   1.000 7.94352  ? 214 LEU A CA  1 
ATOM 1039 C C   . LEU A 1 143 ? -5.62623  2.13578   6.88355   1.000 7.94352  ? 214 LEU A C   1 
ATOM 1040 O O   . LEU A 1 143 ? -6.77312  2.59304   6.77721   1.000 7.94352  ? 214 LEU A O   1 
ATOM 1041 C CB  . LEU A 1 143 ? -4.82787  1.26053   9.09370   1.000 7.94352  ? 214 LEU A CB  1 
ATOM 1042 C CG  . LEU A 1 143 ? -5.34582  0.41484   10.25662  1.000 7.94352  ? 214 LEU A CG  1 
ATOM 1043 C CD1 . LEU A 1 143 ? -4.72029  0.86375   11.56557  1.000 7.94352  ? 214 LEU A CD1 1 
ATOM 1044 C CD2 . LEU A 1 143 ? -6.86171  0.49986   10.32737  1.000 7.94352  ? 214 LEU A CD2 1 
ATOM 1045 N N   . THR A 1 144 ? -4.57349  2.70122   6.28860   1.000 8.20262  ? 215 THR A N   1 
ATOM 1046 C CA  . THR A 1 144 ? -4.73672  3.85975   5.41974   1.000 8.20262  ? 215 THR A CA  1 
ATOM 1047 C C   . THR A 1 144 ? -5.61425  3.52602   4.22213   1.000 8.20262  ? 215 THR A C   1 
ATOM 1048 O O   . THR A 1 144 ? -6.45924  4.33051   3.82330   1.000 8.20262  ? 215 THR A O   1 
ATOM 1049 C CB  . THR A 1 144 ? -3.36646  4.36266   4.96179   1.000 8.20262  ? 215 THR A CB  1 
ATOM 1050 O OG1 . THR A 1 144 ? -2.61068  4.79813   6.09911   1.000 8.20262  ? 215 THR A OG1 1 
ATOM 1051 C CG2 . THR A 1 144 ? -3.51153  5.51466   3.98218   1.000 8.20262  ? 215 THR A CG2 1 
ATOM 1052 N N   . ALA A 1 145 ? -5.42684  2.34080   3.63902   1.000 9.08817  ? 216 ALA A N   1 
ATOM 1053 C CA  . ALA A 1 145 ? -6.24503  1.93020   2.50372   1.000 9.08817  ? 216 ALA A CA  1 
ATOM 1054 C C   . ALA A 1 145 ? -7.70818  1.80049   2.89670   1.000 9.08817  ? 216 ALA A C   1 
ATOM 1055 O O   . ALA A 1 145 ? -8.59629  2.23740   2.15654   1.000 9.08817  ? 216 ALA A O   1 
ATOM 1056 C CB  . ALA A 1 145 ? -5.72607  0.61125   1.93348   1.000 9.08817  ? 216 ALA A CB  1 
ATOM 1057 N N   . ILE A 1 146 ? -7.97915  1.20538   4.05916   1.000 10.67316 ? 217 ILE A N   1 
ATOM 1058 C CA  . ILE A 1 146 ? -9.36089  1.07036   4.51630   1.000 10.67316 ? 217 ILE A CA  1 
ATOM 1059 C C   . ILE A 1 146 ? -9.98680  2.44420   4.72293   1.000 10.67316 ? 217 ILE A C   1 
ATOM 1060 O O   . ILE A 1 146 ? -11.11185 2.71182   4.27945   1.000 10.67316 ? 217 ILE A O   1 
ATOM 1061 C CB  . ILE A 1 146 ? -9.42446  0.22171   5.79889   1.000 10.67316 ? 217 ILE A CB  1 
ATOM 1062 C CG1 . ILE A 1 146 ? -9.00699  -1.21829  5.50398   1.000 10.67316 ? 217 ILE A CG1 1 
ATOM 1063 C CG2 . ILE A 1 146 ? -10.81926 0.25961   6.39612   1.000 10.67316 ? 217 ILE A CG2 1 
ATOM 1064 C CD1 . ILE A 1 146 ? -9.01388  -2.11392  6.71943   1.000 10.67316 ? 217 ILE A CD1 1 
ATOM 1065 N N   . GLU A 1 147 ? -9.25687  3.34248   5.39133   1.000 14.35637 ? 218 GLU A N   1 
ATOM 1066 C CA  . GLU A 1 147 ? -9.78557  4.67886   5.65478   1.000 14.35637 ? 218 GLU A CA  1 
ATOM 1067 C C   . GLU A 1 147 ? -10.03306 5.44295   4.35906   1.000 14.35637 ? 218 GLU A C   1 
ATOM 1068 O O   . GLU A 1 147 ? -11.06605 6.10539   4.20878   1.000 14.35637 ? 218 GLU A O   1 
ATOM 1069 C CB  . GLU A 1 147 ? -8.82583  5.44762   6.56674   1.000 14.35637 ? 218 GLU A CB  1 
ATOM 1070 C CG  . GLU A 1 147 ? -9.43921  6.65238   7.26610   1.000 14.35637 ? 218 GLU A CG  1 
ATOM 1071 C CD  . GLU A 1 147 ? -9.31060  7.93647   6.46759   1.000 14.35637 ? 218 GLU A CD  1 
ATOM 1072 O OE1 . GLU A 1 147 ? -8.66962  7.91296   5.39691   1.000 14.35637 ? 218 GLU A OE1 1 
ATOM 1073 O OE2 . GLU A 1 147 ? -9.84746  8.97169   6.91600   1.000 14.35637 ? 218 GLU A OE2 1 
ATOM 1074 N N   . MET A 1 148 ? -9.10043  5.35476   3.40683   1.000 12.92993 ? 219 MET A N   1 
ATOM 1075 C CA  . MET A 1 148 ? -9.25486  6.07170   2.14437   1.000 12.92993 ? 219 MET A CA  1 
ATOM 1076 C C   . MET A 1 148 ? -10.40019 5.50478   1.31763   1.000 12.92993 ? 219 MET A C   1 
ATOM 1077 O O   . MET A 1 148 ? -11.14599 6.26229   0.68674   1.000 12.92993 ? 219 MET A O   1 
ATOM 1078 C CB  . MET A 1 148 ? -7.94827  6.02772   1.35270   1.000 12.92993 ? 219 MET A CB  1 
ATOM 1079 C CG  . MET A 1 148 ? -6.81197  6.81421   1.98478   1.000 12.92993 ? 219 MET A CG  1 
ATOM 1080 S SD  . MET A 1 148 ? -7.12391  8.58636   2.02307   1.000 12.92993 ? 219 MET A SD  1 
ATOM 1081 C CE  . MET A 1 148 ? -7.07867  8.95788   0.27403   1.000 12.92993 ? 219 MET A CE  1 
ATOM 1082 N N   . ALA A 1 149 ? -10.55618 4.17823   1.30007   1.000 13.44552 ? 220 ALA A N   1 
ATOM 1083 C CA  . ALA A 1 149 ? -11.67538 3.57982   0.58287   1.000 13.44552 ? 220 ALA A CA  1 
ATOM 1084 C C   . ALA A 1 149 ? -13.00419 4.00695   1.19035   1.000 13.44552 ? 220 ALA A C   1 
ATOM 1085 O O   . ALA A 1 149 ? -13.94922 4.33703   0.46375   1.000 13.44552 ? 220 ALA A O   1 
ATOM 1086 C CB  . ALA A 1 149 ? -11.54736 2.05734   0.58204   1.000 13.44552 ? 220 ALA A CB  1 
ATOM 1087 N N   . SER A 1 150 ? -13.09389 4.01477   2.52378   1.000 16.61345 ? 221 SER A N   1 
ATOM 1088 C CA  . SER A 1 150 ? -14.31950 4.46888   3.17272   1.000 16.61345 ? 221 SER A CA  1 
ATOM 1089 C C   . SER A 1 150 ? -14.59739 5.93321   2.86041   1.000 16.61345 ? 221 SER A C   1 
ATOM 1090 O O   . SER A 1 150 ? -15.74304 6.31327   2.59716   1.000 16.61345 ? 221 SER A O   1 
ATOM 1091 C CB  . SER A 1 150 ? -14.22873 4.25222   4.68144   1.000 16.61345 ? 221 SER A CB  1 
ATOM 1092 O OG  . SER A 1 150 ? -14.07509 2.87851   4.99321   1.000 16.61345 ? 221 SER A OG  1 
ATOM 1093 N N   . LEU A 1 151 ? -13.55698 6.77019   2.88099   1.000 17.39988 ? 222 LEU A N   1 
ATOM 1094 C CA  . LEU A 1 151 ? -13.73362 8.18609   2.57595   1.000 17.39988 ? 222 LEU A CA  1 
ATOM 1095 C C   . LEU A 1 151 ? -14.20778 8.39231   1.14268   1.000 17.39988 ? 222 LEU A C   1 
ATOM 1096 O O   . LEU A 1 151 ? -15.08432 9.22415   0.88335   1.000 17.39988 ? 222 LEU A O   1 
ATOM 1097 C CB  . LEU A 1 151 ? -12.42320 8.93380   2.81896   1.000 17.39988 ? 222 LEU A CB  1 
ATOM 1098 C CG  . LEU A 1 151 ? -12.43067 10.45062  2.62661   1.000 17.39988 ? 222 LEU A CG  1 
ATOM 1099 C CD1 . LEU A 1 151 ? -13.24263 11.12672  3.71855   1.000 17.39988 ? 222 LEU A CD1 1 
ATOM 1100 C CD2 . LEU A 1 151 ? -11.00795 10.98765  2.59628   1.000 17.39988 ? 222 LEU A CD2 1 
ATOM 1101 N N   . PHE A 1 152 ? -13.63677 7.64268   0.19789   1.000 17.30997 ? 223 PHE A N   1 
ATOM 1102 C CA  . PHE A 1 152 ? -13.98202 7.82698   -1.20730  1.000 17.30997 ? 223 PHE A CA  1 
ATOM 1103 C C   . PHE A 1 152 ? -15.35394 7.25490   -1.54120  1.000 17.30997 ? 223 PHE A C   1 
ATOM 1104 O O   . PHE A 1 152 ? -16.03677 7.77592   -2.42970  1.000 17.30997 ? 223 PHE A O   1 
ATOM 1105 C CB  . PHE A 1 152 ? -12.91355 7.19089   -2.09549  1.000 17.30997 ? 223 PHE A CB  1 
ATOM 1106 C CG  . PHE A 1 152 ? -11.74818 8.09453   -2.38783  1.000 17.30997 ? 223 PHE A CG  1 
ATOM 1107 C CD1 . PHE A 1 152 ? -11.01305 8.65642   -1.35822  1.000 17.30997 ? 223 PHE A CD1 1 
ATOM 1108 C CD2 . PHE A 1 152 ? -11.38244 8.37079   -3.69420  1.000 17.30997 ? 223 PHE A CD2 1 
ATOM 1109 C CE1 . PHE A 1 152 ? -9.94284  9.48611   -1.62813  1.000 17.30997 ? 223 PHE A CE1 1 
ATOM 1110 C CE2 . PHE A 1 152 ? -10.31199 9.19795   -3.96926  1.000 17.30997 ? 223 PHE A CE2 1 
ATOM 1111 C CZ  . PHE A 1 152 ? -9.59170  9.75526   -2.93476  1.000 17.30997 ? 223 PHE A CZ  1 
ATOM 1112 N N   . GLU A 1 153 ? -15.78045 6.19689   -0.85045  1.000 22.99902 ? 224 GLU A N   1 
ATOM 1113 C CA  . GLU A 1 153 ? -17.04500 5.55381   -1.17985  1.000 22.99902 ? 224 GLU A CA  1 
ATOM 1114 C C   . GLU A 1 153 ? -18.22155 6.03847   -0.34545  1.000 22.99902 ? 224 GLU A C   1 
ATOM 1115 O O   . GLU A 1 153 ? -19.36934 5.82492   -0.75055  1.000 22.99902 ? 224 GLU A O   1 
ATOM 1116 C CB  . GLU A 1 153 ? -16.92104 4.03293   -1.02725  1.000 22.99902 ? 224 GLU A CB  1 
ATOM 1117 C CG  . GLU A 1 153 ? -16.06276 3.37579   -2.09381  1.000 22.99902 ? 224 GLU A CG  1 
ATOM 1118 C CD  . GLU A 1 153 ? -16.68556 3.45377   -3.47564  1.000 22.99902 ? 224 GLU A CD  1 
ATOM 1119 O OE1 . GLU A 1 153 ? -17.92913 3.52182   -3.56857  1.000 22.99902 ? 224 GLU A OE1 1 
ATOM 1120 O OE2 . GLU A 1 153 ? -15.92899 3.45022   -4.47033  1.000 22.99902 ? 224 GLU A OE2 1 
ATOM 1121 N N   . HIS A 1 154 ? -17.97934 6.68211   0.79664   1.000 24.20762 ? 225 HIS A N   1 
ATOM 1122 C CA  . HIS A 1 154 ? -19.06036 7.08086   1.68449   1.000 24.20762 ? 225 HIS A CA  1 
ATOM 1123 C C   . HIS A 1 154 ? -19.10442 8.56961   1.99300   1.000 24.20762 ? 225 HIS A C   1 
ATOM 1124 O O   . HIS A 1 154 ? -20.11794 9.03361   2.52660   1.000 24.20762 ? 225 HIS A O   1 
ATOM 1125 C CB  . HIS A 1 154 ? -18.97385 6.30794   3.01052   1.000 24.20762 ? 225 HIS A CB  1 
ATOM 1126 C CG  . HIS A 1 154 ? -18.93025 4.82070   2.84051   1.000 24.20762 ? 225 HIS A CG  1 
ATOM 1127 N ND1 . HIS A 1 154 ? -18.25470 3.99232   3.71117   1.000 24.20762 ? 225 HIS A ND1 1 
ATOM 1128 C CD2 . HIS A 1 154 ? -19.48198 4.01332   1.90441   1.000 24.20762 ? 225 HIS A CD2 1 
ATOM 1129 C CE1 . HIS A 1 154 ? -18.38960 2.73913   3.31619   1.000 24.20762 ? 225 HIS A CE1 1 
ATOM 1130 N NE2 . HIS A 1 154 ? -19.12997 2.72412   2.22194   1.000 24.20762 ? 225 HIS A NE2 1 
ATOM 1131 N N   . HIS A 1 155 ? -18.05548 9.33091   1.68203   1.000 23.57809 ? 226 HIS A N   1 
ATOM 1132 C CA  . HIS A 1 155 ? -18.01854 10.75139  2.00900   1.000 23.57809 ? 226 HIS A CA  1 
ATOM 1133 C C   . HIS A 1 155 ? -17.60216 11.65386  0.85876   1.000 23.57809 ? 226 HIS A C   1 
ATOM 1134 O O   . HIS A 1 155 ? -17.93084 12.84578  0.89381   1.000 23.57809 ? 226 HIS A O   1 
ATOM 1135 C CB  . HIS A 1 155 ? -17.07409 11.00416  3.19416   1.000 23.57809 ? 226 HIS A CB  1 
ATOM 1136 C CG  . HIS A 1 155 ? -17.38980 10.18268  4.40401   1.000 23.57809 ? 226 HIS A CG  1 
ATOM 1137 N ND1 . HIS A 1 155 ? -17.02225 8.85935   4.52035   1.000 23.57809 ? 226 HIS A ND1 1 
ATOM 1138 C CD2 . HIS A 1 155 ? -18.04288 10.49399  5.54732   1.000 23.57809 ? 226 HIS A CD2 1 
ATOM 1139 C CE1 . HIS A 1 155 ? -17.43231 8.39196   5.68604   1.000 23.57809 ? 226 HIS A CE1 1 
ATOM 1140 N NE2 . HIS A 1 155 ? -18.05512 9.36406   6.32832   1.000 23.57809 ? 226 HIS A NE2 1 
ATOM 1141 N N   . LEU A 1 156 ? -16.89828 11.14315  -0.15000  1.000 25.03789 ? 227 LEU A N   1 
ATOM 1142 C CA  . LEU A 1 156 ? -16.43401 11.97922  -1.25001  1.000 25.03789 ? 227 LEU A CA  1 
ATOM 1143 C C   . LEU A 1 156 ? -17.07270 11.55875  -2.56677  1.000 25.03789 ? 227 LEU A C   1 
ATOM 1144 O O   . LEU A 1 156 ? -16.39831 11.49956  -3.59951  1.000 25.03789 ? 227 LEU A O   1 
ATOM 1145 C CB  . LEU A 1 156 ? -14.90860 11.92420  -1.36114  1.000 25.03789 ? 227 LEU A CB  1 
ATOM 1146 C CG  . LEU A 1 156 ? -14.10756 13.03361  -0.67257  1.000 25.03789 ? 227 LEU A CG  1 
ATOM 1147 C CD1 . LEU A 1 156 ? -14.41534 13.09757  0.81350   1.000 25.03789 ? 227 LEU A CD1 1 
ATOM 1148 C CD2 . LEU A 1 156 ? -12.61668 12.83461  -0.90348  1.000 25.03789 ? 227 LEU A CD2 1 
ATOM 1149 N N   . GLN A 1 157 ? -18.36874 11.26560  -2.54233  1.000 30.76407 ? 228 GLN A N   1 
ATOM 1150 C CA  . GLN A 1 157 ? -19.08588 10.86627  -3.74679  1.000 30.76407 ? 228 GLN A CA  1 
ATOM 1151 C C   . GLN A 1 157 ? -20.38978 11.64492  -3.90615  1.000 30.76407 ? 228 GLN A C   1 
ATOM 1152 O O   . GLN A 1 157 ? -20.97237 11.69071  -4.98887  1.000 30.76407 ? 228 GLN A O   1 
ATOM 1153 C CB  . GLN A 1 157 ? -19.36639 9.36109   -3.72680  1.000 30.76407 ? 228 GLN A CB  1 
ATOM 1154 C CG  . GLN A 1 157 ? -19.62077 8.78695   -2.33950  1.000 30.76407 ? 228 GLN A CG  1 
ATOM 1155 C CD  . GLN A 1 157 ? -20.86571 9.35417   -1.68522  1.000 30.76407 ? 228 GLN A CD  1 
ATOM 1156 O OE1 . GLN A 1 157 ? -20.78173 10.20722  -0.80147  1.000 30.76407 ? 228 GLN A OE1 1 
ATOM 1157 N NE2 . GLN A 1 157 ? -22.02905 8.87973   -2.11492  1.000 30.76407 ? 228 GLN A NE2 1 
ATOM 1158 O OXT . GLN A 1 157 ? -20.89003 12.24684  -2.95510  1.000 30.76407 ? 228 GLN A OXT 1 
# 
